data_2IGA
#
_entry.id   2IGA
#
_cell.length_a   110.678
_cell.length_b   153.022
_cell.length_c   96.389
_cell.angle_alpha   90.00
_cell.angle_beta   90.00
_cell.angle_gamma   90.00
#
_symmetry.space_group_name_H-M   'P 21 21 2'
#
loop_
_entity.id
_entity.type
_entity.pdbx_description
1 polymer 'Homoprotocatechuate 2,3-dioxygenase'
2 non-polymer 'FE (II) ION'
3 non-polymer 'CHLORIDE ION'
4 non-polymer '2-KETO,5-NITRO,6-HYDROXY-3,5-HEXADIENOIC ACID'
5 non-polymer GLYCEROL
6 non-polymer 'CALCIUM ION'
7 non-polymer (1S)-1-HYDROPEROXY-1-HYDROXY-2-KETO-5-NITROCYCLOHEXA-3,5-DIENE
8 non-polymer '1-KETO,2-HYDROXY,4-NITROBENZENE, 1 ELECTRON OXIDIZED'
9 non-polymer 'OXYGEN MOLECULE'
10 water water
#
_entity_poly.entity_id   1
_entity_poly.type   'polypeptide(L)'
_entity_poly.pdbx_seq_one_letter_code
;MSNEIPKPVAPAPDILRCAYAELVVTDLAKSRNFYVDVLGLHVSYEDENQIYLRSFEEFIHHNLVLTKGPVAALKAMAFR
VRTPEDVDKAEAYYQELGCRTERRKDGFVKGIGDALRVEDPLGFPYEFFFETTHVERLHMRYDLYSAGELVRLDHFNQVT
PDVPRGRKYLEDLGFRVTEDIQDDEGTTYAAWMHRKGTVHDTALTGGNGPRLHHVAFSTHEKHNIIQICDKMGALRISDR
IERGPGRHGVSNAFYLYILDPDNHRIEIYTQDYYTGDPDNPTITWNVHDNQRRDWWGNPVVPSWYTEASKVLDLDGNVQE
IIERTDDSELEVTIGADGFSFTRAGDEDGSYHGQASKGFKLGNQL
;
_entity_poly.pdbx_strand_id   A,B,C,D
#
loop_
_chem_comp.id
_chem_comp.type
_chem_comp.name
_chem_comp.formula
CA non-polymer 'CALCIUM ION' 'Ca 2'
CL non-polymer 'CHLORIDE ION' 'Cl -1'
FE2 non-polymer 'FE (II) ION' 'Fe 2'
GOL non-polymer GLYCEROL 'C3 H8 O3'
OXY non-polymer 'OXYGEN MOLECULE' O2
XX2 non-polymer '1-KETO,2-HYDROXY,4-NITROBENZENE, 1 ELECTRON OXIDIZED' 'C6 H4 N O4'
XX3 non-polymer (1S)-1-HYDROPEROXY-1-HYDROXY-2-KETO-5-NITROCYCLOHEXA-3,5-DIENE 'C6 H5 N O6'
XXP non-polymer '2-KETO,5-NITRO,6-HYDROXY-3,5-HEXADIENOIC ACID' 'C6 H5 N O6'
#
# COMPACT_ATOMS: atom_id res chain seq x y z
N GLU A 4 4.18 -35.06 -32.40
CA GLU A 4 3.98 -33.66 -32.90
C GLU A 4 2.55 -33.46 -33.31
N ILE A 5 1.90 -32.43 -32.77
CA ILE A 5 0.53 -32.09 -33.18
C ILE A 5 0.61 -31.21 -34.42
N PRO A 6 0.01 -31.67 -35.54
CA PRO A 6 0.13 -30.94 -36.82
C PRO A 6 -0.53 -29.55 -36.74
N LYS A 7 -0.01 -28.61 -37.53
CA LYS A 7 -0.68 -27.32 -37.76
C LYS A 7 -1.79 -27.42 -38.84
N PRO A 8 -3.07 -27.21 -38.41
CA PRO A 8 -4.21 -27.24 -39.31
C PRO A 8 -4.10 -26.27 -40.47
N VAL A 9 -4.67 -26.66 -41.60
CA VAL A 9 -4.87 -25.73 -42.69
C VAL A 9 -5.90 -24.66 -42.30
N ALA A 10 -6.99 -25.06 -41.66
CA ALA A 10 -8.00 -24.11 -41.14
C ALA A 10 -7.41 -23.06 -40.15
N PRO A 11 -7.77 -21.77 -40.31
CA PRO A 11 -7.33 -20.72 -39.39
C PRO A 11 -7.76 -20.92 -37.89
N ALA A 12 -6.84 -20.61 -36.97
CA ALA A 12 -7.14 -20.62 -35.54
C ALA A 12 -8.29 -19.66 -35.22
N PRO A 13 -9.09 -19.96 -34.19
CA PRO A 13 -10.00 -18.87 -33.77
C PRO A 13 -9.22 -17.72 -33.08
N ASP A 14 -9.63 -16.47 -33.32
CA ASP A 14 -9.06 -15.33 -32.60
C ASP A 14 -9.46 -15.32 -31.11
N ILE A 15 -8.58 -15.81 -30.25
CA ILE A 15 -8.89 -15.84 -28.83
C ILE A 15 -8.57 -14.48 -28.13
N LEU A 16 -9.52 -13.99 -27.33
CA LEU A 16 -9.30 -12.72 -26.60
C LEU A 16 -8.51 -12.88 -25.29
N ARG A 17 -8.86 -13.88 -24.47
CA ARG A 17 -8.38 -14.03 -23.08
C ARG A 17 -9.06 -15.26 -22.48
N CYS A 18 -8.52 -15.76 -21.36
CA CYS A 18 -9.27 -16.62 -20.45
C CYS A 18 -10.42 -15.84 -19.83
N ALA A 19 -11.54 -16.53 -19.61
CA ALA A 19 -12.81 -15.85 -19.32
C ALA A 19 -13.50 -16.42 -18.10
N TYR A 20 -13.58 -17.74 -18.02
CA TYR A 20 -14.14 -18.44 -16.86
C TYR A 20 -13.69 -19.87 -16.74
N ALA A 21 -13.69 -20.44 -15.53
CA ALA A 21 -13.59 -21.90 -15.41
C ALA A 21 -14.84 -22.51 -14.81
N GLU A 22 -15.16 -23.76 -15.20
CA GLU A 22 -16.19 -24.56 -14.50
C GLU A 22 -15.56 -25.67 -13.66
N LEU A 23 -15.73 -25.57 -12.35
CA LEU A 23 -15.15 -26.58 -11.47
C LEU A 23 -16.30 -27.41 -10.91
N VAL A 24 -16.15 -28.74 -10.92
CA VAL A 24 -17.05 -29.61 -10.18
C VAL A 24 -16.64 -29.70 -8.70
N VAL A 25 -17.59 -29.52 -7.80
CA VAL A 25 -17.31 -29.56 -6.36
C VAL A 25 -18.25 -30.53 -5.69
N THR A 26 -17.86 -31.04 -4.54
CA THR A 26 -18.64 -32.15 -3.92
C THR A 26 -19.65 -31.70 -2.86
N ASP A 27 -19.38 -30.61 -2.16
CA ASP A 27 -20.32 -30.03 -1.23
C ASP A 27 -20.47 -28.55 -1.61
N LEU A 28 -21.62 -28.22 -2.18
CA LEU A 28 -21.80 -26.89 -2.75
C LEU A 28 -21.84 -25.79 -1.69
N ALA A 29 -22.37 -26.10 -0.50
CA ALA A 29 -22.44 -25.11 0.63
C ALA A 29 -21.06 -24.74 1.12
N LYS A 30 -20.23 -25.78 1.24
CA LYS A 30 -18.88 -25.69 1.78
C LYS A 30 -18.00 -24.89 0.82
N SER A 31 -18.16 -25.15 -0.48
CA SER A 31 -17.50 -24.35 -1.48
C SER A 31 -18.01 -22.89 -1.46
N ARG A 32 -19.33 -22.68 -1.32
CA ARG A 32 -19.88 -21.30 -1.29
C ARG A 32 -19.20 -20.46 -0.19
N ASN A 33 -19.11 -21.05 1.00
CA ASN A 33 -18.43 -20.43 2.13
CA ASN A 33 -18.37 -20.59 2.17
C ASN A 33 -17.01 -19.96 1.82
N PHE A 34 -16.24 -20.78 1.10
CA PHE A 34 -14.86 -20.47 0.71
C PHE A 34 -14.82 -19.36 -0.33
N TYR A 35 -15.46 -19.56 -1.49
CA TYR A 35 -15.36 -18.58 -2.60
C TYR A 35 -16.10 -17.25 -2.33
N VAL A 36 -17.24 -17.33 -1.65
CA VAL A 36 -18.01 -16.13 -1.33
C VAL A 36 -17.64 -15.54 0.04
N ASP A 37 -17.76 -16.31 1.11
CA ASP A 37 -17.53 -15.79 2.46
C ASP A 37 -16.06 -15.44 2.75
N VAL A 38 -15.14 -16.33 2.40
CA VAL A 38 -13.75 -16.10 2.67
C VAL A 38 -13.20 -15.16 1.63
N LEU A 39 -13.47 -15.43 0.35
CA LEU A 39 -12.76 -14.72 -0.73
C LEU A 39 -13.49 -13.50 -1.26
N GLY A 40 -14.81 -13.44 -1.05
CA GLY A 40 -15.59 -12.26 -1.44
C GLY A 40 -15.96 -12.20 -2.90
N LEU A 41 -15.95 -13.34 -3.60
CA LEU A 41 -16.43 -13.37 -4.99
C LEU A 41 -17.92 -12.97 -5.04
N HIS A 42 -18.35 -12.36 -6.14
CA HIS A 42 -19.70 -11.83 -6.19
C HIS A 42 -20.60 -12.79 -6.94
N VAL A 43 -21.75 -13.08 -6.38
CA VAL A 43 -22.65 -14.10 -6.95
C VAL A 43 -23.48 -13.52 -8.10
N SER A 44 -23.31 -14.04 -9.30
CA SER A 44 -24.12 -13.60 -10.45
C SER A 44 -25.45 -14.31 -10.51
N TYR A 45 -25.42 -15.59 -10.12
CA TYR A 45 -26.60 -16.47 -10.10
C TYR A 45 -26.29 -17.63 -9.19
N GLU A 46 -27.28 -18.15 -8.47
CA GLU A 46 -27.13 -19.44 -7.78
C GLU A 46 -28.44 -20.21 -7.61
N ASP A 47 -28.30 -21.53 -7.51
CA ASP A 47 -29.38 -22.38 -7.06
C ASP A 47 -28.77 -23.51 -6.18
N GLU A 48 -29.48 -24.63 -6.14
CA GLU A 48 -29.13 -25.84 -5.42
CA GLU A 48 -29.03 -25.77 -5.35
C GLU A 48 -27.96 -26.59 -6.06
N ASN A 49 -27.76 -26.38 -7.36
CA ASN A 49 -26.79 -27.17 -8.11
C ASN A 49 -25.53 -26.43 -8.54
N GLN A 50 -25.63 -25.10 -8.64
CA GLN A 50 -24.61 -24.29 -9.29
C GLN A 50 -24.53 -22.93 -8.61
N ILE A 51 -23.29 -22.41 -8.50
CA ILE A 51 -23.00 -21.02 -8.08
C ILE A 51 -22.15 -20.35 -9.17
N TYR A 52 -22.59 -19.17 -9.61
CA TYR A 52 -21.93 -18.46 -10.67
C TYR A 52 -21.34 -17.20 -10.03
N LEU A 53 -20.01 -17.03 -10.13
CA LEU A 53 -19.27 -15.91 -9.46
C LEU A 53 -18.48 -15.08 -10.43
N ARG A 54 -18.43 -13.75 -10.17
CA ARG A 54 -17.58 -12.87 -10.92
C ARG A 54 -16.67 -12.02 -10.02
N SER A 55 -15.59 -11.55 -10.63
CA SER A 55 -14.65 -10.70 -9.93
C SER A 55 -15.20 -9.25 -9.96
N PHE A 56 -14.53 -8.39 -9.21
CA PHE A 56 -14.95 -7.01 -9.00
C PHE A 56 -15.04 -6.17 -10.32
N GLU A 57 -14.14 -6.40 -11.28
CA GLU A 57 -14.12 -5.60 -12.49
C GLU A 57 -14.79 -6.22 -13.70
N GLU A 58 -15.40 -7.39 -13.51
CA GLU A 58 -15.93 -8.16 -14.62
C GLU A 58 -17.30 -7.64 -15.09
N PHE A 59 -17.49 -7.53 -16.41
CA PHE A 59 -18.80 -7.27 -17.03
C PHE A 59 -19.46 -8.49 -17.70
N ILE A 60 -18.71 -9.51 -18.10
CA ILE A 60 -19.36 -10.79 -18.55
C ILE A 60 -20.02 -11.53 -17.39
N HIS A 61 -20.88 -12.53 -17.70
CA HIS A 61 -21.76 -13.13 -16.67
C HIS A 61 -21.01 -13.63 -15.44
N HIS A 62 -19.83 -14.21 -15.63
CA HIS A 62 -19.15 -14.89 -14.53
C HIS A 62 -17.70 -15.29 -14.91
N ASN A 63 -16.87 -15.47 -13.89
CA ASN A 63 -15.49 -15.91 -14.12
C ASN A 63 -15.29 -17.30 -13.62
N LEU A 64 -16.27 -17.78 -12.85
CA LEU A 64 -16.14 -19.09 -12.19
C LEU A 64 -17.52 -19.69 -11.96
N VAL A 65 -17.71 -20.94 -12.36
CA VAL A 65 -18.92 -21.71 -12.09
C VAL A 65 -18.60 -22.89 -11.18
N LEU A 66 -19.27 -22.96 -10.05
CA LEU A 66 -19.11 -24.11 -9.16
C LEU A 66 -20.28 -25.02 -9.41
N THR A 67 -20.00 -26.25 -9.80
CA THR A 67 -21.05 -27.20 -10.21
C THR A 67 -21.03 -28.41 -9.28
N LYS A 68 -22.14 -28.67 -8.59
CA LYS A 68 -22.24 -29.85 -7.75
C LYS A 68 -22.11 -31.14 -8.59
N GLY A 69 -21.29 -32.03 -8.11
CA GLY A 69 -21.04 -33.33 -8.75
C GLY A 69 -20.36 -34.35 -7.83
N PRO A 70 -20.29 -35.63 -8.28
CA PRO A 70 -19.67 -36.72 -7.49
C PRO A 70 -18.15 -36.66 -7.36
N VAL A 71 -17.44 -36.29 -8.44
CA VAL A 71 -15.98 -36.28 -8.43
C VAL A 71 -15.47 -34.88 -8.71
N ALA A 72 -14.86 -34.27 -7.71
CA ALA A 72 -14.23 -32.93 -7.86
C ALA A 72 -13.26 -32.90 -9.09
N ALA A 73 -13.49 -31.97 -10.02
CA ALA A 73 -12.62 -31.92 -11.16
C ALA A 73 -12.86 -30.67 -11.91
N LEU A 74 -12.00 -30.42 -12.90
CA LEU A 74 -12.22 -29.36 -13.89
C LEU A 74 -13.19 -29.88 -14.95
N LYS A 75 -14.29 -29.18 -15.13
CA LYS A 75 -15.22 -29.51 -16.21
C LYS A 75 -14.93 -28.78 -17.52
N ALA A 76 -14.36 -27.58 -17.45
CA ALA A 76 -14.13 -26.81 -18.64
C ALA A 76 -13.31 -25.60 -18.26
N MET A 77 -12.35 -25.24 -19.11
CA MET A 77 -11.68 -23.97 -19.04
C MET A 77 -12.06 -23.18 -20.27
N ALA A 78 -12.74 -22.04 -20.07
CA ALA A 78 -13.28 -21.29 -21.21
C ALA A 78 -12.50 -20.07 -21.64
N PHE A 79 -12.36 -19.90 -22.94
CA PHE A 79 -11.74 -18.72 -23.50
C PHE A 79 -12.72 -17.96 -24.35
N ARG A 80 -12.79 -16.64 -24.18
CA ARG A 80 -13.70 -15.85 -25.00
C ARG A 80 -13.02 -15.54 -26.32
N VAL A 81 -13.83 -15.56 -27.40
CA VAL A 81 -13.33 -15.26 -28.76
C VAL A 81 -13.88 -13.93 -29.26
N ARG A 82 -13.29 -13.43 -30.34
CA ARG A 82 -13.50 -12.04 -30.70
C ARG A 82 -14.86 -11.84 -31.41
N THR A 83 -15.31 -12.83 -32.18
CA THR A 83 -16.59 -12.71 -32.90
C THR A 83 -17.41 -14.03 -32.89
N PRO A 84 -18.73 -13.97 -33.16
CA PRO A 84 -19.43 -15.24 -33.37
C PRO A 84 -18.75 -16.24 -34.35
N GLU A 85 -18.25 -15.75 -35.48
CA GLU A 85 -17.67 -16.65 -36.48
C GLU A 85 -16.36 -17.34 -36.03
N ASP A 86 -15.66 -16.76 -35.03
CA ASP A 86 -14.57 -17.47 -34.34
C ASP A 86 -15.00 -18.75 -33.60
N VAL A 87 -16.28 -18.88 -33.23
CA VAL A 87 -16.70 -20.17 -32.67
C VAL A 87 -16.78 -21.19 -33.80
N ASP A 88 -17.21 -20.74 -34.98
CA ASP A 88 -17.17 -21.59 -36.20
C ASP A 88 -15.74 -22.01 -36.56
N LYS A 89 -14.82 -21.04 -36.55
CA LYS A 89 -13.39 -21.28 -36.82
C LYS A 89 -12.83 -22.27 -35.83
N ALA A 90 -13.24 -22.14 -34.56
CA ALA A 90 -12.79 -23.05 -33.48
C ALA A 90 -13.19 -24.52 -33.76
N GLU A 91 -14.42 -24.69 -34.16
CA GLU A 91 -14.96 -26.03 -34.45
C GLU A 91 -14.24 -26.66 -35.65
N ALA A 92 -14.17 -25.91 -36.74
CA ALA A 92 -13.43 -26.34 -37.91
C ALA A 92 -11.97 -26.65 -37.56
N TYR A 93 -11.34 -25.79 -36.76
CA TYR A 93 -9.96 -26.05 -36.31
C TYR A 93 -9.78 -27.37 -35.54
N TYR A 94 -10.62 -27.63 -34.56
CA TYR A 94 -10.42 -28.85 -33.76
C TYR A 94 -10.79 -30.13 -34.49
N GLN A 95 -11.77 -30.01 -35.40
CA GLN A 95 -12.22 -31.13 -36.23
C GLN A 95 -11.08 -31.56 -37.12
N GLU A 96 -10.43 -30.58 -37.76
CA GLU A 96 -9.27 -30.89 -38.56
C GLU A 96 -8.19 -31.57 -37.73
N LEU A 97 -8.09 -31.19 -36.45
CA LEU A 97 -7.15 -31.81 -35.49
C LEU A 97 -7.55 -33.25 -35.08
N GLY A 98 -8.78 -33.67 -35.41
CA GLY A 98 -9.28 -35.00 -35.02
C GLY A 98 -9.78 -35.10 -33.58
N CYS A 99 -10.06 -33.95 -32.98
CA CYS A 99 -10.53 -33.87 -31.60
C CYS A 99 -12.04 -33.94 -31.56
N ARG A 100 -12.56 -34.54 -30.51
CA ARG A 100 -13.97 -34.50 -30.25
C ARG A 100 -14.48 -33.06 -30.00
N THR A 101 -15.67 -32.76 -30.51
CA THR A 101 -16.27 -31.46 -30.29
C THR A 101 -17.75 -31.64 -29.96
N GLU A 102 -18.27 -30.68 -29.19
CA GLU A 102 -19.70 -30.53 -28.97
C GLU A 102 -20.07 -29.05 -29.06
N ARG A 103 -21.06 -28.75 -29.88
CA ARG A 103 -21.52 -27.37 -30.06
C ARG A 103 -22.95 -27.23 -29.51
N ARG A 104 -23.17 -26.18 -28.72
CA ARG A 104 -24.49 -25.91 -28.17
C ARG A 104 -24.82 -24.45 -28.40
N LYS A 105 -25.83 -24.19 -29.22
CA LYS A 105 -26.21 -22.82 -29.60
C LYS A 105 -26.65 -21.94 -28.43
N ASP A 106 -27.11 -22.59 -27.36
CA ASP A 106 -27.64 -21.90 -26.17
C ASP A 106 -26.74 -22.09 -24.94
N GLY A 107 -25.54 -22.61 -25.20
CA GLY A 107 -24.50 -22.76 -24.20
C GLY A 107 -24.56 -23.99 -23.32
N PHE A 108 -23.49 -24.17 -22.54
CA PHE A 108 -23.37 -25.27 -21.60
C PHE A 108 -23.70 -24.84 -20.18
N VAL A 109 -23.45 -23.55 -19.85
CA VAL A 109 -23.82 -23.03 -18.51
C VAL A 109 -24.65 -21.73 -18.68
N LYS A 110 -25.34 -21.31 -17.64
CA LYS A 110 -26.13 -20.09 -17.77
C LYS A 110 -25.22 -18.87 -18.04
N GLY A 111 -25.69 -17.94 -18.85
CA GLY A 111 -24.97 -16.69 -19.07
C GLY A 111 -24.02 -16.75 -20.21
N ILE A 112 -23.88 -17.95 -20.77
CA ILE A 112 -23.12 -18.11 -22.01
C ILE A 112 -24.07 -18.49 -23.16
N GLY A 113 -23.84 -17.91 -24.35
CA GLY A 113 -24.55 -18.26 -25.58
C GLY A 113 -23.89 -19.36 -26.41
N ASP A 114 -23.95 -19.24 -27.74
CA ASP A 114 -23.37 -20.23 -28.68
C ASP A 114 -21.96 -20.56 -28.19
N ALA A 115 -21.72 -21.86 -27.89
CA ALA A 115 -20.49 -22.33 -27.25
C ALA A 115 -20.00 -23.63 -27.82
N LEU A 116 -18.68 -23.75 -27.97
CA LEU A 116 -18.02 -24.99 -28.44
CA LEU A 116 -18.01 -24.98 -28.45
C LEU A 116 -17.11 -25.52 -27.33
N ARG A 117 -17.31 -26.77 -26.97
CA ARG A 117 -16.42 -27.44 -26.01
C ARG A 117 -15.71 -28.56 -26.73
N VAL A 118 -14.43 -28.77 -26.37
CA VAL A 118 -13.60 -29.78 -27.06
C VAL A 118 -12.76 -30.60 -26.08
N GLU A 119 -12.36 -31.79 -26.50
CA GLU A 119 -11.36 -32.57 -25.76
C GLU A 119 -10.10 -32.32 -26.56
N ASP A 120 -9.21 -31.49 -26.01
CA ASP A 120 -8.13 -31.04 -26.87
C ASP A 120 -6.98 -32.07 -26.92
N PRO A 121 -5.97 -31.82 -27.80
CA PRO A 121 -4.90 -32.80 -28.01
C PRO A 121 -4.16 -33.20 -26.72
N LEU A 122 -4.30 -32.43 -25.64
CA LEU A 122 -3.63 -32.70 -24.36
C LEU A 122 -4.58 -33.30 -23.33
N GLY A 123 -5.82 -33.58 -23.74
CA GLY A 123 -6.82 -34.14 -22.84
C GLY A 123 -7.63 -33.12 -22.05
N PHE A 124 -7.51 -31.83 -22.40
CA PHE A 124 -8.22 -30.79 -21.63
C PHE A 124 -9.56 -30.36 -22.24
N PRO A 125 -10.55 -30.13 -21.39
CA PRO A 125 -11.80 -29.62 -21.86
C PRO A 125 -11.75 -28.13 -22.09
N TYR A 126 -11.47 -27.71 -23.32
CA TYR A 126 -11.55 -26.29 -23.70
C TYR A 126 -12.94 -25.82 -24.19
N GLU A 127 -13.40 -24.67 -23.68
CA GLU A 127 -14.57 -23.96 -24.27
C GLU A 127 -14.18 -22.67 -25.02
N PHE A 128 -14.88 -22.42 -26.11
CA PHE A 128 -14.76 -21.20 -26.87
C PHE A 128 -16.15 -20.63 -27.08
N PHE A 129 -16.35 -19.36 -26.73
CA PHE A 129 -17.62 -18.72 -26.99
C PHE A 129 -17.42 -17.23 -27.26
N PHE A 130 -18.48 -16.60 -27.76
CA PHE A 130 -18.50 -15.16 -27.91
C PHE A 130 -19.62 -14.63 -27.06
N GLU A 131 -20.85 -15.14 -27.28
N GLU A 131 -20.85 -15.14 -27.25
CA GLU A 131 -22.06 -14.62 -26.62
CA GLU A 131 -22.03 -14.56 -26.64
C GLU A 131 -22.01 -14.84 -25.13
C GLU A 131 -22.11 -14.84 -25.16
N THR A 132 -22.31 -13.78 -24.37
CA THR A 132 -22.41 -13.86 -22.91
C THR A 132 -23.33 -12.73 -22.38
N THR A 133 -24.09 -13.04 -21.35
CA THR A 133 -24.93 -12.03 -20.68
C THR A 133 -24.08 -11.02 -19.87
N HIS A 134 -24.23 -9.76 -20.26
CA HIS A 134 -23.57 -8.65 -19.59
C HIS A 134 -24.23 -8.49 -18.24
N VAL A 135 -23.42 -8.19 -17.23
CA VAL A 135 -23.92 -7.94 -15.88
C VAL A 135 -23.48 -6.51 -15.40
N GLU A 136 -23.98 -6.07 -14.25
CA GLU A 136 -23.44 -4.86 -13.62
C GLU A 136 -21.94 -5.06 -13.38
N ARG A 137 -21.11 -4.24 -14.06
CA ARG A 137 -19.65 -4.17 -13.83
CA ARG A 137 -19.67 -4.22 -13.81
C ARG A 137 -19.49 -3.52 -12.48
N LEU A 138 -18.95 -4.24 -11.52
CA LEU A 138 -18.81 -3.68 -10.15
C LEU A 138 -17.51 -2.87 -9.86
N HIS A 139 -16.83 -2.39 -10.90
CA HIS A 139 -15.51 -1.77 -10.66
C HIS A 139 -15.47 -0.53 -9.75
N MET A 140 -16.57 0.21 -9.65
CA MET A 140 -16.63 1.37 -8.77
C MET A 140 -17.50 1.12 -7.56
N ARG A 141 -17.87 -0.16 -7.32
CA ARG A 141 -18.73 -0.47 -6.18
C ARG A 141 -17.92 -0.58 -4.89
N TYR A 142 -17.29 0.52 -4.48
CA TYR A 142 -16.45 0.48 -3.29
C TYR A 142 -17.21 0.26 -1.94
N ASP A 143 -18.52 0.42 -1.95
CA ASP A 143 -19.41 -0.02 -0.84
C ASP A 143 -19.42 -1.57 -0.70
N LEU A 144 -19.00 -2.26 -1.75
CA LEU A 144 -18.85 -3.74 -1.76
C LEU A 144 -17.39 -4.29 -1.63
N TYR A 145 -16.40 -3.39 -1.66
CA TYR A 145 -14.98 -3.73 -1.78
C TYR A 145 -14.38 -4.30 -0.50
N SER A 146 -13.89 -5.51 -0.64
CA SER A 146 -13.27 -6.24 0.41
C SER A 146 -11.78 -5.89 0.53
N ALA A 147 -11.26 -6.01 1.77
CA ALA A 147 -9.84 -5.75 1.99
C ALA A 147 -8.90 -6.74 1.25
N GLY A 148 -9.46 -7.85 0.76
CA GLY A 148 -8.72 -8.74 -0.09
C GLY A 148 -9.38 -8.93 -1.43
N GLU A 149 -10.06 -7.89 -1.93
CA GLU A 149 -10.90 -8.01 -3.15
C GLU A 149 -10.13 -8.59 -4.35
N LEU A 150 -10.68 -9.67 -4.95
CA LEU A 150 -10.29 -10.17 -6.29
C LEU A 150 -10.96 -9.37 -7.43
N VAL A 151 -10.14 -8.73 -8.26
CA VAL A 151 -10.58 -7.79 -9.28
C VAL A 151 -10.70 -8.32 -10.69
N ARG A 152 -9.89 -9.32 -11.06
CA ARG A 152 -10.02 -9.92 -12.41
C ARG A 152 -9.75 -11.42 -12.37
N LEU A 153 -10.23 -12.16 -13.39
CA LEU A 153 -9.65 -13.49 -13.69
C LEU A 153 -8.39 -13.33 -14.51
N ASP A 154 -7.26 -13.86 -14.03
CA ASP A 154 -6.01 -13.67 -14.78
C ASP A 154 -5.57 -14.83 -15.73
N HIS A 155 -5.56 -16.06 -15.23
CA HIS A 155 -5.06 -17.18 -16.03
C HIS A 155 -5.39 -18.53 -15.42
N PHE A 156 -5.08 -19.58 -16.19
CA PHE A 156 -5.25 -20.99 -15.80
C PHE A 156 -3.81 -21.51 -15.87
N ASN A 157 -3.53 -22.65 -15.21
CA ASN A 157 -2.27 -23.30 -15.37
C ASN A 157 -2.58 -24.79 -15.43
N GLN A 158 -2.11 -25.45 -16.49
CA GLN A 158 -2.39 -26.89 -16.78
C GLN A 158 -1.16 -27.74 -16.57
N VAL A 159 -1.32 -28.96 -16.10
CA VAL A 159 -0.19 -29.88 -15.91
C VAL A 159 -0.29 -30.91 -17.02
N THR A 160 0.82 -31.17 -17.71
CA THR A 160 0.88 -32.02 -18.91
C THR A 160 2.29 -32.59 -18.95
N PRO A 161 2.44 -33.86 -19.39
CA PRO A 161 3.73 -34.55 -19.34
C PRO A 161 4.82 -34.04 -20.28
N ASP A 162 4.44 -33.53 -21.47
CA ASP A 162 5.35 -33.17 -22.56
C ASP A 162 5.20 -31.67 -22.87
N VAL A 163 6.04 -30.82 -22.30
CA VAL A 163 5.77 -29.41 -22.45
C VAL A 163 6.02 -28.90 -23.87
N PRO A 164 7.15 -29.30 -24.51
CA PRO A 164 7.30 -28.77 -25.88
C PRO A 164 6.16 -29.14 -26.82
N ARG A 165 5.62 -30.33 -26.63
CA ARG A 165 4.55 -30.80 -27.50
C ARG A 165 3.29 -29.95 -27.36
N GLY A 166 2.93 -29.66 -26.11
CA GLY A 166 1.80 -28.78 -25.85
C GLY A 166 2.11 -27.36 -26.29
N ARG A 167 3.36 -26.90 -26.09
CA ARG A 167 3.75 -25.52 -26.43
C ARG A 167 3.52 -25.21 -27.92
N LYS A 168 3.89 -26.16 -28.76
CA LYS A 168 3.81 -25.93 -30.18
C LYS A 168 2.36 -25.88 -30.63
N TYR A 169 1.54 -26.76 -30.07
CA TYR A 169 0.11 -26.73 -30.31
C TYR A 169 -0.53 -25.35 -29.90
N LEU A 170 -0.21 -24.90 -28.70
CA LEU A 170 -0.74 -23.61 -28.22
C LEU A 170 -0.23 -22.45 -29.05
N GLU A 171 0.98 -22.59 -29.58
CA GLU A 171 1.55 -21.59 -30.48
C GLU A 171 0.79 -21.50 -31.78
N ASP A 172 0.52 -22.64 -32.41
CA ASP A 172 -0.31 -22.66 -33.64
C ASP A 172 -1.70 -22.08 -33.38
N LEU A 173 -2.16 -22.21 -32.15
CA LEU A 173 -3.49 -21.78 -31.77
C LEU A 173 -3.50 -20.26 -31.39
N GLY A 174 -2.33 -19.65 -31.39
CA GLY A 174 -2.24 -18.19 -31.44
C GLY A 174 -1.66 -17.66 -30.16
N PHE A 175 -1.41 -18.54 -29.18
CA PHE A 175 -0.79 -18.09 -27.95
C PHE A 175 0.70 -17.77 -28.15
N ARG A 176 1.17 -16.72 -27.48
CA ARG A 176 2.60 -16.41 -27.60
C ARG A 176 3.33 -16.68 -26.29
N VAL A 177 4.39 -17.47 -26.37
CA VAL A 177 5.20 -17.77 -25.20
C VAL A 177 5.94 -16.51 -24.73
N THR A 178 5.91 -16.33 -23.42
CA THR A 178 6.50 -15.15 -22.80
C THR A 178 7.71 -15.60 -22.02
N GLU A 179 7.54 -16.55 -21.10
CA GLU A 179 8.64 -17.00 -20.27
C GLU A 179 8.63 -18.51 -20.24
N ASP A 180 9.77 -19.15 -20.03
CA ASP A 180 9.76 -20.62 -19.84
C ASP A 180 10.89 -21.07 -18.91
N ILE A 181 10.89 -22.33 -18.52
CA ILE A 181 11.93 -22.87 -17.66
C ILE A 181 12.54 -24.11 -18.33
N GLN A 182 13.87 -24.12 -18.46
CA GLN A 182 14.61 -25.21 -19.11
C GLN A 182 15.82 -25.60 -18.28
N ASP A 183 16.47 -26.69 -18.64
CA ASP A 183 17.84 -26.90 -18.15
C ASP A 183 18.89 -26.94 -19.28
N ASP A 184 20.13 -27.24 -18.91
CA ASP A 184 21.25 -27.30 -19.89
C ASP A 184 21.34 -28.61 -20.70
N GLU A 185 20.32 -29.44 -20.57
CA GLU A 185 20.25 -30.77 -21.22
C GLU A 185 19.07 -30.93 -22.14
N GLY A 186 18.39 -29.83 -22.48
CA GLY A 186 17.32 -29.88 -23.47
C GLY A 186 15.90 -30.05 -22.94
N THR A 187 15.76 -30.15 -21.62
CA THR A 187 14.45 -30.45 -20.99
C THR A 187 13.75 -29.12 -20.73
N THR A 188 12.46 -29.05 -21.08
CA THR A 188 11.61 -27.89 -20.74
C THR A 188 10.74 -28.33 -19.56
N TYR A 189 10.65 -27.47 -18.54
CA TYR A 189 9.89 -27.83 -17.36
C TYR A 189 8.54 -27.13 -17.23
N ALA A 190 8.42 -25.97 -17.89
CA ALA A 190 7.28 -25.11 -17.78
C ALA A 190 7.32 -24.03 -18.88
N ALA A 191 6.15 -23.55 -19.28
CA ALA A 191 6.02 -22.46 -20.26
C ALA A 191 4.77 -21.63 -20.01
N TRP A 192 4.92 -20.31 -20.21
CA TRP A 192 3.87 -19.29 -19.99
C TRP A 192 3.52 -18.62 -21.31
N MET A 193 2.24 -18.49 -21.62
CA MET A 193 1.85 -17.92 -22.93
C MET A 193 0.49 -17.21 -22.89
N HIS A 194 0.33 -16.21 -23.74
CA HIS A 194 -0.75 -15.29 -23.60
C HIS A 194 -1.46 -14.91 -24.92
N ARG A 195 -2.70 -14.44 -24.77
CA ARG A 195 -3.40 -13.68 -25.81
C ARG A 195 -3.69 -12.21 -25.41
N LYS A 196 -4.03 -11.98 -24.14
CA LYS A 196 -4.51 -10.61 -23.73
C LYS A 196 -3.43 -9.53 -23.42
N GLY A 197 -2.14 -9.85 -23.54
CA GLY A 197 -1.13 -8.81 -23.25
C GLY A 197 -0.70 -8.72 -21.79
N THR A 198 -0.93 -9.77 -21.01
CA THR A 198 -0.33 -9.92 -19.69
C THR A 198 0.66 -11.08 -19.90
N VAL A 199 1.30 -11.57 -18.83
CA VAL A 199 2.32 -12.61 -18.97
C VAL A 199 1.73 -13.91 -19.55
N HIS A 200 0.49 -14.20 -19.17
CA HIS A 200 -0.20 -15.41 -19.61
C HIS A 200 -1.74 -15.41 -19.48
N ASP A 201 -2.34 -16.31 -20.26
CA ASP A 201 -3.76 -16.67 -20.18
C ASP A 201 -3.86 -18.13 -19.86
N THR A 202 -2.85 -18.88 -20.31
CA THR A 202 -2.66 -20.23 -19.79
C THR A 202 -1.20 -20.53 -19.76
N ALA A 203 -0.87 -21.65 -19.13
CA ALA A 203 0.49 -22.03 -18.91
C ALA A 203 0.54 -23.53 -18.73
N LEU A 204 1.68 -24.11 -19.08
CA LEU A 204 1.91 -25.57 -18.94
C LEU A 204 2.96 -25.79 -17.90
N THR A 205 2.66 -26.67 -16.95
CA THR A 205 3.60 -27.13 -15.94
C THR A 205 3.84 -28.62 -16.23
N GLY A 206 5.11 -29.03 -16.37
CA GLY A 206 5.40 -30.44 -16.66
C GLY A 206 5.00 -31.36 -15.51
N GLY A 207 4.23 -32.41 -15.79
CA GLY A 207 4.02 -33.44 -14.79
C GLY A 207 3.01 -34.42 -15.35
N ASN A 208 2.46 -35.27 -14.52
CA ASN A 208 1.42 -36.25 -14.96
C ASN A 208 0.14 -35.51 -15.30
N GLY A 209 -0.41 -35.75 -16.49
CA GLY A 209 -1.67 -35.10 -16.84
C GLY A 209 -2.48 -35.85 -17.89
N PRO A 210 -3.63 -35.27 -18.32
CA PRO A 210 -4.11 -33.90 -18.03
C PRO A 210 -4.52 -33.67 -16.59
N ARG A 211 -3.93 -32.63 -15.94
CA ARG A 211 -4.47 -32.11 -14.66
C ARG A 211 -4.52 -30.55 -14.69
N LEU A 212 -5.41 -29.96 -13.87
CA LEU A 212 -5.45 -28.51 -13.68
C LEU A 212 -4.62 -28.12 -12.49
N HIS A 213 -3.58 -27.34 -12.71
CA HIS A 213 -2.78 -26.92 -11.59
C HIS A 213 -3.53 -25.85 -10.77
N HIS A 214 -3.95 -24.80 -11.45
CA HIS A 214 -4.68 -23.73 -10.76
C HIS A 214 -5.50 -22.80 -11.66
N VAL A 215 -6.31 -21.95 -11.02
CA VAL A 215 -6.96 -20.79 -11.65
C VAL A 215 -6.45 -19.58 -10.84
N ALA A 216 -6.06 -18.49 -11.50
CA ALA A 216 -5.52 -17.31 -10.78
C ALA A 216 -6.45 -16.13 -10.91
N PHE A 217 -6.74 -15.49 -9.76
CA PHE A 217 -7.37 -14.17 -9.72
C PHE A 217 -6.37 -13.06 -9.32
N SER A 218 -6.63 -11.85 -9.82
CA SER A 218 -5.77 -10.70 -9.54
C SER A 218 -6.40 -9.88 -8.41
N THR A 219 -5.52 -9.11 -7.74
CA THR A 219 -5.90 -7.98 -6.88
C THR A 219 -5.28 -6.67 -7.44
N HIS A 220 -5.71 -5.54 -6.87
CA HIS A 220 -5.15 -4.25 -7.19
C HIS A 220 -3.73 -4.11 -6.63
N GLU A 221 -3.56 -4.42 -5.35
CA GLU A 221 -2.31 -4.15 -4.65
C GLU A 221 -1.80 -5.37 -3.89
N LYS A 222 -0.51 -5.33 -3.55
CA LYS A 222 0.14 -6.39 -2.80
C LYS A 222 -0.55 -6.59 -1.43
N HIS A 223 -0.89 -5.50 -0.72
CA HIS A 223 -1.55 -5.65 0.57
C HIS A 223 -2.91 -6.37 0.53
N ASN A 224 -3.56 -6.44 -0.61
CA ASN A 224 -4.85 -7.17 -0.68
C ASN A 224 -4.56 -8.72 -0.59
N ILE A 225 -3.39 -9.14 -1.09
CA ILE A 225 -3.00 -10.56 -0.98
C ILE A 225 -2.61 -10.86 0.46
N ILE A 226 -1.86 -9.95 1.10
CA ILE A 226 -1.52 -10.07 2.53
C ILE A 226 -2.77 -10.28 3.39
N GLN A 227 -3.83 -9.51 3.11
CA GLN A 227 -5.08 -9.59 3.88
C GLN A 227 -5.78 -10.96 3.80
N ILE A 228 -5.81 -11.54 2.60
CA ILE A 228 -6.35 -12.92 2.41
C ILE A 228 -5.64 -13.85 3.34
N CYS A 229 -4.33 -13.71 3.43
CA CYS A 229 -3.54 -14.56 4.33
C CYS A 229 -3.95 -14.26 5.77
N ASP A 230 -4.01 -12.96 6.10
CA ASP A 230 -4.34 -12.51 7.48
C ASP A 230 -5.74 -12.97 7.89
N LYS A 231 -6.70 -12.94 6.97
CA LYS A 231 -8.09 -13.43 7.19
C LYS A 231 -8.12 -14.94 7.44
N MET A 232 -7.28 -15.69 6.73
CA MET A 232 -7.35 -17.16 6.83
C MET A 232 -6.72 -17.52 8.17
N GLY A 233 -5.71 -16.76 8.60
CA GLY A 233 -5.18 -16.85 9.97
C GLY A 233 -6.27 -16.65 10.99
N ALA A 234 -7.04 -15.56 10.83
CA ALA A 234 -8.11 -15.24 11.80
C ALA A 234 -9.24 -16.24 11.80
N LEU A 235 -9.53 -16.89 10.64
CA LEU A 235 -10.51 -17.98 10.59
C LEU A 235 -9.89 -19.34 10.95
N ARG A 236 -8.63 -19.34 11.35
CA ARG A 236 -7.93 -20.56 11.79
C ARG A 236 -7.91 -21.64 10.70
N ILE A 237 -7.81 -21.18 9.45
CA ILE A 237 -7.68 -22.10 8.31
C ILE A 237 -6.36 -21.89 7.57
N SER A 238 -5.32 -21.56 8.35
CA SER A 238 -3.98 -21.26 7.80
C SER A 238 -3.39 -22.49 7.09
N ASP A 239 -3.95 -23.67 7.38
CA ASP A 239 -3.49 -24.92 6.75
C ASP A 239 -3.97 -24.96 5.29
N ARG A 240 -4.86 -24.04 4.90
CA ARG A 240 -5.28 -23.99 3.52
C ARG A 240 -4.48 -22.97 2.67
N ILE A 241 -3.57 -22.22 3.32
CA ILE A 241 -2.46 -21.53 2.61
C ILE A 241 -1.39 -22.57 2.20
N GLU A 242 -1.35 -22.97 0.90
CA GLU A 242 -0.38 -23.97 0.44
C GLU A 242 1.04 -23.39 0.31
N ARG A 243 1.18 -22.20 -0.29
CA ARG A 243 2.50 -21.68 -0.65
C ARG A 243 2.40 -20.16 -0.80
N GLY A 244 3.37 -19.43 -0.24
CA GLY A 244 3.33 -17.95 -0.34
C GLY A 244 3.10 -17.26 1.00
N PRO A 245 2.93 -15.92 0.99
CA PRO A 245 2.99 -15.14 -0.23
C PRO A 245 4.44 -14.85 -0.66
N GLY A 246 4.58 -14.41 -1.91
CA GLY A 246 5.91 -14.15 -2.43
C GLY A 246 5.91 -13.30 -3.67
N ARG A 247 7.11 -13.06 -4.20
CA ARG A 247 7.28 -12.43 -5.52
C ARG A 247 7.79 -13.54 -6.39
N HIS A 248 7.10 -13.81 -7.53
CA HIS A 248 7.55 -14.78 -8.55
C HIS A 248 8.83 -14.27 -9.27
N GLY A 249 9.68 -15.18 -9.74
CA GLY A 249 10.76 -14.79 -10.66
C GLY A 249 10.14 -14.64 -12.03
N VAL A 250 9.81 -15.77 -12.66
CA VAL A 250 8.90 -15.79 -13.81
C VAL A 250 7.61 -15.00 -13.54
N SER A 251 7.35 -14.03 -14.42
CA SER A 251 6.12 -13.18 -14.39
C SER A 251 6.32 -11.95 -13.56
N ASN A 252 7.22 -12.02 -12.55
CA ASN A 252 7.47 -10.88 -11.63
C ASN A 252 6.24 -10.53 -10.79
N ALA A 253 5.21 -11.39 -10.79
CA ALA A 253 3.99 -11.06 -10.09
C ALA A 253 4.11 -11.37 -8.61
N PHE A 254 3.38 -10.58 -7.80
CA PHE A 254 3.26 -10.91 -6.36
C PHE A 254 2.15 -11.96 -6.26
N TYR A 255 2.30 -12.97 -5.40
CA TYR A 255 1.49 -14.19 -5.49
C TYR A 255 1.16 -14.89 -4.15
N LEU A 256 0.17 -15.77 -4.20
CA LEU A 256 -0.23 -16.58 -3.06
C LEU A 256 -0.98 -17.79 -3.61
N TYR A 257 -0.76 -18.98 -3.06
CA TYR A 257 -1.54 -20.19 -3.44
C TYR A 257 -2.33 -20.70 -2.29
N ILE A 258 -3.63 -20.89 -2.53
CA ILE A 258 -4.47 -21.45 -1.47
C ILE A 258 -5.29 -22.67 -1.98
N LEU A 259 -5.89 -23.40 -1.06
CA LEU A 259 -6.64 -24.60 -1.47
C LEU A 259 -8.15 -24.54 -1.16
N ASP A 260 -8.99 -24.81 -2.13
CA ASP A 260 -10.44 -24.84 -1.85
C ASP A 260 -10.87 -26.15 -1.17
N PRO A 261 -12.15 -26.24 -0.72
CA PRO A 261 -12.60 -27.49 0.01
C PRO A 261 -12.36 -28.84 -0.69
N ASP A 262 -12.20 -28.83 -2.02
CA ASP A 262 -11.96 -30.05 -2.80
C ASP A 262 -10.47 -30.14 -3.23
N ASN A 263 -9.62 -29.33 -2.59
CA ASN A 263 -8.22 -29.19 -2.98
C ASN A 263 -7.97 -28.57 -4.37
N HIS A 264 -8.97 -27.97 -4.98
CA HIS A 264 -8.66 -27.23 -6.20
C HIS A 264 -7.77 -26.03 -5.80
N ARG A 265 -6.64 -25.83 -6.47
CA ARG A 265 -5.69 -24.77 -6.04
C ARG A 265 -6.07 -23.41 -6.62
N ILE A 266 -6.04 -22.35 -5.80
CA ILE A 266 -6.37 -21.05 -6.34
C ILE A 266 -5.14 -20.16 -6.09
N GLU A 267 -4.73 -19.40 -7.12
CA GLU A 267 -3.64 -18.45 -6.96
C GLU A 267 -4.23 -17.00 -6.94
N ILE A 268 -3.60 -16.13 -6.17
CA ILE A 268 -3.94 -14.71 -6.18
C ILE A 268 -2.68 -14.04 -6.67
N TYR A 269 -2.82 -13.00 -7.47
CA TYR A 269 -1.72 -12.60 -8.35
C TYR A 269 -1.83 -11.09 -8.61
N THR A 270 -0.74 -10.36 -8.65
CA THR A 270 -0.85 -8.94 -9.03
C THR A 270 0.44 -8.44 -9.59
N GLN A 271 0.33 -7.58 -10.56
CA GLN A 271 1.44 -6.73 -11.03
C GLN A 271 2.57 -7.43 -11.86
N ASP A 272 2.17 -8.26 -12.83
CA ASP A 272 3.09 -8.68 -13.90
C ASP A 272 3.15 -7.54 -14.94
N TYR A 273 3.76 -7.77 -16.09
CA TYR A 273 4.10 -6.67 -17.01
C TYR A 273 3.44 -6.79 -18.36
N TYR A 274 3.57 -5.76 -19.21
CA TYR A 274 2.92 -5.76 -20.55
C TYR A 274 3.65 -6.58 -21.61
N THR A 275 2.89 -7.46 -22.28
CA THR A 275 3.43 -8.36 -23.31
C THR A 275 2.83 -8.18 -24.71
N GLY A 276 2.05 -7.13 -24.91
CA GLY A 276 1.31 -6.96 -26.15
C GLY A 276 1.99 -6.64 -27.46
N ASP A 277 3.27 -6.22 -27.43
CA ASP A 277 4.03 -6.01 -28.66
C ASP A 277 4.47 -7.40 -29.21
N PRO A 278 4.42 -7.62 -30.55
CA PRO A 278 4.69 -8.96 -31.07
C PRO A 278 6.16 -9.45 -30.89
N ASP A 279 7.08 -8.51 -30.71
CA ASP A 279 8.48 -8.84 -30.45
C ASP A 279 8.84 -8.80 -28.96
N ASN A 280 7.82 -8.85 -28.09
CA ASN A 280 8.05 -8.96 -26.64
C ASN A 280 9.15 -9.97 -26.37
N PRO A 281 10.22 -9.54 -25.66
CA PRO A 281 11.40 -10.29 -25.33
C PRO A 281 11.03 -11.42 -24.41
N THR A 282 11.26 -12.65 -24.89
CA THR A 282 11.05 -13.87 -24.12
CA THR A 282 11.07 -13.88 -24.12
C THR A 282 12.15 -14.06 -23.07
N ILE A 283 11.78 -14.68 -21.96
CA ILE A 283 12.73 -14.95 -20.87
C ILE A 283 12.76 -16.44 -20.56
N THR A 284 13.95 -17.03 -20.50
CA THR A 284 14.16 -18.41 -20.13
C THR A 284 15.01 -18.48 -18.84
N TRP A 285 14.49 -19.16 -17.83
CA TRP A 285 15.19 -19.35 -16.58
C TRP A 285 15.74 -20.76 -16.54
N ASN A 286 16.86 -20.99 -15.86
CA ASN A 286 17.36 -22.36 -15.63
C ASN A 286 16.60 -22.92 -14.47
N VAL A 287 16.27 -24.20 -14.53
CA VAL A 287 15.47 -24.83 -13.49
C VAL A 287 16.15 -24.83 -12.12
N HIS A 288 17.48 -24.70 -12.08
CA HIS A 288 18.22 -24.79 -10.80
C HIS A 288 18.42 -23.40 -10.20
N ASP A 289 17.89 -22.37 -10.87
CA ASP A 289 17.97 -20.97 -10.33
C ASP A 289 16.95 -20.80 -9.21
N ASN A 290 17.43 -20.67 -7.97
CA ASN A 290 16.56 -20.62 -6.80
C ASN A 290 15.68 -19.35 -6.67
N GLN A 291 15.84 -18.39 -7.60
CA GLN A 291 15.03 -17.19 -7.65
C GLN A 291 13.94 -17.27 -8.73
N ARG A 292 13.87 -18.38 -9.46
CA ARG A 292 12.96 -18.43 -10.61
C ARG A 292 11.46 -18.53 -10.28
N ARG A 293 11.12 -19.23 -9.20
CA ARG A 293 9.74 -19.46 -8.84
C ARG A 293 9.35 -18.51 -7.70
N ASP A 294 10.21 -18.45 -6.69
CA ASP A 294 10.13 -17.43 -5.68
C ASP A 294 11.42 -16.61 -5.74
N TRP A 295 11.27 -15.34 -6.06
CA TRP A 295 12.39 -14.38 -6.31
C TRP A 295 13.23 -14.15 -5.04
N TRP A 296 12.56 -14.29 -3.90
CA TRP A 296 13.24 -14.20 -2.64
C TRP A 296 13.96 -15.50 -2.18
N GLY A 297 13.88 -16.56 -2.99
CA GLY A 297 14.58 -17.79 -2.66
C GLY A 297 13.79 -18.73 -1.75
N ASN A 298 12.55 -18.36 -1.41
CA ASN A 298 11.85 -19.22 -0.46
C ASN A 298 11.58 -20.55 -1.14
N PRO A 299 11.60 -21.65 -0.36
CA PRO A 299 11.44 -22.96 -1.07
C PRO A 299 10.03 -23.22 -1.56
N VAL A 300 9.96 -24.02 -2.63
CA VAL A 300 8.68 -24.39 -3.28
C VAL A 300 8.15 -25.65 -2.61
N VAL A 301 6.94 -25.56 -2.03
CA VAL A 301 6.37 -26.65 -1.22
C VAL A 301 6.14 -27.87 -2.12
N PRO A 302 6.56 -29.04 -1.67
CA PRO A 302 6.50 -30.20 -2.56
C PRO A 302 5.10 -30.54 -3.10
N SER A 303 4.04 -30.13 -2.39
CA SER A 303 2.68 -30.39 -2.85
C SER A 303 2.41 -29.59 -4.14
N TRP A 304 3.14 -28.49 -4.32
CA TRP A 304 2.95 -27.61 -5.49
C TRP A 304 3.33 -28.37 -6.72
N TYR A 305 4.30 -29.28 -6.58
CA TYR A 305 4.80 -30.10 -7.68
C TYR A 305 4.02 -31.41 -7.90
N THR A 306 3.42 -31.96 -6.85
CA THR A 306 2.80 -33.28 -6.94
C THR A 306 1.25 -33.19 -7.05
N GLU A 307 0.61 -32.16 -6.48
CA GLU A 307 -0.88 -32.16 -6.47
C GLU A 307 -1.50 -31.26 -7.53
N ALA A 308 -2.57 -31.72 -8.15
CA ALA A 308 -3.35 -30.98 -9.14
C ALA A 308 -4.72 -31.67 -9.33
N SER A 309 -5.66 -30.96 -9.95
CA SER A 309 -7.03 -31.45 -10.04
C SER A 309 -7.22 -32.38 -11.25
N LYS A 310 -8.11 -33.35 -11.10
CA LYS A 310 -8.55 -34.19 -12.23
C LYS A 310 -9.23 -33.32 -13.26
N VAL A 311 -9.18 -33.71 -14.53
CA VAL A 311 -10.03 -33.05 -15.49
C VAL A 311 -11.05 -34.02 -16.07
N LEU A 312 -12.21 -33.51 -16.52
CA LEU A 312 -13.27 -34.38 -17.13
C LEU A 312 -13.27 -34.32 -18.64
N ASP A 313 -13.66 -35.43 -19.27
CA ASP A 313 -13.93 -35.43 -20.71
C ASP A 313 -15.34 -34.91 -21.01
N LEU A 314 -15.78 -34.95 -22.27
CA LEU A 314 -17.09 -34.38 -22.59
C LEU A 314 -18.31 -35.18 -22.07
N ASP A 315 -18.05 -36.38 -21.57
CA ASP A 315 -19.09 -37.30 -21.10
C ASP A 315 -19.09 -37.22 -19.58
N GLY A 316 -18.24 -36.37 -18.98
CA GLY A 316 -18.27 -36.16 -17.54
C GLY A 316 -17.44 -37.17 -16.75
N ASN A 317 -16.62 -37.90 -17.49
CA ASN A 317 -15.74 -38.86 -16.88
C ASN A 317 -14.33 -38.33 -16.80
N VAL A 318 -13.68 -38.72 -15.72
CA VAL A 318 -12.32 -38.32 -15.43
C VAL A 318 -11.41 -38.80 -16.58
N GLN A 319 -10.60 -37.87 -17.13
CA GLN A 319 -9.56 -38.16 -18.10
C GLN A 319 -8.42 -38.99 -17.50
N GLU A 320 -8.05 -40.04 -18.24
CA GLU A 320 -6.95 -40.90 -17.91
C GLU A 320 -5.64 -40.06 -17.80
N ILE A 321 -4.83 -40.33 -16.77
CA ILE A 321 -3.60 -39.59 -16.50
C ILE A 321 -2.36 -40.28 -17.12
N ILE A 322 -1.59 -39.54 -17.92
CA ILE A 322 -0.40 -40.08 -18.57
C ILE A 322 0.86 -39.56 -17.86
N GLU A 323 1.75 -40.47 -17.52
CA GLU A 323 2.85 -40.16 -16.60
C GLU A 323 3.97 -39.40 -17.35
N ARG A 324 4.56 -38.39 -16.71
CA ARG A 324 5.68 -37.67 -17.31
C ARG A 324 6.91 -38.59 -17.21
N THR A 325 7.64 -38.73 -18.32
CA THR A 325 8.98 -39.37 -18.35
C THR A 325 10.16 -38.37 -18.37
N ASP A 326 9.96 -37.16 -18.92
CA ASP A 326 11.01 -36.11 -18.81
C ASP A 326 11.40 -35.98 -17.32
N ASP A 327 12.54 -35.36 -17.04
CA ASP A 327 12.95 -35.10 -15.64
C ASP A 327 11.91 -34.31 -14.81
N SER A 328 11.94 -34.51 -13.50
CA SER A 328 10.95 -33.86 -12.60
C SER A 328 11.49 -32.58 -11.94
N GLU A 329 10.77 -31.46 -12.06
CA GLU A 329 11.27 -30.21 -11.45
C GLU A 329 11.55 -30.46 -9.98
N LEU A 330 10.62 -31.10 -9.28
CA LEU A 330 10.81 -31.40 -7.85
C LEU A 330 12.13 -32.10 -7.59
N GLU A 331 12.39 -33.16 -8.33
CA GLU A 331 13.53 -34.01 -8.04
C GLU A 331 14.83 -33.27 -8.30
N VAL A 332 14.89 -32.51 -9.41
CA VAL A 332 16.16 -31.96 -9.86
C VAL A 332 16.50 -30.75 -9.02
N THR A 333 15.52 -30.22 -8.28
CA THR A 333 15.75 -29.03 -7.44
C THR A 333 15.77 -29.26 -5.95
N ILE A 334 14.82 -30.01 -5.42
CA ILE A 334 14.67 -30.12 -3.96
C ILE A 334 14.63 -31.54 -3.43
N GLY A 335 14.64 -32.49 -4.36
CA GLY A 335 14.75 -33.94 -4.09
C GLY A 335 16.08 -34.33 -3.46
N ALA A 336 16.29 -35.61 -3.21
CA ALA A 336 17.52 -36.09 -2.55
C ALA A 336 18.82 -35.88 -3.35
N ASP A 337 18.73 -35.95 -4.68
CA ASP A 337 19.87 -35.66 -5.55
C ASP A 337 19.62 -34.42 -6.43
N GLY A 338 18.85 -33.47 -5.90
CA GLY A 338 18.59 -32.21 -6.58
C GLY A 338 19.57 -31.13 -6.21
N PHE A 339 19.52 -30.02 -6.96
CA PHE A 339 20.43 -28.86 -6.79
C PHE A 339 19.75 -27.53 -7.13
N SER A 340 20.01 -26.47 -6.36
CA SER A 340 19.66 -25.13 -6.80
CA SER A 340 19.64 -25.11 -6.77
C SER A 340 20.74 -24.10 -6.38
N PHE A 341 20.79 -22.96 -7.05
CA PHE A 341 21.78 -21.95 -6.77
C PHE A 341 21.16 -20.58 -6.61
N THR A 342 21.83 -19.72 -5.85
CA THR A 342 21.44 -18.31 -5.77
C THR A 342 22.19 -17.51 -6.85
N ARG A 343 23.49 -17.75 -6.96
CA ARG A 343 24.22 -17.02 -7.98
C ARG A 343 24.79 -18.10 -8.84
N ALA A 344 24.58 -18.03 -10.17
CA ALA A 344 25.16 -18.97 -11.11
C ALA A 344 26.65 -19.11 -10.89
N GLY A 345 27.09 -20.33 -10.65
CA GLY A 345 28.55 -20.58 -10.54
C GLY A 345 29.10 -20.57 -9.15
N ASP A 346 28.31 -20.05 -8.23
CA ASP A 346 28.79 -19.81 -6.87
C ASP A 346 28.28 -20.90 -5.95
N GLU A 347 29.21 -21.53 -5.25
CA GLU A 347 28.88 -22.60 -4.30
C GLU A 347 28.17 -22.02 -3.04
N ASP A 348 28.53 -20.80 -2.68
CA ASP A 348 27.86 -20.04 -1.63
CA ASP A 348 27.84 -20.04 -1.64
C ASP A 348 26.38 -19.71 -2.00
N GLY A 349 25.44 -20.02 -1.09
CA GLY A 349 23.99 -19.87 -1.36
C GLY A 349 23.37 -20.91 -2.32
N SER A 350 24.11 -21.99 -2.57
CA SER A 350 23.60 -23.21 -3.21
C SER A 350 23.21 -24.34 -2.25
N TYR A 351 22.39 -25.28 -2.76
CA TYR A 351 21.67 -26.24 -1.96
C TYR A 351 21.73 -27.56 -2.66
N HIS A 352 22.16 -28.61 -1.94
CA HIS A 352 22.34 -29.95 -2.53
C HIS A 352 21.47 -30.92 -1.76
N GLY A 353 20.52 -31.57 -2.45
CA GLY A 353 19.74 -32.64 -1.83
C GLY A 353 18.74 -32.15 -0.78
N GLN A 354 18.44 -30.86 -0.83
CA GLN A 354 17.49 -30.22 0.08
CA GLN A 354 17.40 -30.27 0.02
C GLN A 354 16.91 -28.94 -0.52
N ALA A 355 15.98 -28.35 0.23
CA ALA A 355 15.29 -27.14 -0.14
C ALA A 355 16.09 -25.94 0.38
N SER A 356 15.76 -24.76 -0.13
CA SER A 356 16.42 -23.54 0.35
C SER A 356 15.95 -23.22 1.77
N LYS A 357 16.70 -22.38 2.50
CA LYS A 357 16.26 -21.81 3.78
C LYS A 357 16.21 -22.82 4.93
N GLY A 358 16.89 -23.95 4.77
CA GLY A 358 17.14 -24.85 5.93
C GLY A 358 16.29 -26.09 6.02
N PHE A 359 15.52 -26.37 4.96
CA PHE A 359 14.51 -27.46 4.95
C PHE A 359 14.79 -28.65 4.03
N LYS A 360 14.43 -29.84 4.51
CA LYS A 360 14.31 -31.06 3.70
C LYS A 360 12.82 -31.29 3.43
N LEU A 361 12.50 -32.32 2.67
CA LEU A 361 11.10 -32.65 2.42
C LEU A 361 10.62 -33.73 3.36
N GLY A 362 9.47 -33.51 3.98
CA GLY A 362 8.82 -34.52 4.84
C GLY A 362 7.98 -35.57 4.13
N GLU B 4 -17.09 16.47 -41.44
CA GLU B 4 -17.01 15.02 -41.08
C GLU B 4 -15.75 14.43 -41.74
N ILE B 5 -14.94 13.66 -41.02
CA ILE B 5 -13.76 13.07 -41.65
C ILE B 5 -14.20 11.75 -42.25
N PRO B 6 -14.04 11.58 -43.57
CA PRO B 6 -14.58 10.36 -44.26
C PRO B 6 -13.75 9.15 -43.88
N LYS B 7 -14.36 7.96 -43.90
CA LYS B 7 -13.60 6.73 -43.73
C LYS B 7 -12.89 6.38 -45.04
N PRO B 8 -11.55 6.23 -45.00
CA PRO B 8 -10.82 5.90 -46.22
C PRO B 8 -11.11 4.48 -46.69
N VAL B 9 -10.82 4.19 -47.96
CA VAL B 9 -11.03 2.84 -48.50
C VAL B 9 -9.83 2.02 -48.09
N ALA B 10 -8.68 2.70 -48.02
CA ALA B 10 -7.44 2.17 -47.45
C ALA B 10 -7.65 1.60 -46.05
N PRO B 11 -7.06 0.44 -45.80
CA PRO B 11 -7.11 -0.22 -44.50
C PRO B 11 -6.28 0.57 -43.49
N ALA B 12 -6.83 0.70 -42.29
CA ALA B 12 -6.06 1.34 -41.21
C ALA B 12 -4.88 0.45 -40.73
N PRO B 13 -3.76 1.07 -40.38
CA PRO B 13 -2.63 0.48 -39.65
C PRO B 13 -3.15 -0.16 -38.39
N ASP B 14 -2.69 -1.38 -38.13
CA ASP B 14 -2.93 -2.04 -36.86
C ASP B 14 -2.00 -1.34 -35.81
N ILE B 15 -2.60 -0.47 -35.01
CA ILE B 15 -1.89 0.21 -33.91
C ILE B 15 -1.91 -0.68 -32.64
N LEU B 16 -0.75 -0.89 -32.05
CA LEU B 16 -0.64 -1.70 -30.85
C LEU B 16 -0.92 -0.86 -29.59
N ARG B 17 -0.32 0.33 -29.53
CA ARG B 17 -0.30 1.13 -28.30
C ARG B 17 0.35 2.53 -28.49
N CYS B 18 0.10 3.44 -27.56
CA CYS B 18 0.93 4.65 -27.48
C CYS B 18 2.34 4.22 -27.07
N ALA B 19 3.36 4.89 -27.63
CA ALA B 19 4.76 4.44 -27.47
C ALA B 19 5.71 5.47 -26.88
N TYR B 20 5.65 6.70 -27.38
CA TYR B 20 6.52 7.76 -26.84
C TYR B 20 5.98 9.11 -27.29
N ALA B 21 6.40 10.16 -26.60
CA ALA B 21 6.16 11.50 -27.07
C ALA B 21 7.46 12.23 -27.14
N GLU B 22 7.55 13.13 -28.13
CA GLU B 22 8.71 14.00 -28.28
C GLU B 22 8.18 15.35 -27.92
N LEU B 23 8.79 15.92 -26.86
CA LEU B 23 8.43 17.24 -26.34
C LEU B 23 9.58 18.20 -26.58
N VAL B 24 9.29 19.38 -27.11
CA VAL B 24 10.33 20.42 -27.20
C VAL B 24 10.33 21.23 -25.91
N VAL B 25 11.54 21.49 -25.42
CA VAL B 25 11.77 22.19 -24.14
C VAL B 25 12.78 23.28 -24.34
N THR B 26 12.77 24.30 -23.47
CA THR B 26 13.62 25.47 -23.72
C THR B 26 14.95 25.41 -23.00
N ASP B 27 14.95 24.80 -21.83
CA ASP B 27 16.18 24.67 -21.07
C ASP B 27 16.40 23.18 -20.72
N LEU B 28 17.26 22.51 -21.47
CA LEU B 28 17.43 21.02 -21.39
C LEU B 28 17.83 20.57 -19.99
N ALA B 29 18.76 21.28 -19.39
CA ALA B 29 19.25 20.94 -18.05
C ALA B 29 18.12 21.01 -16.97
N LYS B 30 17.32 22.09 -16.99
CA LYS B 30 16.18 22.15 -16.08
C LYS B 30 15.18 21.04 -16.32
N SER B 31 14.85 20.82 -17.60
CA SER B 31 13.92 19.75 -17.94
C SER B 31 14.44 18.38 -17.45
N ARG B 32 15.73 18.11 -17.64
CA ARG B 32 16.36 16.86 -17.14
C ARG B 32 16.16 16.68 -15.62
N ASN B 33 16.37 17.76 -14.90
CA ASN B 33 16.22 17.73 -13.46
C ASN B 33 14.81 17.29 -13.06
N PHE B 34 13.80 17.79 -13.77
CA PHE B 34 12.41 17.39 -13.49
C PHE B 34 12.21 15.91 -13.82
N TYR B 35 12.43 15.50 -15.08
CA TYR B 35 12.09 14.11 -15.48
C TYR B 35 12.98 13.04 -14.89
N VAL B 36 14.25 13.39 -14.71
CA VAL B 36 15.24 12.45 -14.20
C VAL B 36 15.31 12.61 -12.67
N ASP B 37 15.70 13.80 -12.20
CA ASP B 37 16.00 13.87 -10.78
C ASP B 37 14.77 13.88 -9.91
N VAL B 38 13.72 14.55 -10.36
CA VAL B 38 12.51 14.54 -9.59
C VAL B 38 11.74 13.21 -9.84
N LEU B 39 11.41 12.90 -11.09
CA LEU B 39 10.48 11.79 -11.44
C LEU B 39 11.13 10.43 -11.57
N GLY B 40 12.47 10.36 -11.70
CA GLY B 40 13.13 9.04 -11.70
C GLY B 40 13.17 8.27 -13.02
N LEU B 41 12.81 8.93 -14.12
CA LEU B 41 12.85 8.30 -15.45
C LEU B 41 14.27 7.90 -15.81
N HIS B 42 14.39 6.82 -16.60
CA HIS B 42 15.69 6.16 -16.92
C HIS B 42 16.26 6.62 -18.25
N VAL B 43 17.51 7.09 -18.26
CA VAL B 43 18.07 7.74 -19.44
C VAL B 43 18.53 6.65 -20.36
N SER B 44 18.01 6.62 -21.59
CA SER B 44 18.49 5.64 -22.58
C SER B 44 19.63 6.22 -23.44
N TYR B 45 19.63 7.55 -23.57
CA TYR B 45 20.63 8.25 -24.33
C TYR B 45 20.48 9.75 -24.02
N GLU B 46 21.60 10.47 -23.99
CA GLU B 46 21.47 11.93 -23.99
C GLU B 46 22.67 12.63 -24.59
N ASP B 47 22.42 13.86 -25.08
CA ASP B 47 23.48 14.74 -25.54
C ASP B 47 23.08 16.21 -25.19
N GLU B 48 23.66 17.20 -25.86
CA GLU B 48 23.49 18.62 -25.46
C GLU B 48 22.16 19.10 -26.00
N ASN B 49 21.55 18.26 -26.80
CA ASN B 49 20.35 18.66 -27.57
C ASN B 49 19.09 17.86 -27.20
N GLN B 50 19.28 16.64 -26.76
CA GLN B 50 18.15 15.75 -26.55
C GLN B 50 18.43 14.80 -25.37
N ILE B 51 17.34 14.36 -24.73
CA ILE B 51 17.39 13.34 -23.68
C ILE B 51 16.29 12.31 -23.97
N TYR B 52 16.69 11.06 -23.94
CA TYR B 52 15.84 9.91 -24.25
C TYR B 52 15.58 9.14 -22.95
N LEU B 53 14.31 8.97 -22.59
CA LEU B 53 13.89 8.47 -21.27
C LEU B 53 12.88 7.31 -21.43
N ARG B 54 13.03 6.27 -20.61
CA ARG B 54 12.08 5.18 -20.59
C ARG B 54 11.60 4.89 -19.13
N SER B 55 10.42 4.30 -19.01
CA SER B 55 9.84 3.84 -17.74
C SER B 55 10.44 2.49 -17.34
N PHE B 56 10.19 2.12 -16.09
CA PHE B 56 10.81 0.95 -15.46
C PHE B 56 10.55 -0.38 -16.19
N GLU B 57 9.37 -0.54 -16.81
CA GLU B 57 9.10 -1.86 -17.45
C GLU B 57 9.23 -1.88 -18.97
N GLU B 58 9.68 -0.78 -19.56
CA GLU B 58 9.80 -0.68 -21.03
C GLU B 58 11.02 -1.48 -21.60
N PHE B 59 10.84 -2.15 -22.76
CA PHE B 59 11.94 -2.73 -23.53
C PHE B 59 12.29 -1.95 -24.80
N ILE B 60 11.38 -1.07 -25.29
CA ILE B 60 11.71 -0.31 -26.49
C ILE B 60 12.61 0.84 -26.05
N HIS B 61 13.25 1.50 -27.02
CA HIS B 61 14.31 2.42 -26.67
C HIS B 61 13.87 3.53 -25.66
N HIS B 62 12.66 4.09 -25.82
CA HIS B 62 12.25 5.26 -25.01
C HIS B 62 10.73 5.49 -25.00
N ASN B 63 10.24 6.19 -23.97
CA ASN B 63 8.85 6.63 -23.84
C ASN B 63 8.70 8.15 -23.95
N LEU B 64 9.81 8.85 -23.88
CA LEU B 64 9.80 10.31 -23.91
C LEU B 64 11.12 10.82 -24.47
N VAL B 65 11.03 11.78 -25.39
CA VAL B 65 12.21 12.45 -25.95
C VAL B 65 12.05 13.93 -25.63
N LEU B 66 13.06 14.52 -25.01
CA LEU B 66 13.04 15.97 -24.76
C LEU B 66 14.01 16.57 -25.74
N THR B 67 13.58 17.53 -26.54
CA THR B 67 14.42 18.03 -27.63
C THR B 67 14.57 19.53 -27.43
N LYS B 68 15.79 20.03 -27.40
CA LYS B 68 15.95 21.46 -27.17
C LYS B 68 15.36 22.30 -28.32
N GLY B 69 14.63 23.36 -27.99
CA GLY B 69 14.06 24.19 -29.04
C GLY B 69 13.67 25.54 -28.52
N PRO B 70 13.41 26.49 -29.44
CA PRO B 70 13.11 27.83 -28.98
C PRO B 70 11.68 28.01 -28.50
N VAL B 71 10.73 27.17 -28.94
CA VAL B 71 9.35 27.24 -28.44
C VAL B 71 8.88 25.87 -27.94
N ALA B 72 8.58 25.80 -26.62
CA ALA B 72 8.12 24.54 -26.01
C ALA B 72 6.78 24.05 -26.60
N ALA B 73 6.73 22.77 -26.98
CA ALA B 73 5.60 22.27 -27.76
C ALA B 73 5.73 20.80 -27.89
N LEU B 74 4.62 20.16 -28.21
CA LEU B 74 4.56 18.76 -28.67
C LEU B 74 5.10 18.66 -30.12
N LYS B 75 6.18 17.92 -30.33
CA LYS B 75 6.69 17.72 -31.71
C LYS B 75 6.08 16.43 -32.33
N ALA B 76 5.90 15.38 -31.51
CA ALA B 76 5.24 14.15 -31.98
C ALA B 76 4.66 13.27 -30.86
N MET B 77 3.42 12.76 -31.09
CA MET B 77 2.84 11.69 -30.28
CA MET B 77 2.78 11.72 -30.30
C MET B 77 2.93 10.41 -31.10
N ALA B 78 3.76 9.48 -30.64
CA ALA B 78 4.05 8.32 -31.40
C ALA B 78 3.37 7.02 -30.90
N PHE B 79 2.86 6.24 -31.87
CA PHE B 79 2.12 5.00 -31.64
C PHE B 79 2.89 3.88 -32.36
N ARG B 80 3.08 2.75 -31.69
CA ARG B 80 3.74 1.66 -32.36
C ARG B 80 2.71 0.80 -33.07
N VAL B 81 3.07 0.26 -34.25
CA VAL B 81 2.14 -0.52 -35.02
C VAL B 81 2.63 -1.96 -35.10
N ARG B 82 1.77 -2.89 -35.51
CA ARG B 82 2.10 -4.29 -35.28
C ARG B 82 3.21 -4.82 -36.19
N THR B 83 3.33 -4.28 -37.42
CA THR B 83 4.30 -4.86 -38.40
C THR B 83 5.00 -3.78 -39.19
N PRO B 84 6.15 -4.13 -39.81
CA PRO B 84 6.79 -3.19 -40.73
C PRO B 84 5.79 -2.67 -41.79
N GLU B 85 4.93 -3.56 -42.27
CA GLU B 85 3.94 -3.27 -43.29
C GLU B 85 2.88 -2.25 -42.89
N ASP B 86 2.62 -2.19 -41.59
CA ASP B 86 1.63 -1.25 -41.07
C ASP B 86 2.12 0.18 -41.21
N VAL B 87 3.42 0.37 -41.38
CA VAL B 87 3.93 1.73 -41.61
C VAL B 87 3.47 2.17 -43.01
N ASP B 88 3.54 1.27 -43.99
CA ASP B 88 3.01 1.56 -45.34
C ASP B 88 1.52 1.81 -45.30
N LYS B 89 0.79 0.92 -44.67
CA LYS B 89 -0.63 1.17 -44.40
C LYS B 89 -0.91 2.58 -43.83
N ALA B 90 -0.10 3.04 -42.87
CA ALA B 90 -0.41 4.30 -42.21
C ALA B 90 -0.23 5.39 -43.22
N GLU B 91 0.82 5.29 -44.05
CA GLU B 91 1.12 6.31 -45.07
C GLU B 91 -0.01 6.45 -46.15
N ALA B 92 -0.53 5.31 -46.60
CA ALA B 92 -1.63 5.24 -47.57
C ALA B 92 -2.90 5.80 -47.00
N TYR B 93 -3.08 5.58 -45.69
CA TYR B 93 -4.35 5.87 -45.02
C TYR B 93 -4.39 7.37 -44.93
N TYR B 94 -3.30 7.94 -44.42
CA TYR B 94 -3.23 9.39 -44.25
C TYR B 94 -3.21 10.18 -45.51
N GLN B 95 -2.59 9.64 -46.56
CA GLN B 95 -2.62 10.22 -47.90
CA GLN B 95 -2.65 10.27 -47.85
C GLN B 95 -4.08 10.27 -48.39
N GLU B 96 -4.81 9.17 -48.22
CA GLU B 96 -6.18 9.17 -48.71
C GLU B 96 -7.00 10.22 -47.98
N LEU B 97 -6.68 10.47 -46.70
CA LEU B 97 -7.38 11.52 -45.92
C LEU B 97 -7.01 12.92 -46.37
N GLY B 98 -6.01 13.04 -47.24
CA GLY B 98 -5.57 14.33 -47.70
C GLY B 98 -4.62 15.03 -46.75
N CYS B 99 -3.98 14.26 -45.87
CA CYS B 99 -3.04 14.85 -44.87
C CYS B 99 -1.57 14.90 -45.32
N ARG B 100 -0.83 15.87 -44.80
CA ARG B 100 0.62 16.00 -45.06
C ARG B 100 1.44 14.99 -44.26
N THR B 101 2.22 14.17 -44.95
CA THR B 101 2.95 13.07 -44.35
C THR B 101 4.42 13.17 -44.71
N GLU B 102 5.28 12.60 -43.88
CA GLU B 102 6.72 12.62 -44.13
C GLU B 102 7.25 11.31 -43.64
N ARG B 103 8.04 10.63 -44.48
CA ARG B 103 8.57 9.31 -44.23
C ARG B 103 10.09 9.32 -44.15
N ARG B 104 10.62 8.77 -43.05
CA ARG B 104 12.07 8.66 -42.81
C ARG B 104 12.42 7.22 -42.53
N LYS B 105 13.09 6.59 -43.49
CA LYS B 105 13.38 5.16 -43.42
C LYS B 105 14.30 4.85 -42.21
N ASP B 106 15.11 5.84 -41.83
CA ASP B 106 15.96 5.63 -40.64
C ASP B 106 15.48 6.45 -39.42
N GLY B 107 14.19 6.80 -39.40
CA GLY B 107 13.58 7.41 -38.19
C GLY B 107 13.78 8.89 -38.00
N PHE B 108 12.94 9.49 -37.14
CA PHE B 108 13.09 10.91 -36.83
C PHE B 108 13.93 11.17 -35.58
N VAL B 109 13.93 10.22 -34.66
CA VAL B 109 14.69 10.29 -33.42
C VAL B 109 15.49 9.01 -33.21
N LYS B 110 16.53 9.09 -32.38
CA LYS B 110 17.37 7.91 -32.16
C LYS B 110 16.56 6.76 -31.57
N GLY B 111 17.01 5.54 -31.77
CA GLY B 111 16.29 4.37 -31.24
C GLY B 111 15.00 4.00 -31.95
N ILE B 112 14.64 4.75 -33.00
CA ILE B 112 13.48 4.39 -33.86
C ILE B 112 13.94 4.24 -35.32
N GLY B 113 13.49 3.17 -35.97
CA GLY B 113 13.83 2.97 -37.40
C GLY B 113 12.76 3.53 -38.36
N ASP B 114 12.36 2.76 -39.38
CA ASP B 114 11.42 3.29 -40.37
C ASP B 114 10.15 3.91 -39.70
N ALA B 115 9.94 5.21 -39.95
CA ALA B 115 8.82 5.94 -39.35
C ALA B 115 8.13 6.93 -40.29
N LEU B 116 6.83 7.08 -40.01
CA LEU B 116 5.94 8.03 -40.68
C LEU B 116 5.40 9.07 -39.67
N ARG B 117 5.61 10.36 -39.96
CA ARG B 117 4.95 11.43 -39.24
C ARG B 117 3.89 12.08 -40.12
N VAL B 118 2.80 12.51 -39.49
CA VAL B 118 1.74 13.16 -40.25
C VAL B 118 1.20 14.37 -39.52
N GLU B 119 0.68 15.35 -40.26
CA GLU B 119 -0.21 16.34 -39.67
C GLU B 119 -1.62 15.80 -39.87
N ASP B 120 -2.21 15.27 -38.79
CA ASP B 120 -3.48 14.52 -38.88
C ASP B 120 -4.67 15.48 -39.05
N PRO B 121 -5.89 14.96 -39.33
CA PRO B 121 -7.05 15.84 -39.60
C PRO B 121 -7.44 16.79 -38.48
N LEU B 122 -7.03 16.49 -37.25
CA LEU B 122 -7.14 17.40 -36.12
C LEU B 122 -5.87 18.29 -35.94
N GLY B 123 -4.88 18.15 -36.82
CA GLY B 123 -3.75 19.10 -36.79
C GLY B 123 -2.65 18.69 -35.80
N PHE B 124 -2.74 17.43 -35.37
CA PHE B 124 -1.80 16.82 -34.46
C PHE B 124 -0.70 16.07 -35.18
N PRO B 125 0.51 16.18 -34.66
CA PRO B 125 1.67 15.46 -35.20
C PRO B 125 1.76 14.06 -34.64
N TYR B 126 1.28 13.10 -35.42
CA TYR B 126 1.29 11.71 -35.05
C TYR B 126 2.47 11.02 -35.71
N GLU B 127 3.10 10.09 -35.00
CA GLU B 127 4.05 9.17 -35.64
C GLU B 127 3.59 7.74 -35.53
N PHE B 128 3.86 6.97 -36.60
CA PHE B 128 3.64 5.51 -36.62
C PHE B 128 4.97 4.84 -36.94
N PHE B 129 5.40 3.89 -36.10
CA PHE B 129 6.61 3.14 -36.36
C PHE B 129 6.44 1.71 -35.86
N PHE B 130 7.21 0.78 -36.44
CA PHE B 130 7.42 -0.55 -35.90
C PHE B 130 8.83 -0.72 -35.36
N GLU B 131 9.84 -0.40 -36.18
CA GLU B 131 11.24 -0.70 -35.81
C GLU B 131 11.70 0.17 -34.62
N THR B 132 12.34 -0.47 -33.64
CA THR B 132 12.89 0.24 -32.48
C THR B 132 13.95 -0.61 -31.76
N THR B 133 15.02 0.07 -31.33
CA THR B 133 16.14 -0.51 -30.59
C THR B 133 15.67 -0.98 -29.22
N HIS B 134 15.83 -2.27 -29.02
CA HIS B 134 15.52 -2.88 -27.74
C HIS B 134 16.59 -2.55 -26.75
N VAL B 135 16.17 -2.22 -25.53
CA VAL B 135 17.13 -1.90 -24.50
C VAL B 135 16.92 -2.90 -23.35
N GLU B 136 17.72 -2.80 -22.29
CA GLU B 136 17.54 -3.65 -21.11
C GLU B 136 16.20 -3.33 -20.44
N ARG B 137 15.33 -4.32 -20.40
CA ARG B 137 14.04 -4.16 -19.75
C ARG B 137 14.26 -4.15 -18.23
N LEU B 138 13.92 -3.04 -17.57
CA LEU B 138 14.31 -2.89 -16.14
C LEU B 138 13.27 -3.38 -15.13
N HIS B 139 12.33 -4.26 -15.56
CA HIS B 139 11.15 -4.62 -14.74
C HIS B 139 11.45 -5.33 -13.42
N MET B 140 12.63 -5.92 -13.28
CA MET B 140 13.02 -6.56 -12.00
C MET B 140 14.26 -5.92 -11.42
N ARG B 141 14.58 -4.70 -11.88
CA ARG B 141 15.75 -3.96 -11.35
C ARG B 141 15.40 -3.17 -10.07
N TYR B 142 15.01 -3.95 -9.06
CA TYR B 142 14.59 -3.44 -7.77
C TYR B 142 15.69 -2.66 -7.04
N ASP B 143 16.95 -2.87 -7.44
CA ASP B 143 18.06 -2.04 -7.02
C ASP B 143 17.94 -0.64 -7.57
N LEU B 144 17.18 -0.42 -8.66
CA LEU B 144 16.95 0.91 -9.23
C LEU B 144 15.60 1.55 -8.86
N TYR B 145 14.67 0.74 -8.37
CA TYR B 145 13.29 1.12 -8.09
C TYR B 145 13.15 2.28 -7.07
N SER B 146 12.58 3.37 -7.56
CA SER B 146 12.29 4.55 -6.77
C SER B 146 10.98 4.37 -5.99
N ALA B 147 10.84 5.06 -4.86
CA ALA B 147 9.54 5.06 -4.15
C ALA B 147 8.42 5.68 -5.00
N GLY B 148 8.73 6.52 -6.00
CA GLY B 148 7.73 6.99 -6.90
C GLY B 148 7.83 6.47 -8.32
N GLU B 149 8.24 5.21 -8.49
CA GLU B 149 8.74 4.76 -9.81
C GLU B 149 7.68 4.82 -10.87
N LEU B 150 8.06 5.28 -12.06
CA LEU B 150 7.12 5.36 -13.16
C LEU B 150 7.36 4.11 -13.97
N VAL B 151 6.32 3.29 -14.12
CA VAL B 151 6.51 1.92 -14.68
C VAL B 151 6.15 1.65 -16.17
N ARG B 152 5.21 2.42 -16.72
CA ARG B 152 4.84 2.39 -18.16
C ARG B 152 4.37 3.74 -18.61
N LEU B 153 4.41 3.97 -19.94
CA LEU B 153 3.65 5.03 -20.59
C LEU B 153 2.21 4.56 -20.69
N ASP B 154 1.25 5.41 -20.36
CA ASP B 154 -0.13 4.95 -20.43
C ASP B 154 -0.96 5.58 -21.55
N HIS B 155 -0.88 6.90 -21.70
CA HIS B 155 -1.73 7.56 -22.68
C HIS B 155 -1.30 8.97 -22.96
N PHE B 156 -1.88 9.51 -24.02
CA PHE B 156 -1.88 10.94 -24.30
C PHE B 156 -3.30 11.49 -24.03
N ASN B 157 -3.41 12.82 -23.98
CA ASN B 157 -4.68 13.49 -23.94
C ASN B 157 -4.57 14.75 -24.77
N GLN B 158 -5.55 14.94 -25.67
CA GLN B 158 -5.52 15.95 -26.74
C GLN B 158 -6.68 16.94 -26.53
N VAL B 159 -6.43 18.23 -26.65
CA VAL B 159 -7.49 19.24 -26.68
C VAL B 159 -7.87 19.58 -28.14
N THR B 160 -9.17 19.49 -28.44
CA THR B 160 -9.60 19.71 -29.82
C THR B 160 -10.97 20.33 -29.73
N PRO B 161 -11.32 21.26 -30.65
CA PRO B 161 -12.62 21.97 -30.52
C PRO B 161 -13.88 21.18 -30.78
N ASP B 162 -13.80 20.12 -31.62
CA ASP B 162 -15.00 19.38 -32.01
C ASP B 162 -14.77 17.93 -31.67
N VAL B 163 -15.29 17.46 -30.53
CA VAL B 163 -14.97 16.08 -30.10
C VAL B 163 -15.65 15.01 -30.95
N PRO B 164 -16.95 15.22 -31.26
CA PRO B 164 -17.59 14.21 -32.09
C PRO B 164 -16.82 13.94 -33.39
N ARG B 165 -16.30 15.00 -34.02
CA ARG B 165 -15.60 14.89 -35.29
C ARG B 165 -14.34 14.08 -35.12
N GLY B 166 -13.54 14.42 -34.11
CA GLY B 166 -12.31 13.66 -33.85
C GLY B 166 -12.57 12.22 -33.44
N ARG B 167 -13.65 12.01 -32.71
CA ARG B 167 -14.03 10.67 -32.27
C ARG B 167 -14.28 9.73 -33.45
N LYS B 168 -15.01 10.21 -34.44
CA LYS B 168 -15.36 9.38 -35.61
C LYS B 168 -14.12 8.99 -36.37
N TYR B 169 -13.24 9.97 -36.57
CA TYR B 169 -11.95 9.76 -37.22
C TYR B 169 -11.08 8.72 -36.47
N LEU B 170 -11.04 8.80 -35.13
CA LEU B 170 -10.28 7.83 -34.34
C LEU B 170 -10.90 6.43 -34.29
N GLU B 171 -12.24 6.34 -34.35
CA GLU B 171 -12.90 5.01 -34.41
C GLU B 171 -12.56 4.31 -35.74
N ASP B 172 -12.68 5.05 -36.83
CA ASP B 172 -12.30 4.57 -38.17
C ASP B 172 -10.86 4.11 -38.15
N LEU B 173 -9.99 4.84 -37.46
CA LEU B 173 -8.58 4.45 -37.35
C LEU B 173 -8.39 3.22 -36.45
N GLY B 174 -9.46 2.76 -35.81
CA GLY B 174 -9.44 1.48 -35.01
C GLY B 174 -9.40 1.63 -33.49
N PHE B 175 -9.37 2.86 -32.99
CA PHE B 175 -9.59 3.10 -31.53
C PHE B 175 -11.02 2.83 -31.11
N ARG B 176 -11.20 2.20 -29.96
CA ARG B 176 -12.55 1.98 -29.44
C ARG B 176 -12.78 2.87 -28.22
N VAL B 177 -13.90 3.59 -28.25
CA VAL B 177 -14.27 4.53 -27.20
C VAL B 177 -14.76 3.76 -25.97
N THR B 178 -14.18 4.07 -24.84
CA THR B 178 -14.47 3.29 -23.65
C THR B 178 -15.35 4.16 -22.70
N GLU B 179 -15.03 5.46 -22.55
CA GLU B 179 -15.90 6.34 -21.79
C GLU B 179 -16.04 7.69 -22.49
N ASP B 180 -17.11 8.43 -22.15
CA ASP B 180 -17.22 9.81 -22.60
C ASP B 180 -18.00 10.68 -21.60
N ILE B 181 -17.95 11.99 -21.82
CA ILE B 181 -18.74 12.94 -21.07
C ILE B 181 -19.63 13.76 -22.02
N GLN B 182 -20.92 13.75 -21.72
CA GLN B 182 -21.94 14.41 -22.50
C GLN B 182 -22.92 15.14 -21.58
N ASP B 183 -23.72 16.03 -22.15
CA ASP B 183 -24.88 16.57 -21.44
C ASP B 183 -26.21 16.14 -22.09
N ASP B 184 -27.34 16.51 -21.51
CA ASP B 184 -28.67 16.07 -22.04
C ASP B 184 -29.12 16.86 -23.27
N GLU B 185 -28.27 17.75 -23.69
CA GLU B 185 -28.59 18.67 -24.80
C GLU B 185 -27.76 18.37 -26.03
N GLY B 186 -27.16 17.19 -26.15
CA GLY B 186 -26.46 16.91 -27.38
C GLY B 186 -24.96 17.19 -27.44
N THR B 187 -24.40 17.83 -26.41
CA THR B 187 -22.95 18.26 -26.40
C THR B 187 -22.04 17.14 -25.80
N THR B 188 -20.97 16.81 -26.52
CA THR B 188 -19.87 15.96 -26.03
C THR B 188 -18.69 16.81 -25.62
N TYR B 189 -18.24 16.66 -24.36
CA TYR B 189 -17.13 17.48 -23.78
C TYR B 189 -15.80 16.75 -23.74
N ALA B 190 -15.83 15.39 -23.77
CA ALA B 190 -14.61 14.62 -23.76
C ALA B 190 -14.86 13.17 -24.14
N ALA B 191 -13.85 12.51 -24.70
CA ALA B 191 -13.96 11.09 -25.05
C ALA B 191 -12.64 10.34 -24.82
N TRP B 192 -12.75 9.08 -24.39
CA TRP B 192 -11.56 8.21 -24.10
C TRP B 192 -11.54 7.01 -25.08
N MET B 193 -10.38 6.67 -25.63
CA MET B 193 -10.34 5.58 -26.64
C MET B 193 -9.04 4.78 -26.58
N HIS B 194 -9.14 3.47 -26.87
CA HIS B 194 -8.01 2.57 -26.64
C HIS B 194 -7.74 1.63 -27.84
N ARG B 195 -6.48 1.15 -27.88
CA ARG B 195 -6.07 -0.03 -28.66
C ARG B 195 -5.58 -1.16 -27.77
N LYS B 196 -4.79 -0.82 -26.73
CA LYS B 196 -4.09 -1.88 -25.95
C LYS B 196 -4.88 -2.57 -24.80
N GLY B 197 -6.12 -2.17 -24.58
CA GLY B 197 -6.98 -2.91 -23.64
C GLY B 197 -6.94 -2.34 -22.23
N THR B 198 -6.49 -1.08 -22.09
CA THR B 198 -6.70 -0.31 -20.88
C THR B 198 -7.77 0.73 -21.27
N VAL B 199 -8.08 1.70 -20.44
CA VAL B 199 -9.17 2.62 -20.73
C VAL B 199 -8.84 3.51 -21.96
N HIS B 200 -7.57 3.94 -22.08
CA HIS B 200 -7.17 4.66 -23.29
C HIS B 200 -5.71 4.56 -23.74
N ASP B 201 -5.45 4.83 -25.03
CA ASP B 201 -4.16 5.23 -25.52
C ASP B 201 -4.15 6.73 -25.87
N THR B 202 -5.30 7.29 -26.26
CA THR B 202 -5.42 8.76 -26.30
C THR B 202 -6.82 9.09 -25.85
N ALA B 203 -7.14 10.38 -25.78
CA ALA B 203 -8.43 10.87 -25.41
C ALA B 203 -8.56 12.26 -26.02
N LEU B 204 -9.80 12.72 -26.19
CA LEU B 204 -10.09 14.05 -26.69
C LEU B 204 -10.71 14.91 -25.58
N THR B 205 -10.14 16.08 -25.29
CA THR B 205 -10.71 17.00 -24.33
C THR B 205 -11.16 18.20 -25.09
N GLY B 206 -12.45 18.47 -25.02
CA GLY B 206 -13.01 19.64 -25.69
C GLY B 206 -12.33 20.95 -25.30
N GLY B 207 -11.87 21.72 -26.29
CA GLY B 207 -11.28 23.07 -26.04
C GLY B 207 -10.65 23.66 -27.30
N ASN B 208 -10.09 24.86 -27.21
CA ASN B 208 -9.29 25.47 -28.29
C ASN B 208 -8.11 24.56 -28.60
N GLY B 209 -7.94 24.22 -29.87
CA GLY B 209 -6.91 23.24 -30.21
C GLY B 209 -6.55 23.33 -31.69
N PRO B 210 -5.53 22.55 -32.13
CA PRO B 210 -4.75 21.52 -31.41
C PRO B 210 -3.81 22.07 -30.30
N ARG B 211 -3.99 21.56 -29.09
CA ARG B 211 -3.01 21.67 -27.99
C ARG B 211 -2.91 20.26 -27.36
N LEU B 212 -1.73 19.91 -26.81
CA LEU B 212 -1.57 18.63 -26.10
C LEU B 212 -2.03 18.88 -24.67
N HIS B 213 -3.00 18.11 -24.18
CA HIS B 213 -3.37 18.28 -22.77
C HIS B 213 -2.33 17.71 -21.80
N HIS B 214 -1.95 16.45 -21.99
CA HIS B 214 -0.95 15.84 -21.12
C HIS B 214 -0.48 14.50 -21.69
N VAL B 215 0.62 14.02 -21.14
CA VAL B 215 1.16 12.65 -21.34
C VAL B 215 1.08 12.00 -19.94
N ALA B 216 0.64 10.73 -19.89
CA ALA B 216 0.47 10.01 -18.63
C ALA B 216 1.37 8.82 -18.47
N PHE B 217 1.93 8.67 -17.28
CA PHE B 217 2.69 7.47 -16.94
C PHE B 217 1.99 6.76 -15.81
N SER B 218 2.13 5.44 -15.77
CA SER B 218 1.57 4.65 -14.66
CA SER B 218 1.59 4.58 -14.69
C SER B 218 2.56 4.34 -13.54
N THR B 219 2.03 4.09 -12.33
CA THR B 219 2.83 3.50 -11.20
C THR B 219 2.20 2.13 -10.92
N HIS B 220 2.80 1.29 -10.07
CA HIS B 220 2.18 0.04 -9.64
C HIS B 220 1.04 0.27 -8.69
N GLU B 221 1.30 1.15 -7.72
CA GLU B 221 0.44 1.32 -6.57
C GLU B 221 0.13 2.77 -6.23
N LYS B 222 -0.93 2.96 -5.43
CA LYS B 222 -1.41 4.32 -5.16
C LYS B 222 -0.39 5.09 -4.29
N HIS B 223 0.30 4.35 -3.41
CA HIS B 223 1.37 4.91 -2.57
C HIS B 223 2.50 5.51 -3.37
N ASN B 224 2.71 5.02 -4.57
CA ASN B 224 3.80 5.57 -5.40
C ASN B 224 3.48 6.98 -5.88
N ILE B 225 2.22 7.23 -6.17
CA ILE B 225 1.76 8.56 -6.58
C ILE B 225 1.81 9.56 -5.37
N ILE B 226 1.47 9.05 -4.19
CA ILE B 226 1.50 9.82 -2.93
CA ILE B 226 1.51 9.84 -2.95
C ILE B 226 2.93 10.31 -2.72
N GLN B 227 3.90 9.42 -2.94
CA GLN B 227 5.33 9.77 -2.77
C GLN B 227 5.80 10.89 -3.69
N ILE B 228 5.31 10.94 -4.93
CA ILE B 228 5.72 12.00 -5.85
C ILE B 228 5.32 13.35 -5.26
N CYS B 229 4.07 13.43 -4.79
CA CYS B 229 3.55 14.61 -4.02
C CYS B 229 4.44 14.92 -2.82
N ASP B 230 4.77 13.87 -2.04
CA ASP B 230 5.61 14.03 -0.84
C ASP B 230 7.00 14.57 -1.18
N LYS B 231 7.61 13.98 -2.23
CA LYS B 231 8.93 14.46 -2.72
C LYS B 231 8.83 15.90 -3.23
N MET B 232 7.74 16.27 -3.88
CA MET B 232 7.67 17.66 -4.48
C MET B 232 7.50 18.70 -3.35
N GLY B 233 6.85 18.22 -2.29
CA GLY B 233 6.73 18.95 -1.02
C GLY B 233 8.08 19.16 -0.37
N ALA B 234 8.85 18.08 -0.24
CA ALA B 234 10.26 18.17 0.27
C ALA B 234 11.17 19.09 -0.56
N LEU B 235 11.04 19.07 -1.89
CA LEU B 235 11.84 19.92 -2.78
C LEU B 235 11.30 21.33 -2.87
N ARG B 236 10.20 21.60 -2.16
CA ARG B 236 9.57 22.93 -2.16
C ARG B 236 9.15 23.37 -3.57
N ILE B 237 8.59 22.41 -4.32
CA ILE B 237 7.99 22.67 -5.65
C ILE B 237 6.54 22.14 -5.69
N SER B 238 5.86 22.20 -4.54
CA SER B 238 4.41 21.89 -4.49
C SER B 238 3.59 22.80 -5.43
N ASP B 239 4.12 23.98 -5.80
CA ASP B 239 3.41 24.82 -6.75
C ASP B 239 3.40 24.21 -8.17
N ARG B 240 4.20 23.17 -8.37
CA ARG B 240 4.22 22.45 -9.65
C ARG B 240 3.24 21.27 -9.63
N ILE B 241 2.54 21.08 -8.50
CA ILE B 241 1.43 20.14 -8.44
C ILE B 241 0.19 20.93 -8.87
N GLU B 242 -0.36 20.54 -10.01
CA GLU B 242 -1.46 21.34 -10.56
C GLU B 242 -2.77 20.94 -9.88
N ARG B 243 -3.05 19.63 -9.81
CA ARG B 243 -4.36 19.14 -9.43
C ARG B 243 -4.21 17.68 -8.98
N GLY B 244 -4.84 17.34 -7.87
CA GLY B 244 -4.72 15.97 -7.36
C GLY B 244 -4.01 15.97 -6.04
N PRO B 245 -3.73 14.78 -5.53
CA PRO B 245 -4.07 13.43 -6.15
C PRO B 245 -5.55 13.08 -5.91
N GLY B 246 -6.10 12.10 -6.63
CA GLY B 246 -7.55 11.85 -6.50
C GLY B 246 -7.94 10.51 -7.12
N ARG B 247 -9.22 10.16 -7.11
CA ARG B 247 -9.73 9.01 -7.85
C ARG B 247 -10.52 9.60 -8.98
N HIS B 248 -10.22 9.23 -10.23
CA HIS B 248 -11.04 9.64 -11.34
C HIS B 248 -12.42 8.90 -11.27
N GLY B 249 -13.50 9.54 -11.75
CA GLY B 249 -14.71 8.83 -12.09
C GLY B 249 -14.42 8.09 -13.39
N VAL B 250 -14.37 8.88 -14.47
CA VAL B 250 -14.07 8.33 -15.78
C VAL B 250 -12.75 7.61 -15.65
N SER B 251 -12.73 6.31 -15.97
CA SER B 251 -11.52 5.51 -15.89
C SER B 251 -11.30 4.81 -14.58
N ASN B 252 -11.83 5.35 -13.49
CA ASN B 252 -11.64 4.77 -12.13
C ASN B 252 -10.20 4.78 -11.65
N ALA B 253 -9.29 5.49 -12.32
CA ALA B 253 -7.85 5.38 -12.02
C ALA B 253 -7.50 6.34 -10.86
N PHE B 254 -6.52 6.01 -10.01
CA PHE B 254 -5.90 7.00 -9.12
C PHE B 254 -4.92 7.91 -9.91
N TYR B 255 -4.86 9.21 -9.63
CA TYR B 255 -4.22 10.10 -10.55
C TYR B 255 -3.52 11.30 -9.88
N LEU B 256 -2.60 11.96 -10.59
CA LEU B 256 -2.05 13.26 -10.14
C LEU B 256 -1.69 14.00 -11.37
N TYR B 257 -1.86 15.35 -11.41
CA TYR B 257 -1.33 16.17 -12.49
C TYR B 257 -0.21 17.21 -12.03
N ILE B 258 0.93 17.22 -12.69
CA ILE B 258 2.07 18.04 -12.32
C ILE B 258 2.56 18.76 -13.60
N LEU B 259 3.26 19.89 -13.44
CA LEU B 259 3.70 20.77 -14.52
C LEU B 259 5.23 20.79 -14.66
N ASP B 260 5.75 20.47 -15.84
CA ASP B 260 7.19 20.51 -16.01
C ASP B 260 7.61 22.02 -16.23
N PRO B 261 8.94 22.31 -16.31
CA PRO B 261 9.44 23.69 -16.35
C PRO B 261 8.92 24.53 -17.50
N ASP B 262 8.53 23.88 -18.60
CA ASP B 262 7.86 24.56 -19.71
C ASP B 262 6.33 24.48 -19.66
N ASN B 263 5.83 24.05 -18.52
CA ASN B 263 4.40 23.89 -18.24
C ASN B 263 3.78 22.83 -19.12
N HIS B 264 4.58 21.86 -19.60
CA HIS B 264 3.94 20.65 -20.19
C HIS B 264 3.32 19.90 -19.02
N ARG B 265 2.05 19.48 -19.15
CA ARG B 265 1.37 18.78 -18.06
C ARG B 265 1.63 17.27 -18.13
N ILE B 266 2.04 16.67 -17.00
CA ILE B 266 2.23 15.22 -16.88
C ILE B 266 1.23 14.64 -15.87
N GLU B 267 0.57 13.57 -16.28
CA GLU B 267 -0.31 12.82 -15.39
C GLU B 267 0.39 11.59 -14.89
N ILE B 268 0.15 11.28 -13.62
CA ILE B 268 0.63 10.01 -13.04
C ILE B 268 -0.65 9.22 -12.67
N TYR B 269 -0.68 7.93 -12.99
CA TYR B 269 -1.93 7.20 -13.23
C TYR B 269 -1.74 5.77 -12.77
N THR B 270 -2.77 5.16 -12.16
CA THR B 270 -2.74 3.69 -11.87
C THR B 270 -4.12 3.04 -11.74
N GLN B 271 -4.20 1.77 -12.12
CA GLN B 271 -5.31 0.96 -11.73
C GLN B 271 -6.69 1.28 -12.37
N ASP B 272 -6.68 1.55 -13.68
CA ASP B 272 -7.94 1.47 -14.39
C ASP B 272 -8.21 -0.01 -14.69
N TYR B 273 -9.18 -0.30 -15.56
CA TYR B 273 -9.67 -1.66 -15.80
C TYR B 273 -9.45 -2.14 -17.28
N TYR B 274 -9.70 -3.42 -17.51
CA TYR B 274 -9.51 -4.14 -18.78
C TYR B 274 -10.61 -3.82 -19.75
N THR B 275 -10.27 -3.49 -20.98
CA THR B 275 -11.26 -3.04 -21.99
C THR B 275 -11.12 -3.76 -23.33
N GLY B 276 -10.26 -4.77 -23.40
CA GLY B 276 -9.98 -5.47 -24.64
C GLY B 276 -11.06 -6.28 -25.33
N ASP B 277 -12.12 -6.66 -24.63
CA ASP B 277 -13.25 -7.29 -25.29
C ASP B 277 -13.92 -6.28 -26.23
N PRO B 278 -14.31 -6.77 -27.43
CA PRO B 278 -14.77 -5.87 -28.48
C PRO B 278 -16.13 -5.23 -28.14
N ASP B 279 -16.88 -5.84 -27.24
CA ASP B 279 -18.19 -5.29 -26.81
C ASP B 279 -18.13 -4.65 -25.39
N ASN B 280 -16.91 -4.26 -25.01
CA ASN B 280 -16.68 -3.56 -23.72
C ASN B 280 -17.76 -2.49 -23.54
N PRO B 281 -18.47 -2.51 -22.38
CA PRO B 281 -19.56 -1.54 -22.21
C PRO B 281 -19.01 -0.12 -22.19
N THR B 282 -19.59 0.78 -22.99
CA THR B 282 -19.18 2.19 -23.01
C THR B 282 -19.85 2.90 -21.83
N ILE B 283 -19.17 3.83 -21.16
CA ILE B 283 -19.82 4.49 -20.02
C ILE B 283 -19.94 5.95 -20.40
N THR B 284 -21.14 6.52 -20.31
CA THR B 284 -21.34 7.93 -20.49
C THR B 284 -21.65 8.61 -19.13
N TRP B 285 -20.92 9.70 -18.83
CA TRP B 285 -21.16 10.50 -17.62
C TRP B 285 -21.78 11.80 -18.06
N ASN B 286 -22.72 12.28 -17.27
CA ASN B 286 -23.22 13.65 -17.43
C ASN B 286 -22.20 14.64 -16.94
N VAL B 287 -22.02 15.72 -17.71
CA VAL B 287 -21.05 16.78 -17.46
C VAL B 287 -21.33 17.49 -16.11
N HIS B 288 -22.57 17.51 -15.65
CA HIS B 288 -22.90 18.15 -14.34
C HIS B 288 -22.65 17.27 -13.13
N ASP B 289 -22.26 16.01 -13.37
CA ASP B 289 -22.05 15.03 -12.29
C ASP B 289 -20.71 15.36 -11.62
N ASN B 290 -20.77 15.80 -10.35
CA ASN B 290 -19.55 16.27 -9.64
C ASN B 290 -18.62 15.14 -9.16
N GLN B 291 -18.95 13.88 -9.47
CA GLN B 291 -18.06 12.74 -9.24
C GLN B 291 -17.46 12.17 -10.53
N ARG B 292 -17.70 12.79 -11.69
CA ARG B 292 -17.19 12.30 -12.97
C ARG B 292 -15.67 12.48 -13.22
N ARG B 293 -15.08 13.56 -12.74
CA ARG B 293 -13.67 13.79 -12.96
C ARG B 293 -12.85 13.43 -11.71
N ASP B 294 -13.24 13.97 -10.56
CA ASP B 294 -12.76 13.51 -9.29
C ASP B 294 -13.97 12.90 -8.55
N TRP B 295 -13.85 11.62 -8.20
CA TRP B 295 -14.90 10.77 -7.65
C TRP B 295 -15.26 11.17 -6.24
N TRP B 296 -14.32 11.83 -5.57
CA TRP B 296 -14.49 12.27 -4.18
C TRP B 296 -15.13 13.66 -4.20
N GLY B 297 -15.41 14.16 -5.43
CA GLY B 297 -16.00 15.48 -5.62
C GLY B 297 -15.11 16.72 -5.41
N ASN B 298 -13.78 16.57 -5.41
CA ASN B 298 -12.86 17.74 -5.25
C ASN B 298 -12.94 18.58 -6.54
N PRO B 299 -12.81 19.93 -6.41
CA PRO B 299 -13.09 20.73 -7.56
C PRO B 299 -12.00 20.55 -8.63
N VAL B 300 -12.36 20.67 -9.89
CA VAL B 300 -11.35 20.56 -10.93
C VAL B 300 -10.71 21.93 -11.08
N VAL B 301 -9.37 21.99 -11.01
CA VAL B 301 -8.72 23.29 -10.98
C VAL B 301 -8.87 23.95 -12.36
N PRO B 302 -9.10 25.28 -12.37
CA PRO B 302 -9.46 25.96 -13.63
C PRO B 302 -8.42 25.80 -14.75
N SER B 303 -7.14 25.78 -14.36
CA SER B 303 -6.06 25.76 -15.33
C SER B 303 -6.11 24.45 -16.11
N TRP B 304 -6.74 23.44 -15.48
CA TRP B 304 -6.88 22.12 -16.09
C TRP B 304 -7.70 22.29 -17.38
N TYR B 305 -8.72 23.13 -17.30
CA TYR B 305 -9.59 23.41 -18.43
C TYR B 305 -9.06 24.47 -19.36
N THR B 306 -8.28 25.43 -18.88
CA THR B 306 -7.83 26.54 -19.76
C THR B 306 -6.43 26.35 -20.41
N GLU B 307 -5.51 25.60 -19.76
CA GLU B 307 -4.11 25.49 -20.22
C GLU B 307 -3.73 24.17 -20.86
N ALA B 308 -2.90 24.25 -21.91
CA ALA B 308 -2.40 23.10 -22.61
C ALA B 308 -1.25 23.55 -23.53
N SER B 309 -0.44 22.59 -23.98
CA SER B 309 0.78 22.91 -24.71
C SER B 309 0.45 23.11 -26.16
N LYS B 310 1.16 24.03 -26.80
CA LYS B 310 1.25 24.07 -28.27
C LYS B 310 1.68 22.75 -28.88
N VAL B 311 1.33 22.56 -30.17
CA VAL B 311 1.82 21.44 -30.98
C VAL B 311 2.45 22.01 -32.28
N LEU B 312 3.39 21.29 -32.83
CA LEU B 312 4.12 21.72 -34.02
C LEU B 312 3.60 21.02 -35.25
N ASP B 313 3.76 21.70 -36.40
CA ASP B 313 3.56 21.05 -37.68
C ASP B 313 4.86 20.32 -38.10
N LEU B 314 4.89 19.75 -39.31
CA LEU B 314 6.08 19.02 -39.75
C LEU B 314 7.29 19.92 -40.03
N ASP B 315 7.06 21.23 -40.15
CA ASP B 315 8.16 22.18 -40.39
C ASP B 315 8.73 22.74 -39.13
N GLY B 316 8.07 22.43 -38.02
CA GLY B 316 8.57 22.83 -36.73
C GLY B 316 7.91 24.11 -36.29
N ASN B 317 6.88 24.56 -37.00
CA ASN B 317 6.10 25.73 -36.55
C ASN B 317 4.85 25.32 -35.79
N VAL B 318 4.42 26.18 -34.87
CA VAL B 318 3.29 25.94 -34.00
C VAL B 318 2.05 25.96 -34.87
N GLN B 319 1.19 24.96 -34.66
CA GLN B 319 -0.11 24.89 -35.35
C GLN B 319 -1.02 26.02 -34.86
N GLU B 320 -1.69 26.67 -35.81
CA GLU B 320 -2.67 27.69 -35.41
C GLU B 320 -3.83 27.05 -34.64
N ILE B 321 -4.33 27.79 -33.68
CA ILE B 321 -5.31 27.28 -32.74
C ILE B 321 -6.73 27.65 -33.14
N ILE B 322 -7.59 26.64 -33.18
CA ILE B 322 -8.97 26.88 -33.59
C ILE B 322 -9.84 26.85 -32.34
N GLU B 323 -10.68 27.89 -32.20
CA GLU B 323 -11.49 28.05 -30.99
C GLU B 323 -12.62 27.03 -30.93
N ARG B 324 -12.90 26.48 -29.75
CA ARG B 324 -14.11 25.67 -29.54
C ARG B 324 -15.34 26.59 -29.58
N THR B 325 -16.41 26.17 -30.26
CA THR B 325 -17.67 26.95 -30.29
C THR B 325 -18.72 26.22 -29.46
N ASP B 326 -18.52 24.92 -29.22
CA ASP B 326 -19.42 24.11 -28.38
C ASP B 326 -19.32 24.60 -26.95
N ASP B 327 -20.24 24.16 -26.09
CA ASP B 327 -20.22 24.61 -24.68
C ASP B 327 -18.91 24.23 -24.00
N SER B 328 -18.52 25.08 -23.04
CA SER B 328 -17.29 24.90 -22.28
C SER B 328 -17.60 24.11 -21.02
N GLU B 329 -16.87 23.03 -20.78
CA GLU B 329 -16.99 22.27 -19.53
C GLU B 329 -16.75 23.12 -18.26
N LEU B 330 -15.66 23.89 -18.27
CA LEU B 330 -15.46 24.89 -17.20
C LEU B 330 -16.73 25.68 -16.88
N GLU B 331 -17.32 26.24 -17.90
CA GLU B 331 -18.41 27.21 -17.70
C GLU B 331 -19.68 26.54 -17.25
N VAL B 332 -19.98 25.38 -17.79
CA VAL B 332 -21.24 24.76 -17.42
C VAL B 332 -21.17 24.16 -16.01
N THR B 333 -19.99 23.99 -15.42
CA THR B 333 -19.93 23.25 -14.15
C THR B 333 -19.47 24.10 -12.99
N ILE B 334 -18.44 24.91 -13.22
CA ILE B 334 -17.81 25.72 -12.16
C ILE B 334 -17.83 27.25 -12.42
N GLY B 335 -18.31 27.64 -13.60
CA GLY B 335 -18.46 29.03 -14.00
C GLY B 335 -19.63 29.70 -13.30
N ALA B 336 -19.76 31.01 -13.51
CA ALA B 336 -20.80 31.84 -12.87
C ALA B 336 -22.25 31.35 -13.12
N ASP B 337 -22.52 30.79 -14.29
CA ASP B 337 -23.85 30.20 -14.54
C ASP B 337 -23.74 28.65 -14.58
N GLY B 338 -22.78 28.10 -13.84
CA GLY B 338 -22.51 26.64 -13.84
C GLY B 338 -23.32 25.91 -12.81
N PHE B 339 -23.37 24.57 -12.92
CA PHE B 339 -24.10 23.77 -12.02
C PHE B 339 -23.42 22.37 -11.96
N SER B 340 -23.43 21.77 -10.78
N SER B 340 -23.36 21.79 -10.77
CA SER B 340 -22.97 20.41 -10.61
CA SER B 340 -22.96 20.39 -10.59
C SER B 340 -23.76 19.81 -9.45
C SER B 340 -23.63 19.81 -9.36
N PHE B 341 -23.76 18.49 -9.33
CA PHE B 341 -24.57 17.80 -8.35
C PHE B 341 -23.77 16.60 -7.82
N THR B 342 -24.09 16.19 -6.60
CA THR B 342 -23.58 14.93 -6.03
C THR B 342 -24.52 13.77 -6.36
N ARG B 343 -25.82 13.99 -6.15
CA ARG B 343 -26.85 12.97 -6.41
C ARG B 343 -27.84 13.62 -7.35
N ALA B 344 -28.08 12.98 -8.50
CA ALA B 344 -29.02 13.50 -9.51
C ALA B 344 -30.39 13.74 -8.91
N GLY B 345 -30.90 14.95 -9.14
CA GLY B 345 -32.24 15.33 -8.69
C GLY B 345 -32.30 15.69 -7.22
N ASP B 346 -31.13 15.82 -6.58
CA ASP B 346 -31.08 16.27 -5.20
C ASP B 346 -30.39 17.62 -5.16
N GLU B 347 -30.97 18.55 -4.40
CA GLU B 347 -30.47 19.93 -4.33
C GLU B 347 -29.36 20.04 -3.34
N ASP B 348 -29.51 19.26 -2.29
CA ASP B 348 -28.49 19.10 -1.29
CA ASP B 348 -28.49 19.10 -1.28
C ASP B 348 -27.27 18.50 -1.97
N GLY B 349 -26.12 19.12 -1.76
CA GLY B 349 -24.83 18.67 -2.31
C GLY B 349 -24.70 19.04 -3.79
N SER B 350 -25.54 19.97 -4.23
CA SER B 350 -25.45 20.61 -5.56
C SER B 350 -24.76 21.95 -5.41
N TYR B 351 -24.19 22.40 -6.52
CA TYR B 351 -23.44 23.63 -6.56
C TYR B 351 -23.95 24.45 -7.74
N HIS B 352 -24.21 25.72 -7.46
CA HIS B 352 -24.67 26.68 -8.46
C HIS B 352 -23.71 27.86 -8.56
N GLY B 353 -23.22 28.14 -9.76
CA GLY B 353 -22.37 29.35 -10.02
C GLY B 353 -21.02 29.34 -9.29
N GLN B 354 -20.59 28.15 -8.89
CA GLN B 354 -19.32 27.96 -8.20
C GLN B 354 -18.85 26.51 -8.16
N ALA B 355 -17.63 26.32 -7.69
CA ALA B 355 -17.00 25.00 -7.54
C ALA B 355 -17.42 24.27 -6.22
N SER B 356 -17.02 22.99 -6.08
CA SER B 356 -17.37 22.21 -4.91
C SER B 356 -16.43 22.59 -3.76
N LYS B 357 -16.68 22.07 -2.55
CA LYS B 357 -15.79 22.28 -1.38
C LYS B 357 -15.58 23.75 -0.91
N GLY B 358 -16.39 24.69 -1.40
CA GLY B 358 -16.37 26.04 -0.79
C GLY B 358 -15.56 27.05 -1.56
N PHE B 359 -15.23 26.66 -2.78
CA PHE B 359 -14.41 27.48 -3.66
C PHE B 359 -15.14 28.13 -4.84
N LYS B 360 -14.61 29.28 -5.25
CA LYS B 360 -14.97 29.93 -6.51
C LYS B 360 -13.72 30.03 -7.37
N LEU B 361 -13.89 30.29 -8.65
CA LEU B 361 -12.77 30.57 -9.57
C LEU B 361 -12.02 31.82 -9.19
N GLY B 362 -10.70 31.72 -9.11
CA GLY B 362 -9.86 32.85 -8.73
C GLY B 362 -9.66 33.80 -9.91
N GLU C 4 15.46 -15.02 41.45
CA GLU C 4 16.89 -15.24 41.76
C GLU C 4 17.75 -13.96 41.52
N ILE C 5 17.36 -13.06 40.63
CA ILE C 5 18.04 -11.77 40.64
C ILE C 5 17.28 -10.83 41.61
N PRO C 6 17.90 -10.43 42.74
CA PRO C 6 16.99 -9.70 43.69
C PRO C 6 16.74 -8.31 43.19
N LYS C 7 15.64 -7.68 43.62
CA LYS C 7 15.42 -6.26 43.35
C LYS C 7 16.27 -5.35 44.26
N PRO C 8 17.11 -4.46 43.66
CA PRO C 8 17.78 -3.38 44.38
C PRO C 8 16.87 -2.41 45.10
N VAL C 9 17.38 -1.87 46.21
CA VAL C 9 16.68 -0.85 46.93
C VAL C 9 16.84 0.49 46.21
N ALA C 10 17.96 0.66 45.52
CA ALA C 10 18.20 1.83 44.65
C ALA C 10 17.11 1.93 43.57
N PRO C 11 16.60 3.15 43.34
CA PRO C 11 15.56 3.32 42.29
C PRO C 11 16.08 2.98 40.88
N ALA C 12 15.25 2.32 40.06
CA ALA C 12 15.58 2.01 38.68
C ALA C 12 15.77 3.31 37.90
N PRO C 13 16.71 3.33 36.93
CA PRO C 13 16.72 4.48 36.03
C PRO C 13 15.44 4.52 35.26
N ASP C 14 14.98 5.72 34.93
CA ASP C 14 13.78 5.89 34.10
C ASP C 14 14.11 5.65 32.61
N ILE C 15 13.68 4.53 32.06
CA ILE C 15 14.05 4.20 30.68
C ILE C 15 12.97 4.67 29.73
N LEU C 16 13.37 5.52 28.77
CA LEU C 16 12.50 5.92 27.66
C LEU C 16 12.27 4.85 26.59
N ARG C 17 13.32 4.22 26.07
CA ARG C 17 13.20 3.39 24.84
C ARG C 17 14.51 2.78 24.48
N CYS C 18 14.53 1.71 23.68
CA CYS C 18 15.79 1.29 23.07
C CYS C 18 16.27 2.46 22.20
N ALA C 19 17.59 2.74 22.17
CA ALA C 19 18.07 3.89 21.40
C ALA C 19 19.03 3.60 20.25
N TYR C 20 20.06 2.79 20.52
CA TYR C 20 20.99 2.36 19.47
C TYR C 20 21.69 1.06 19.84
N ALA C 21 22.25 0.36 18.85
CA ALA C 21 23.16 -0.78 19.11
C ALA C 21 24.53 -0.48 18.51
N GLU C 22 25.57 -0.91 19.19
CA GLU C 22 26.91 -0.86 18.64
C GLU C 22 27.30 -2.30 18.35
N LEU C 23 27.49 -2.59 17.06
CA LEU C 23 27.89 -3.91 16.58
C LEU C 23 29.31 -3.87 16.05
N VAL C 24 30.14 -4.83 16.45
CA VAL C 24 31.47 -4.98 15.85
C VAL C 24 31.33 -5.78 14.53
N VAL C 25 32.03 -5.32 13.50
CA VAL C 25 32.01 -5.93 12.16
C VAL C 25 33.47 -6.13 11.70
N THR C 26 33.72 -7.04 10.76
CA THR C 26 35.09 -7.43 10.44
C THR C 26 35.59 -6.68 9.21
N ASP C 27 34.70 -6.42 8.25
CA ASP C 27 35.05 -5.61 7.10
C ASP C 27 34.15 -4.37 7.02
N LEU C 28 34.66 -3.21 7.49
CA LEU C 28 33.84 -1.97 7.50
C LEU C 28 33.18 -1.67 6.15
N ALA C 29 33.95 -1.73 5.07
CA ALA C 29 33.43 -1.40 3.73
C ALA C 29 32.21 -2.23 3.35
N LYS C 30 32.26 -3.53 3.66
CA LYS C 30 31.19 -4.43 3.23
C LYS C 30 29.96 -4.20 4.05
N SER C 31 30.17 -4.01 5.35
CA SER C 31 29.10 -3.63 6.24
C SER C 31 28.45 -2.32 5.79
N ARG C 32 29.24 -1.30 5.46
CA ARG C 32 28.67 -0.08 4.86
C ARG C 32 27.78 -0.37 3.60
N ASN C 33 28.28 -1.18 2.66
CA ASN C 33 27.45 -1.58 1.49
C ASN C 33 26.09 -2.11 1.91
N PHE C 34 26.06 -2.93 2.96
CA PHE C 34 24.80 -3.54 3.39
C PHE C 34 23.89 -2.50 4.04
N TYR C 35 24.39 -1.77 5.04
CA TYR C 35 23.56 -0.89 5.80
C TYR C 35 23.19 0.38 5.10
N VAL C 36 24.11 0.94 4.32
CA VAL C 36 23.83 2.18 3.58
C VAL C 36 23.30 1.88 2.14
N ASP C 37 24.04 1.14 1.33
CA ASP C 37 23.64 1.01 -0.07
C ASP C 37 22.46 0.07 -0.28
N VAL C 38 22.40 -1.00 0.52
CA VAL C 38 21.27 -1.90 0.42
C VAL C 38 20.10 -1.39 1.26
N LEU C 39 20.31 -1.05 2.54
CA LEU C 39 19.18 -0.74 3.43
C LEU C 39 18.80 0.73 3.55
N GLY C 40 19.67 1.60 3.06
CA GLY C 40 19.38 3.02 2.95
C GLY C 40 19.44 3.81 4.26
N LEU C 41 20.12 3.27 5.27
CA LEU C 41 20.31 4.03 6.52
C LEU C 41 21.22 5.26 6.26
N HIS C 42 21.06 6.27 7.14
CA HIS C 42 21.59 7.62 6.91
C HIS C 42 22.77 7.90 7.80
N VAL C 43 23.84 8.40 7.16
CA VAL C 43 25.14 8.60 7.82
C VAL C 43 25.14 9.86 8.67
N SER C 44 25.43 9.68 9.96
CA SER C 44 25.55 10.81 10.87
C SER C 44 27.01 11.25 11.14
N TYR C 45 27.93 10.33 10.84
CA TYR C 45 29.35 10.48 10.98
C TYR C 45 29.99 9.17 10.47
N GLU C 46 31.13 9.27 9.75
CA GLU C 46 31.92 8.06 9.43
C GLU C 46 33.44 8.37 9.31
N ASP C 47 34.26 7.40 9.69
CA ASP C 47 35.68 7.51 9.47
C ASP C 47 36.18 6.15 9.03
N GLU C 48 37.48 5.90 9.14
CA GLU C 48 38.11 4.63 8.74
CA GLU C 48 37.98 4.60 8.67
C GLU C 48 37.80 3.46 9.66
N ASN C 49 37.27 3.76 10.85
CA ASN C 49 37.04 2.75 11.92
C ASN C 49 35.59 2.43 12.25
N GLN C 50 34.72 3.41 12.02
CA GLN C 50 33.35 3.40 12.48
C GLN C 50 32.39 4.04 11.49
N ILE C 51 31.20 3.44 11.39
CA ILE C 51 30.04 4.09 10.76
C ILE C 51 28.84 4.36 11.73
N TYR C 52 28.43 5.61 11.81
CA TYR C 52 27.30 6.03 12.59
C TYR C 52 26.09 6.26 11.67
N LEU C 53 25.00 5.51 11.94
CA LEU C 53 23.84 5.50 11.08
C LEU C 53 22.55 5.77 11.88
N ARG C 54 21.56 6.44 11.23
CA ARG C 54 20.25 6.64 11.81
C ARG C 54 19.08 6.39 10.82
N SER C 55 17.89 6.29 11.39
CA SER C 55 16.69 6.00 10.65
C SER C 55 16.05 7.32 10.25
N PHE C 56 15.07 7.22 9.35
CA PHE C 56 14.47 8.41 8.74
C PHE C 56 13.84 9.41 9.71
N GLU C 57 13.25 8.91 10.80
CA GLU C 57 12.53 9.81 11.72
C GLU C 57 13.27 10.19 13.01
N GLU C 58 14.55 9.88 13.06
CA GLU C 58 15.31 10.00 14.30
C GLU C 58 15.94 11.40 14.40
N PHE C 59 16.02 11.98 15.64
CA PHE C 59 16.67 13.29 15.86
C PHE C 59 17.93 13.16 16.73
N ILE C 60 18.06 12.03 17.47
CA ILE C 60 19.27 11.76 18.21
C ILE C 60 20.37 11.30 17.25
N HIS C 61 21.62 11.35 17.71
CA HIS C 61 22.74 11.23 16.79
C HIS C 61 22.70 9.98 15.89
N HIS C 62 22.42 8.81 16.45
CA HIS C 62 22.41 7.55 15.66
C HIS C 62 21.51 6.51 16.31
N ASN C 63 21.18 5.47 15.52
CA ASN C 63 20.46 4.27 15.96
C ASN C 63 21.32 3.03 15.81
N LEU C 64 22.46 3.15 15.12
CA LEU C 64 23.40 2.06 14.88
C LEU C 64 24.80 2.59 14.71
N VAL C 65 25.75 1.92 15.36
CA VAL C 65 27.18 2.23 15.17
C VAL C 65 27.83 0.94 14.73
N LEU C 66 28.48 0.97 13.56
CA LEU C 66 29.28 -0.17 13.08
C LEU C 66 30.73 0.11 13.47
N THR C 67 31.35 -0.84 14.21
CA THR C 67 32.72 -0.66 14.73
C THR C 67 33.64 -1.75 14.22
N LYS C 68 34.68 -1.37 13.49
CA LYS C 68 35.61 -2.38 12.97
C LYS C 68 36.30 -3.06 14.14
N GLY C 69 36.55 -4.37 14.01
CA GLY C 69 37.23 -5.13 15.06
C GLY C 69 37.44 -6.59 14.69
N PRO C 70 38.19 -7.35 15.51
CA PRO C 70 38.57 -8.73 15.12
C PRO C 70 37.43 -9.78 15.05
N VAL C 71 36.45 -9.66 15.93
CA VAL C 71 35.40 -10.69 16.02
C VAL C 71 34.05 -10.04 16.04
N ALA C 72 33.22 -10.40 15.07
CA ALA C 72 31.89 -9.82 14.91
C ALA C 72 31.08 -10.19 16.13
N ALA C 73 30.51 -9.17 16.78
CA ALA C 73 29.76 -9.37 18.00
C ALA C 73 29.04 -8.09 18.35
N LEU C 74 27.99 -8.20 19.16
CA LEU C 74 27.42 -7.07 19.89
C LEU C 74 28.38 -6.46 20.92
N LYS C 75 28.57 -5.14 20.84
CA LYS C 75 29.38 -4.49 21.81
C LYS C 75 28.54 -3.71 22.83
N ALA C 76 27.42 -3.14 22.40
CA ALA C 76 26.50 -2.51 23.38
C ALA C 76 25.11 -2.33 22.85
N MET C 77 24.11 -2.60 23.69
CA MET C 77 22.73 -2.26 23.39
C MET C 77 22.34 -1.12 24.31
N ALA C 78 21.99 0.02 23.74
CA ALA C 78 21.90 1.27 24.47
C ALA C 78 20.45 1.68 24.59
N PHE C 79 20.06 2.11 25.80
CA PHE C 79 18.72 2.60 26.11
C PHE C 79 18.90 4.05 26.58
N ARG C 80 18.06 4.97 26.07
CA ARG C 80 18.05 6.35 26.55
C ARG C 80 17.16 6.47 27.75
N VAL C 81 17.63 7.24 28.75
CA VAL C 81 16.91 7.48 30.02
C VAL C 81 16.32 8.90 30.06
N ARG C 82 15.45 9.19 31.03
CA ARG C 82 14.71 10.45 30.98
C ARG C 82 15.54 11.67 31.26
N THR C 83 16.48 11.57 32.20
CA THR C 83 17.18 12.77 32.70
C THR C 83 18.65 12.45 32.96
N PRO C 84 19.53 13.47 32.93
CA PRO C 84 20.94 13.20 33.25
C PRO C 84 21.12 12.36 34.54
N GLU C 85 20.23 12.58 35.51
CA GLU C 85 20.30 11.97 36.84
C GLU C 85 20.05 10.47 36.80
N ASP C 86 19.22 10.04 35.86
CA ASP C 86 18.93 8.62 35.68
C ASP C 86 20.17 7.84 35.33
N VAL C 87 21.21 8.53 34.84
CA VAL C 87 22.45 7.82 34.54
C VAL C 87 23.15 7.47 35.86
N ASP C 88 23.18 8.40 36.84
CA ASP C 88 23.65 8.13 38.22
C ASP C 88 22.84 7.00 38.88
N LYS C 89 21.52 7.07 38.75
CA LYS C 89 20.65 6.01 39.23
C LYS C 89 21.02 4.62 38.65
N ALA C 90 21.38 4.56 37.36
CA ALA C 90 21.62 3.25 36.75
C ALA C 90 22.91 2.68 37.29
N GLU C 91 23.90 3.56 37.48
CA GLU C 91 25.21 3.15 38.04
C GLU C 91 25.03 2.53 39.42
N ALA C 92 24.27 3.24 40.27
CA ALA C 92 23.92 2.79 41.63
C ALA C 92 23.13 1.47 41.61
N TYR C 93 22.11 1.40 40.77
CA TYR C 93 21.33 0.17 40.59
C TYR C 93 22.20 -1.05 40.27
N TYR C 94 23.08 -0.93 39.28
CA TYR C 94 23.81 -2.09 38.82
C TYR C 94 24.98 -2.43 39.76
N GLN C 95 25.51 -1.41 40.41
CA GLN C 95 26.52 -1.60 41.45
C GLN C 95 25.95 -2.42 42.58
N GLU C 96 24.67 -2.20 42.93
CA GLU C 96 23.99 -2.97 43.96
C GLU C 96 23.78 -4.43 43.53
N LEU C 97 23.50 -4.65 42.25
CA LEU C 97 23.41 -6.01 41.68
C LEU C 97 24.74 -6.78 41.69
N GLY C 98 25.82 -6.06 41.94
CA GLY C 98 27.15 -6.64 41.92
C GLY C 98 27.69 -6.81 40.50
N CYS C 99 27.15 -6.04 39.55
CA CYS C 99 27.59 -6.09 38.16
C CYS C 99 28.81 -5.21 37.89
N ARG C 100 29.66 -5.60 36.94
CA ARG C 100 30.71 -4.68 36.49
C ARG C 100 30.14 -3.43 35.74
N THR C 101 30.57 -2.23 36.14
CA THR C 101 30.15 -1.00 35.48
C THR C 101 31.34 -0.20 34.96
N GLU C 102 31.07 0.70 34.00
CA GLU C 102 32.08 1.62 33.48
C GLU C 102 31.39 2.92 33.04
N ARG C 103 31.75 4.01 33.70
CA ARG C 103 31.15 5.32 33.49
C ARG C 103 32.12 6.22 32.73
N ARG C 104 31.68 6.72 31.56
CA ARG C 104 32.43 7.74 30.78
C ARG C 104 31.60 9.02 30.64
N LYS C 105 32.08 10.09 31.23
CA LYS C 105 31.39 11.36 31.26
C LYS C 105 31.27 12.06 29.91
N ASP C 106 32.03 11.61 28.91
CA ASP C 106 32.00 12.18 27.57
C ASP C 106 31.67 11.05 26.61
N GLY C 107 31.25 9.93 27.18
CA GLY C 107 30.69 8.84 26.41
C GLY C 107 31.67 7.85 25.81
N PHE C 108 31.09 6.77 25.29
CA PHE C 108 31.81 5.70 24.67
C PHE C 108 31.94 5.85 23.14
N VAL C 109 30.95 6.49 22.50
CA VAL C 109 30.96 6.68 21.04
C VAL C 109 30.59 8.11 20.76
N LYS C 110 30.89 8.59 19.55
CA LYS C 110 30.55 9.98 19.12
C LYS C 110 29.08 10.28 19.22
N GLY C 111 28.75 11.47 19.68
CA GLY C 111 27.39 11.94 19.68
C GLY C 111 26.54 11.41 20.82
N ILE C 112 27.19 10.70 21.74
CA ILE C 112 26.59 10.33 23.04
C ILE C 112 27.47 10.97 24.10
N GLY C 113 26.85 11.58 25.12
CA GLY C 113 27.60 12.25 26.20
C GLY C 113 27.72 11.30 27.39
N ASP C 114 27.57 11.83 28.60
CA ASP C 114 27.62 11.03 29.82
C ASP C 114 26.93 9.65 29.65
N ALA C 115 27.72 8.58 29.76
CA ALA C 115 27.22 7.23 29.54
C ALA C 115 27.80 6.26 30.56
N LEU C 116 26.91 5.32 30.95
CA LEU C 116 27.23 4.16 31.77
C LEU C 116 27.02 2.84 31.01
N ARG C 117 28.10 2.08 30.81
CA ARG C 117 27.96 0.70 30.31
C ARG C 117 28.13 -0.32 31.44
N VAL C 118 27.50 -1.50 31.27
CA VAL C 118 27.49 -2.52 32.30
C VAL C 118 27.46 -3.91 31.71
N GLU C 119 28.03 -4.87 32.45
CA GLU C 119 27.81 -6.28 32.15
C GLU C 119 26.61 -6.74 33.01
N ASP C 120 25.42 -6.79 32.42
CA ASP C 120 24.19 -7.01 33.19
C ASP C 120 24.14 -8.48 33.72
N PRO C 121 23.18 -8.78 34.62
CA PRO C 121 23.06 -10.15 35.19
C PRO C 121 22.93 -11.31 34.18
N LEU C 122 22.43 -11.04 32.97
CA LEU C 122 22.36 -12.08 31.94
C LEU C 122 23.61 -12.12 31.06
N GLY C 123 24.53 -11.20 31.30
CA GLY C 123 25.78 -11.16 30.56
C GLY C 123 25.73 -10.20 29.38
N PHE C 124 24.70 -9.36 29.31
CA PHE C 124 24.60 -8.45 28.18
C PHE C 124 25.23 -7.09 28.48
N PRO C 125 25.93 -6.51 27.49
CA PRO C 125 26.44 -5.15 27.66
C PRO C 125 25.36 -4.13 27.36
N TYR C 126 24.75 -3.67 28.43
CA TYR C 126 23.79 -2.58 28.37
C TYR C 126 24.47 -1.22 28.50
N GLU C 127 23.96 -0.22 27.76
CA GLU C 127 24.33 1.18 27.97
C GLU C 127 23.11 2.00 28.34
N PHE C 128 23.32 2.95 29.25
CA PHE C 128 22.35 3.98 29.66
C PHE C 128 22.93 5.39 29.48
N PHE C 129 22.27 6.20 28.64
CA PHE C 129 22.70 7.59 28.48
C PHE C 129 21.50 8.51 28.44
N PHE C 130 21.73 9.80 28.72
CA PHE C 130 20.73 10.79 28.36
C PHE C 130 21.26 11.74 27.25
N GLU C 131 22.44 12.29 27.45
CA GLU C 131 23.03 13.30 26.55
CA GLU C 131 22.98 13.30 26.54
C GLU C 131 23.36 12.74 25.17
N THR C 132 22.82 13.38 24.11
CA THR C 132 23.08 12.97 22.73
C THR C 132 23.00 14.19 21.81
N THR C 133 23.85 14.21 20.78
CA THR C 133 23.91 15.32 19.84
C THR C 133 22.68 15.22 18.94
N HIS C 134 21.85 16.25 18.97
CA HIS C 134 20.74 16.33 18.04
C HIS C 134 21.21 16.54 16.59
N VAL C 135 20.47 15.95 15.66
CA VAL C 135 20.80 16.01 14.23
C VAL C 135 19.56 16.43 13.46
N GLU C 136 19.68 16.71 12.16
CA GLU C 136 18.50 17.05 11.37
C GLU C 136 17.60 15.85 11.32
N ARG C 137 16.38 16.00 11.81
CA ARG C 137 15.34 14.94 11.72
C ARG C 137 14.81 14.86 10.28
N LEU C 138 14.97 13.70 9.67
CA LEU C 138 14.72 13.56 8.26
C LEU C 138 13.28 13.21 7.90
N HIS C 139 12.35 13.36 8.84
CA HIS C 139 10.96 12.72 8.70
C HIS C 139 10.13 13.25 7.55
N MET C 140 10.41 14.49 7.12
CA MET C 140 9.76 15.07 5.94
C MET C 140 10.73 15.19 4.72
N ARG C 141 11.87 14.53 4.80
CA ARG C 141 12.86 14.62 3.72
C ARG C 141 12.55 13.57 2.63
N TYR C 142 11.41 13.75 1.95
CA TYR C 142 10.93 12.75 0.99
C TYR C 142 11.79 12.67 -0.28
N ASP C 143 12.65 13.68 -0.45
CA ASP C 143 13.68 13.63 -1.48
C ASP C 143 14.78 12.57 -1.24
N LEU C 144 14.84 12.04 -0.02
CA LEU C 144 15.84 11.03 0.40
C LEU C 144 15.22 9.70 0.76
N TYR C 145 13.89 9.61 0.68
CA TYR C 145 13.18 8.40 1.07
C TYR C 145 13.33 7.31 0.03
N SER C 146 13.63 6.10 0.51
CA SER C 146 13.82 4.92 -0.31
C SER C 146 12.55 4.11 -0.27
N ALA C 147 12.28 3.41 -1.37
CA ALA C 147 11.17 2.45 -1.53
C ALA C 147 11.16 1.45 -0.35
N GLY C 148 12.31 1.30 0.32
CA GLY C 148 12.36 0.35 1.46
C GLY C 148 12.62 1.05 2.79
N GLU C 149 12.30 2.34 2.89
CA GLU C 149 12.81 3.17 3.99
C GLU C 149 12.64 2.61 5.42
N LEU C 150 13.75 2.61 6.19
CA LEU C 150 13.71 2.25 7.63
C LEU C 150 13.47 3.52 8.47
N VAL C 151 12.35 3.59 9.16
CA VAL C 151 11.91 4.88 9.72
C VAL C 151 12.21 5.10 11.22
N ARG C 152 12.26 4.00 11.98
CA ARG C 152 12.66 3.99 13.40
C ARG C 152 13.40 2.71 13.77
N LEU C 153 14.23 2.83 14.78
CA LEU C 153 14.65 1.68 15.59
C LEU C 153 13.53 1.23 16.51
N ASP C 154 13.09 -0.05 16.41
CA ASP C 154 11.98 -0.48 17.23
C ASP C 154 12.41 -1.28 18.48
N HIS C 155 13.29 -2.27 18.31
CA HIS C 155 13.66 -3.16 19.46
C HIS C 155 14.93 -3.98 19.32
N PHE C 156 15.32 -4.59 20.44
CA PHE C 156 16.31 -5.68 20.49
C PHE C 156 15.61 -6.99 20.86
N ASN C 157 16.27 -8.11 20.56
CA ASN C 157 15.85 -9.41 21.00
C ASN C 157 17.13 -10.17 21.40
N GLN C 158 17.16 -10.58 22.66
CA GLN C 158 18.28 -11.26 23.32
C GLN C 158 17.98 -12.72 23.52
N VAL C 159 18.98 -13.60 23.28
CA VAL C 159 18.86 -15.05 23.56
C VAL C 159 19.47 -15.36 24.92
N THR C 160 18.69 -16.04 25.77
CA THR C 160 19.07 -16.33 27.19
C THR C 160 18.48 -17.66 27.62
N PRO C 161 19.25 -18.48 28.35
CA PRO C 161 18.74 -19.82 28.76
C PRO C 161 17.53 -19.88 29.75
N ASP C 162 17.39 -18.88 30.64
CA ASP C 162 16.30 -18.88 31.62
C ASP C 162 15.40 -17.67 31.46
N VAL C 163 14.33 -17.84 30.70
CA VAL C 163 13.44 -16.74 30.38
C VAL C 163 12.79 -16.08 31.62
N PRO C 164 12.13 -16.87 32.50
CA PRO C 164 11.59 -16.32 33.77
C PRO C 164 12.62 -15.50 34.59
N ARG C 165 13.82 -16.02 34.76
CA ARG C 165 14.85 -15.29 35.49
C ARG C 165 15.06 -13.92 34.86
N GLY C 166 15.31 -13.90 33.55
CA GLY C 166 15.51 -12.64 32.82
C GLY C 166 14.31 -11.73 32.85
N ARG C 167 13.11 -12.32 32.72
CA ARG C 167 11.83 -11.57 32.76
C ARG C 167 11.64 -10.73 34.01
N LYS C 168 11.93 -11.33 35.17
CA LYS C 168 11.77 -10.67 36.47
C LYS C 168 12.77 -9.56 36.68
N TYR C 169 13.97 -9.77 36.20
CA TYR C 169 14.98 -8.73 36.27
C TYR C 169 14.61 -7.52 35.39
N LEU C 170 14.09 -7.74 34.18
CA LEU C 170 13.61 -6.63 33.30
C LEU C 170 12.36 -5.93 33.86
N GLU C 171 11.46 -6.71 34.48
CA GLU C 171 10.32 -6.13 35.18
C GLU C 171 10.72 -5.20 36.35
N ASP C 172 11.67 -5.62 37.18
CA ASP C 172 12.16 -4.74 38.25
C ASP C 172 12.72 -3.46 37.63
N LEU C 173 13.38 -3.60 36.48
N LEU C 173 13.39 -3.61 36.48
CA LEU C 173 13.98 -2.49 35.74
CA LEU C 173 13.96 -2.49 35.71
C LEU C 173 12.93 -1.58 35.05
C LEU C 173 12.91 -1.55 35.11
N GLY C 174 11.65 -1.97 35.16
CA GLY C 174 10.56 -1.16 34.69
C GLY C 174 9.90 -1.58 33.38
N PHE C 175 10.41 -2.62 32.74
CA PHE C 175 9.81 -3.13 31.49
C PHE C 175 8.50 -3.89 31.81
N ARG C 176 7.46 -3.70 30.99
CA ARG C 176 6.18 -4.41 31.21
C ARG C 176 6.00 -5.47 30.11
N VAL C 177 5.70 -6.68 30.55
CA VAL C 177 5.47 -7.79 29.65
C VAL C 177 4.16 -7.63 28.89
N THR C 178 4.23 -7.85 27.58
CA THR C 178 3.07 -7.63 26.70
C THR C 178 2.50 -8.95 26.15
N GLU C 179 3.43 -9.84 25.75
CA GLU C 179 3.11 -11.18 25.20
C GLU C 179 4.17 -12.19 25.60
N ASP C 180 3.77 -13.45 25.76
CA ASP C 180 4.80 -14.47 25.95
C ASP C 180 4.39 -15.82 25.30
N ILE C 181 5.29 -16.81 25.28
CA ILE C 181 5.03 -18.13 24.72
C ILE C 181 5.33 -19.14 25.80
N GLN C 182 4.36 -20.02 26.01
CA GLN C 182 4.46 -21.02 27.08
C GLN C 182 3.88 -22.35 26.67
N ASP C 183 4.08 -23.36 27.50
CA ASP C 183 3.36 -24.63 27.31
C ASP C 183 2.64 -25.07 28.58
N ASP C 184 1.84 -26.13 28.46
CA ASP C 184 0.99 -26.58 29.55
C ASP C 184 1.82 -27.19 30.67
N GLU C 185 2.96 -27.79 30.34
CA GLU C 185 3.88 -28.36 31.35
C GLU C 185 4.53 -27.26 32.21
N GLY C 186 4.31 -26.00 31.86
CA GLY C 186 4.85 -24.87 32.61
C GLY C 186 6.17 -24.25 32.14
N THR C 187 6.69 -24.68 31.01
CA THR C 187 7.89 -24.02 30.41
C THR C 187 7.54 -22.66 29.73
N THR C 188 8.36 -21.64 29.93
CA THR C 188 8.31 -20.38 29.15
C THR C 188 9.42 -20.41 28.08
N TYR C 189 9.08 -20.05 26.83
CA TYR C 189 10.04 -20.12 25.73
C TYR C 189 10.55 -18.75 25.28
N ALA C 190 9.77 -17.70 25.54
CA ALA C 190 9.97 -16.38 24.94
C ALA C 190 9.11 -15.38 25.68
N ALA C 191 9.63 -14.16 25.94
CA ALA C 191 8.79 -13.09 26.48
C ALA C 191 9.14 -11.72 25.83
N TRP C 192 8.17 -10.80 25.73
CA TRP C 192 8.33 -9.51 25.06
C TRP C 192 7.99 -8.43 26.11
N MET C 193 8.75 -7.35 26.20
CA MET C 193 8.50 -6.36 27.26
C MET C 193 8.81 -4.95 26.78
N HIS C 194 8.06 -3.97 27.24
CA HIS C 194 8.26 -2.61 26.75
C HIS C 194 8.43 -1.52 27.82
N ARG C 195 8.86 -0.35 27.32
CA ARG C 195 8.81 0.95 28.01
C ARG C 195 8.09 2.00 27.15
N LYS C 196 8.36 2.06 25.84
CA LYS C 196 7.86 3.19 24.99
C LYS C 196 6.40 3.16 24.48
N GLY C 197 5.63 2.16 24.87
CA GLY C 197 4.26 2.07 24.40
C GLY C 197 3.99 1.29 23.11
N THR C 198 4.98 0.51 22.64
CA THR C 198 4.83 -0.46 21.52
C THR C 198 4.92 -1.84 22.16
N VAL C 199 4.74 -2.92 21.38
CA VAL C 199 4.83 -4.27 21.94
C VAL C 199 6.13 -4.56 22.69
N HIS C 200 7.23 -3.90 22.28
CA HIS C 200 8.57 -4.14 22.87
C HIS C 200 9.72 -3.18 22.54
N ASP C 201 10.62 -3.04 23.52
CA ASP C 201 11.91 -2.40 23.38
C ASP C 201 13.01 -3.44 23.42
N THR C 202 12.79 -4.49 24.24
CA THR C 202 13.63 -5.65 24.19
C THR C 202 12.79 -6.90 24.46
N ALA C 203 13.29 -8.04 24.00
CA ALA C 203 12.64 -9.36 24.19
C ALA C 203 13.65 -10.45 24.54
N LEU C 204 13.15 -11.57 25.06
CA LEU C 204 14.01 -12.66 25.50
C LEU C 204 13.58 -13.87 24.71
N THR C 205 14.54 -14.53 24.05
CA THR C 205 14.32 -15.79 23.31
C THR C 205 15.10 -16.91 24.02
N GLY C 206 14.39 -17.96 24.45
CA GLY C 206 15.05 -19.01 25.18
C GLY C 206 16.11 -19.70 24.34
N GLY C 207 17.30 -19.88 24.89
CA GLY C 207 18.39 -20.53 24.15
C GLY C 207 19.73 -20.33 24.81
N ASN C 208 20.77 -20.89 24.22
CA ASN C 208 22.13 -20.69 24.71
C ASN C 208 22.48 -19.19 24.61
N GLY C 209 22.96 -18.61 25.73
CA GLY C 209 23.20 -17.17 25.85
C GLY C 209 24.20 -16.83 26.95
N PRO C 210 24.64 -15.50 27.04
CA PRO C 210 24.19 -14.38 26.18
C PRO C 210 24.53 -14.42 24.66
N ARG C 211 23.49 -14.34 23.83
CA ARG C 211 23.66 -13.95 22.43
C ARG C 211 22.61 -12.86 22.07
N LEU C 212 22.93 -11.99 21.12
CA LEU C 212 21.94 -11.08 20.52
C LEU C 212 21.26 -11.77 19.36
N HIS C 213 19.94 -11.90 19.44
CA HIS C 213 19.14 -12.54 18.39
C HIS C 213 18.98 -11.63 17.18
N HIS C 214 18.58 -10.38 17.41
CA HIS C 214 18.43 -9.41 16.34
C HIS C 214 18.24 -7.97 16.83
N VAL C 215 18.39 -7.06 15.86
CA VAL C 215 18.06 -5.62 16.03
C VAL C 215 16.97 -5.35 14.97
N ALA C 216 15.91 -4.64 15.37
CA ALA C 216 14.72 -4.47 14.54
C ALA C 216 14.46 -3.01 14.22
N PHE C 217 14.24 -2.72 12.94
CA PHE C 217 13.86 -1.37 12.46
C PHE C 217 12.45 -1.40 11.91
N SER C 218 11.72 -0.31 12.04
CA SER C 218 10.37 -0.27 11.48
CA SER C 218 10.35 -0.18 11.53
C SER C 218 10.32 0.34 10.08
N THR C 219 9.30 -0.03 9.32
CA THR C 219 8.98 0.75 8.11
C THR C 219 7.59 1.41 8.31
N HIS C 220 7.19 2.34 7.42
CA HIS C 220 5.79 2.87 7.46
C HIS C 220 4.74 1.85 7.07
N GLU C 221 5.01 1.09 6.01
CA GLU C 221 3.95 0.23 5.46
C GLU C 221 4.48 -1.11 5.02
N LYS C 222 3.60 -2.07 4.83
CA LYS C 222 4.01 -3.47 4.49
C LYS C 222 4.78 -3.53 3.15
N HIS C 223 4.34 -2.73 2.19
CA HIS C 223 5.04 -2.66 0.90
C HIS C 223 6.55 -2.29 0.97
N ASN C 224 6.92 -1.48 1.96
CA ASN C 224 8.33 -1.13 2.23
C ASN C 224 9.16 -2.39 2.53
N ILE C 225 8.59 -3.32 3.28
CA ILE C 225 9.29 -4.51 3.61
C ILE C 225 9.38 -5.43 2.38
N ILE C 226 8.31 -5.53 1.59
CA ILE C 226 8.36 -6.32 0.35
C ILE C 226 9.44 -5.76 -0.58
N GLN C 227 9.59 -4.45 -0.64
CA GLN C 227 10.68 -3.83 -1.42
C GLN C 227 12.08 -4.29 -1.01
N ILE C 228 12.33 -4.42 0.29
CA ILE C 228 13.60 -4.96 0.75
C ILE C 228 13.87 -6.33 0.14
N CYS C 229 12.84 -7.19 0.10
CA CYS C 229 13.04 -8.56 -0.37
C CYS C 229 13.25 -8.47 -1.89
N ASP C 230 12.46 -7.67 -2.58
CA ASP C 230 12.62 -7.53 -4.05
C ASP C 230 14.00 -7.04 -4.40
N LYS C 231 14.52 -6.03 -3.68
CA LYS C 231 15.86 -5.47 -3.97
C LYS C 231 17.01 -6.47 -3.73
N MET C 232 16.84 -7.31 -2.69
CA MET C 232 17.77 -8.35 -2.42
C MET C 232 17.76 -9.46 -3.50
N GLY C 233 16.60 -9.80 -4.08
CA GLY C 233 16.60 -10.68 -5.28
C GLY C 233 17.34 -10.02 -6.47
N ALA C 234 17.15 -8.71 -6.63
CA ALA C 234 17.76 -8.05 -7.78
C ALA C 234 19.28 -8.02 -7.61
N LEU C 235 19.76 -8.02 -6.34
CA LEU C 235 21.18 -7.89 -6.05
C LEU C 235 21.74 -9.31 -5.96
N ARG C 236 20.88 -10.28 -6.20
CA ARG C 236 21.22 -11.68 -6.19
C ARG C 236 21.79 -12.06 -4.84
N ILE C 237 21.17 -11.55 -3.75
CA ILE C 237 21.60 -11.85 -2.37
C ILE C 237 20.42 -12.39 -1.55
N SER C 238 19.53 -13.12 -2.22
CA SER C 238 18.32 -13.65 -1.56
C SER C 238 18.70 -14.73 -0.56
N ASP C 239 19.93 -15.23 -0.63
CA ASP C 239 20.35 -16.21 0.35
C ASP C 239 20.51 -15.53 1.71
N ARG C 240 20.59 -14.22 1.70
CA ARG C 240 20.74 -13.44 2.94
C ARG C 240 19.39 -13.06 3.57
N ILE C 241 18.31 -13.45 2.86
CA ILE C 241 16.96 -13.42 3.42
C ILE C 241 16.84 -14.69 4.30
N GLU C 242 16.72 -14.51 5.60
CA GLU C 242 16.71 -15.70 6.45
C GLU C 242 15.33 -16.33 6.55
N ARG C 243 14.33 -15.50 6.79
CA ARG C 243 12.99 -15.92 7.18
C ARG C 243 12.00 -14.80 6.91
N GLY C 244 10.93 -15.18 6.21
CA GLY C 244 9.89 -14.24 5.86
C GLY C 244 9.83 -13.90 4.36
N PRO C 245 9.05 -12.87 4.02
CA PRO C 245 8.36 -11.99 4.96
C PRO C 245 7.09 -12.69 5.50
N GLY C 246 6.64 -12.26 6.69
CA GLY C 246 5.41 -12.85 7.31
C GLY C 246 4.58 -11.89 8.15
N ARG C 247 3.44 -12.36 8.64
CA ARG C 247 2.72 -11.70 9.71
C ARG C 247 3.02 -12.49 10.97
N HIS C 248 3.53 -11.81 12.00
CA HIS C 248 3.67 -12.46 13.29
C HIS C 248 2.32 -12.70 13.98
N GLY C 249 2.25 -13.74 14.81
CA GLY C 249 1.12 -13.95 15.73
C GLY C 249 1.29 -13.04 16.97
N VAL C 250 2.25 -13.41 17.82
CA VAL C 250 2.86 -12.47 18.80
C VAL C 250 3.28 -11.16 18.13
N SER C 251 2.73 -10.06 18.64
CA SER C 251 2.96 -8.69 18.17
C SER C 251 2.02 -8.25 17.08
N ASN C 252 1.54 -9.19 16.27
CA ASN C 252 0.69 -8.83 15.13
C ASN C 252 1.45 -8.00 14.06
N ALA C 253 2.78 -7.91 14.15
CA ALA C 253 3.54 -7.11 13.15
C ALA C 253 3.90 -7.85 11.85
N PHE C 254 3.91 -7.12 10.75
CA PHE C 254 4.43 -7.68 9.49
C PHE C 254 5.94 -7.63 9.61
N TYR C 255 6.64 -8.65 9.11
CA TYR C 255 8.05 -8.81 9.43
C TYR C 255 8.90 -9.46 8.32
N LEU C 256 10.21 -9.37 8.52
CA LEU C 256 11.23 -10.02 7.68
C LEU C 256 12.55 -10.06 8.46
N TYR C 257 13.21 -11.22 8.42
CA TYR C 257 14.57 -11.37 8.96
C TYR C 257 15.63 -11.47 7.87
N ILE C 258 16.60 -10.56 7.90
CA ILE C 258 17.74 -10.67 6.98
C ILE C 258 19.10 -10.69 7.73
N LEU C 259 20.17 -11.04 7.00
CA LEU C 259 21.49 -11.29 7.60
C LEU C 259 22.52 -10.39 7.01
N ASP C 260 23.25 -9.66 7.87
CA ASP C 260 24.33 -8.77 7.39
C ASP C 260 25.59 -9.60 7.02
N PRO C 261 26.66 -8.95 6.51
CA PRO C 261 27.85 -9.72 6.10
C PRO C 261 28.50 -10.54 7.22
N ASP C 262 28.30 -10.13 8.47
CA ASP C 262 28.85 -10.84 9.63
C ASP C 262 27.85 -11.78 10.29
N ASN C 263 26.72 -12.02 9.60
CA ASN C 263 25.61 -12.85 10.11
C ASN C 263 24.85 -12.29 11.30
N HIS C 264 25.06 -11.02 11.62
CA HIS C 264 24.14 -10.30 12.49
C HIS C 264 22.75 -10.25 11.84
N ARG C 265 21.75 -10.60 12.62
CA ARG C 265 20.36 -10.65 12.13
C ARG C 265 19.69 -9.30 12.33
N ILE C 266 19.06 -8.80 11.25
CA ILE C 266 18.23 -7.58 11.28
C ILE C 266 16.78 -7.97 10.99
N GLU C 267 15.88 -7.54 11.86
CA GLU C 267 14.43 -7.57 11.60
C GLU C 267 13.87 -6.26 11.04
N ILE C 268 13.01 -6.37 10.03
CA ILE C 268 12.23 -5.19 9.54
C ILE C 268 10.79 -5.47 9.92
N TYR C 269 10.07 -4.45 10.37
CA TYR C 269 8.93 -4.68 11.24
C TYR C 269 7.99 -3.50 11.03
N THR C 270 6.70 -3.79 10.98
CA THR C 270 5.73 -2.73 10.96
CA THR C 270 5.67 -2.74 10.81
C THR C 270 4.38 -3.11 11.54
N GLN C 271 3.75 -2.11 12.14
CA GLN C 271 2.34 -2.13 12.50
C GLN C 271 1.94 -3.08 13.59
N ASP C 272 2.71 -3.08 14.67
CA ASP C 272 2.20 -3.63 15.98
C ASP C 272 1.24 -2.64 16.67
N TYR C 273 0.87 -2.87 17.93
CA TYR C 273 -0.24 -2.13 18.58
C TYR C 273 0.22 -1.37 19.84
N TYR C 274 -0.65 -0.48 20.32
CA TYR C 274 -0.36 0.35 21.52
C TYR C 274 -0.45 -0.39 22.86
N THR C 275 0.53 -0.15 23.72
CA THR C 275 0.64 -0.91 24.96
C THR C 275 0.83 -0.03 26.20
N GLY C 276 0.70 1.29 26.05
CA GLY C 276 1.06 2.22 27.09
C GLY C 276 0.12 2.29 28.28
N ASP C 277 -1.06 1.62 28.24
CA ASP C 277 -1.97 1.72 29.41
C ASP C 277 -1.38 0.75 30.42
N PRO C 278 -1.43 1.07 31.73
CA PRO C 278 -0.72 0.21 32.68
C PRO C 278 -1.38 -1.14 32.89
N ASP C 279 -2.64 -1.29 32.50
CA ASP C 279 -3.34 -2.60 32.57
C ASP C 279 -3.48 -3.28 31.18
N ASN C 280 -2.63 -2.88 30.23
CA ASN C 280 -2.61 -3.46 28.91
C ASN C 280 -2.67 -4.99 29.00
N PRO C 281 -3.70 -5.60 28.38
CA PRO C 281 -3.87 -7.05 28.49
C PRO C 281 -2.64 -7.83 28.02
N THR C 282 -2.11 -8.71 28.86
CA THR C 282 -1.04 -9.58 28.39
C THR C 282 -1.63 -10.75 27.56
N ILE C 283 -0.86 -11.28 26.60
CA ILE C 283 -1.34 -12.38 25.76
C ILE C 283 -0.31 -13.52 25.87
N THR C 284 -0.77 -14.71 26.24
CA THR C 284 0.06 -15.90 26.29
C THR C 284 -0.38 -16.84 25.18
N TRP C 285 0.59 -17.29 24.40
CA TRP C 285 0.37 -18.22 23.29
C TRP C 285 0.90 -19.59 23.74
N ASN C 286 0.29 -20.69 23.28
CA ASN C 286 0.86 -22.02 23.56
C ASN C 286 1.99 -22.30 22.57
N VAL C 287 3.10 -22.88 23.04
CA VAL C 287 4.28 -23.19 22.19
C VAL C 287 3.96 -24.00 20.92
N HIS C 288 2.94 -24.89 20.98
CA HIS C 288 2.53 -25.74 19.83
C HIS C 288 1.57 -25.13 18.80
N ASP C 289 1.10 -23.91 19.03
CA ASP C 289 0.17 -23.24 18.13
C ASP C 289 0.97 -22.77 16.91
N ASN C 290 0.74 -23.37 15.75
CA ASN C 290 1.53 -23.05 14.56
C ASN C 290 1.28 -21.62 13.97
N GLN C 291 0.41 -20.84 14.64
CA GLN C 291 0.12 -19.44 14.21
C GLN C 291 0.76 -18.37 15.11
N ARG C 292 1.50 -18.83 16.12
CA ARG C 292 2.12 -17.95 17.11
C ARG C 292 3.33 -17.14 16.56
N ARG C 293 4.12 -17.77 15.69
CA ARG C 293 5.31 -17.12 15.13
C ARG C 293 5.08 -16.57 13.71
N ASP C 294 4.53 -17.37 12.85
CA ASP C 294 4.00 -16.87 11.61
C ASP C 294 2.51 -17.14 11.66
N TRP C 295 1.72 -16.08 11.62
CA TRP C 295 0.24 -16.16 11.66
C TRP C 295 -0.32 -17.01 10.53
N TRP C 296 0.44 -17.13 9.46
CA TRP C 296 -0.05 -17.81 8.27
C TRP C 296 0.34 -19.29 8.24
N GLY C 297 0.97 -19.76 9.29
CA GLY C 297 1.36 -21.17 9.36
C GLY C 297 2.71 -21.54 8.73
N ASN C 298 3.34 -20.60 8.02
CA ASN C 298 4.71 -20.84 7.45
C ASN C 298 5.71 -21.40 8.46
N PRO C 299 6.60 -22.32 8.04
CA PRO C 299 7.49 -22.92 9.09
C PRO C 299 8.50 -21.90 9.62
N VAL C 300 8.93 -22.05 10.89
CA VAL C 300 10.10 -21.29 11.37
C VAL C 300 11.42 -22.01 10.98
N VAL C 301 12.13 -21.40 10.04
CA VAL C 301 13.49 -21.73 9.63
C VAL C 301 14.37 -22.16 10.84
N PRO C 302 14.96 -23.39 10.82
CA PRO C 302 15.70 -23.75 12.09
C PRO C 302 16.88 -22.84 12.54
N SER C 303 17.51 -22.14 11.59
CA SER C 303 18.62 -21.27 11.93
C SER C 303 18.14 -20.17 12.83
N TRP C 304 16.85 -19.80 12.67
CA TRP C 304 16.20 -18.73 13.43
C TRP C 304 16.28 -19.09 14.91
N TYR C 305 16.21 -20.39 15.19
CA TYR C 305 16.23 -20.90 16.56
C TYR C 305 17.64 -21.16 17.02
N THR C 306 18.56 -21.48 16.12
CA THR C 306 19.90 -21.89 16.58
C THR C 306 20.99 -20.84 16.52
N GLU C 307 20.89 -19.92 15.55
CA GLU C 307 21.97 -18.95 15.30
C GLU C 307 21.67 -17.63 15.93
N ALA C 308 22.73 -16.97 16.43
CA ALA C 308 22.59 -15.65 17.04
C ALA C 308 23.97 -15.10 17.30
N SER C 309 24.05 -13.80 17.56
CA SER C 309 25.36 -13.13 17.64
C SER C 309 26.07 -13.18 19.00
N LYS C 310 27.38 -13.38 18.97
CA LYS C 310 28.21 -13.30 20.18
C LYS C 310 28.03 -11.92 20.77
N VAL C 311 28.14 -11.79 22.09
CA VAL C 311 28.22 -10.44 22.70
C VAL C 311 29.56 -10.29 23.45
N LEU C 312 29.97 -9.05 23.73
CA LEU C 312 31.28 -8.75 24.31
C LEU C 312 31.12 -8.27 25.75
N ASP C 313 32.13 -8.55 26.56
CA ASP C 313 32.16 -8.03 27.91
C ASP C 313 32.82 -6.64 27.81
N LEU C 314 33.01 -5.98 28.94
CA LEU C 314 33.56 -4.62 28.92
C LEU C 314 35.00 -4.49 28.46
N ASP C 315 35.75 -5.59 28.41
CA ASP C 315 37.12 -5.54 27.87
C ASP C 315 37.17 -5.87 26.37
N GLY C 316 36.00 -6.00 25.74
CA GLY C 316 35.89 -6.43 24.35
C GLY C 316 36.10 -7.93 24.09
N ASN C 317 36.08 -8.75 25.14
CA ASN C 317 36.18 -10.21 24.95
C ASN C 317 34.79 -10.81 24.86
N VAL C 318 34.65 -11.86 24.07
CA VAL C 318 33.38 -12.51 23.91
C VAL C 318 32.98 -13.16 25.24
N GLN C 319 31.70 -13.01 25.58
CA GLN C 319 31.12 -13.65 26.76
C GLN C 319 30.87 -15.13 26.53
N GLU C 320 31.20 -15.96 27.52
CA GLU C 320 30.88 -17.40 27.50
CA GLU C 320 30.89 -17.39 27.46
C GLU C 320 29.38 -17.69 27.43
N ILE C 321 29.02 -18.68 26.63
CA ILE C 321 27.63 -19.04 26.36
C ILE C 321 27.17 -20.16 27.28
N ILE C 322 26.04 -19.94 27.93
CA ILE C 322 25.45 -20.94 28.84
C ILE C 322 24.32 -21.65 28.11
N GLU C 323 24.27 -22.98 28.25
CA GLU C 323 23.27 -23.79 27.55
C GLU C 323 21.96 -23.82 28.29
N ARG C 324 20.88 -23.69 27.52
CA ARG C 324 19.52 -23.83 28.04
C ARG C 324 19.29 -25.27 28.50
N THR C 325 18.72 -25.45 29.68
CA THR C 325 18.31 -26.78 30.16
C THR C 325 16.79 -26.99 30.09
N ASP C 326 16.03 -25.89 29.94
CA ASP C 326 14.58 -25.97 29.63
C ASP C 326 14.40 -26.51 28.22
N ASP C 327 13.18 -26.91 27.87
CA ASP C 327 12.87 -27.48 26.53
C ASP C 327 13.10 -26.49 25.41
N SER C 328 13.60 -27.02 24.30
CA SER C 328 13.88 -26.25 23.11
C SER C 328 12.58 -26.02 22.34
N GLU C 329 12.30 -24.77 21.98
CA GLU C 329 11.14 -24.45 21.13
C GLU C 329 11.24 -25.19 19.78
N LEU C 330 12.43 -25.21 19.17
CA LEU C 330 12.61 -25.94 17.94
C LEU C 330 12.21 -27.39 18.16
N GLU C 331 12.82 -28.04 19.15
CA GLU C 331 12.60 -29.49 19.32
C GLU C 331 11.14 -29.82 19.59
N VAL C 332 10.42 -28.97 20.36
CA VAL C 332 9.02 -29.29 20.71
C VAL C 332 8.00 -28.96 19.63
N THR C 333 8.43 -28.21 18.63
CA THR C 333 7.53 -27.80 17.58
C THR C 333 7.85 -28.45 16.22
N ILE C 334 9.14 -28.46 15.85
CA ILE C 334 9.55 -28.97 14.51
C ILE C 334 10.62 -30.07 14.54
N GLY C 335 11.04 -30.46 15.74
CA GLY C 335 12.02 -31.53 15.91
C GLY C 335 11.40 -32.89 15.67
N ALA C 336 12.20 -33.95 15.71
CA ALA C 336 11.71 -35.32 15.47
C ALA C 336 10.61 -35.78 16.39
N ASP C 337 10.60 -35.24 17.60
CA ASP C 337 9.58 -35.57 18.59
C ASP C 337 8.52 -34.49 18.85
N GLY C 338 8.55 -33.41 18.07
CA GLY C 338 7.73 -32.22 18.34
C GLY C 338 6.39 -32.29 17.64
N PHE C 339 5.57 -31.27 17.83
CA PHE C 339 4.34 -31.13 17.06
C PHE C 339 3.80 -29.70 17.08
N SER C 340 2.97 -29.38 16.11
CA SER C 340 2.30 -28.09 16.14
C SER C 340 0.89 -28.31 15.64
N PHE C 341 -0.04 -27.40 15.92
CA PHE C 341 -1.40 -27.52 15.42
C PHE C 341 -1.88 -26.23 14.79
N THR C 342 -2.87 -26.34 13.90
CA THR C 342 -3.53 -25.15 13.37
C THR C 342 -4.70 -24.78 14.30
N ARG C 343 -5.56 -25.77 14.56
CA ARG C 343 -6.68 -25.68 15.48
C ARG C 343 -6.41 -26.64 16.63
N ALA C 344 -6.49 -26.09 17.85
CA ALA C 344 -6.19 -26.85 19.09
C ALA C 344 -7.06 -28.09 19.18
N GLY C 345 -6.42 -29.25 19.29
CA GLY C 345 -7.10 -30.53 19.42
C GLY C 345 -7.48 -31.16 18.10
N ASP C 346 -7.34 -30.42 17.00
CA ASP C 346 -7.69 -30.95 15.69
C ASP C 346 -6.39 -31.51 15.03
N GLU C 347 -6.45 -32.77 14.63
CA GLU C 347 -5.34 -33.48 14.02
C GLU C 347 -5.21 -33.06 12.56
N ASP C 348 -6.32 -32.64 11.97
CA ASP C 348 -6.22 -32.07 10.66
C ASP C 348 -5.56 -30.71 10.81
N GLY C 349 -4.52 -30.46 10.01
CA GLY C 349 -3.71 -29.23 10.08
C GLY C 349 -2.69 -29.31 11.22
N SER C 350 -2.50 -30.51 11.76
CA SER C 350 -1.45 -30.74 12.73
C SER C 350 -0.19 -31.30 12.09
N TYR C 351 0.95 -31.12 12.73
CA TYR C 351 2.22 -31.58 12.16
C TYR C 351 3.06 -32.28 13.18
N HIS C 352 3.37 -33.56 12.95
CA HIS C 352 4.08 -34.38 13.93
C HIS C 352 5.45 -34.81 13.42
N GLY C 353 6.49 -34.50 14.16
CA GLY C 353 7.85 -34.85 13.72
C GLY C 353 8.26 -34.17 12.43
N GLN C 354 7.68 -32.99 12.15
CA GLN C 354 8.11 -32.12 11.05
C GLN C 354 7.43 -30.77 11.13
N ALA C 355 7.78 -29.92 10.17
CA ALA C 355 7.28 -28.55 10.11
C ALA C 355 6.03 -28.52 9.23
N SER C 356 5.39 -27.33 9.18
CA SER C 356 4.31 -27.05 8.26
C SER C 356 4.81 -27.03 6.80
N LYS C 357 3.82 -26.97 5.90
CA LYS C 357 3.97 -26.80 4.47
C LYS C 357 4.75 -27.95 3.76
N GLY C 358 4.80 -29.12 4.41
CA GLY C 358 5.40 -30.31 3.79
C GLY C 358 6.90 -30.43 3.95
N PHE C 359 7.49 -29.55 4.80
CA PHE C 359 8.92 -29.55 5.08
C PHE C 359 9.32 -30.22 6.40
N LYS C 360 10.56 -30.70 6.41
CA LYS C 360 11.24 -31.37 7.51
C LYS C 360 12.50 -30.57 7.71
N LEU C 361 13.08 -30.67 8.90
CA LEU C 361 14.36 -30.08 9.23
C LEU C 361 15.48 -30.54 8.28
N GLY C 362 16.28 -29.57 7.82
CA GLY C 362 17.41 -29.79 6.90
C GLY C 362 18.55 -30.56 7.55
N GLU D 4 -2.60 34.13 32.73
CA GLU D 4 -4.05 34.26 33.08
C GLU D 4 -4.50 33.09 33.99
N ILE D 5 -4.29 31.86 33.52
CA ILE D 5 -4.64 30.67 34.30
C ILE D 5 -3.41 30.25 35.15
N PRO D 6 -3.47 30.41 36.48
CA PRO D 6 -2.29 30.07 37.30
C PRO D 6 -2.08 28.55 37.44
N LYS D 7 -0.87 28.17 37.85
CA LYS D 7 -0.56 26.78 38.05
C LYS D 7 -0.98 26.41 39.47
N PRO D 8 -1.92 25.46 39.63
CA PRO D 8 -2.27 25.06 40.99
C PRO D 8 -1.05 24.59 41.76
N VAL D 9 -1.11 24.70 43.09
CA VAL D 9 -0.18 23.98 43.98
C VAL D 9 -0.40 22.46 43.91
N ALA D 10 -1.66 22.04 43.83
CA ALA D 10 -2.02 20.62 43.69
C ALA D 10 -1.39 19.98 42.43
N PRO D 11 -0.93 18.70 42.52
CA PRO D 11 -0.20 18.11 41.39
C PRO D 11 -1.14 17.73 40.25
N ALA D 12 -0.66 17.81 39.01
CA ALA D 12 -1.55 17.48 37.88
C ALA D 12 -1.80 15.96 37.95
N PRO D 13 -3.02 15.53 37.57
CA PRO D 13 -3.29 14.10 37.28
C PRO D 13 -2.37 13.60 36.16
N ASP D 14 -1.95 12.32 36.21
CA ASP D 14 -1.05 11.76 35.22
C ASP D 14 -1.91 11.24 34.10
N ILE D 15 -1.96 12.02 33.02
CA ILE D 15 -2.78 11.60 31.89
C ILE D 15 -2.03 10.68 30.96
N LEU D 16 -2.73 9.63 30.55
CA LEU D 16 -2.18 8.62 29.66
C LEU D 16 -2.35 9.04 28.19
N ARG D 17 -3.58 9.40 27.83
CA ARG D 17 -3.97 9.55 26.42
C ARG D 17 -5.39 9.98 26.36
N CYS D 18 -5.77 10.54 25.22
CA CYS D 18 -7.18 10.69 24.88
C CYS D 18 -7.81 9.30 24.79
N ALA D 19 -9.05 9.14 25.24
CA ALA D 19 -9.65 7.80 25.35
C ALA D 19 -11.01 7.63 24.64
N TYR D 20 -11.95 8.57 24.86
CA TYR D 20 -13.23 8.60 24.10
C TYR D 20 -13.84 10.00 24.06
N ALA D 21 -14.74 10.23 23.09
CA ALA D 21 -15.55 11.43 23.08
C ALA D 21 -17.00 10.98 23.18
N GLU D 22 -17.81 11.76 23.90
CA GLU D 22 -19.26 11.64 23.83
C GLU D 22 -19.87 12.78 22.99
N LEU D 23 -20.48 12.40 21.88
CA LEU D 23 -21.12 13.36 20.96
C LEU D 23 -22.64 13.30 21.05
N VAL D 24 -23.31 14.45 21.19
CA VAL D 24 -24.75 14.43 21.13
C VAL D 24 -25.12 14.45 19.65
N VAL D 25 -25.98 13.52 19.26
CA VAL D 25 -26.51 13.45 17.89
C VAL D 25 -28.07 13.57 17.92
N THR D 26 -28.67 14.06 16.82
CA THR D 26 -30.11 14.30 16.74
C THR D 26 -30.90 13.05 16.32
N ASP D 27 -30.26 12.14 15.58
CA ASP D 27 -31.01 11.04 14.95
C ASP D 27 -30.12 9.79 15.03
N LEU D 28 -30.37 8.99 16.06
CA LEU D 28 -29.47 7.88 16.39
C LEU D 28 -29.25 6.87 15.24
N ALA D 29 -30.26 6.66 14.43
CA ALA D 29 -30.16 5.69 13.35
C ALA D 29 -29.31 6.20 12.21
N LYS D 30 -29.54 7.45 11.83
CA LYS D 30 -28.78 8.08 10.77
C LYS D 30 -27.29 8.10 11.14
N SER D 31 -27.00 8.35 12.42
CA SER D 31 -25.64 8.37 12.95
C SER D 31 -25.03 6.95 12.93
N ARG D 32 -25.83 5.98 13.34
CA ARG D 32 -25.44 4.59 13.33
C ARG D 32 -24.99 4.21 11.92
N ASN D 33 -25.78 4.55 10.90
CA ASN D 33 -25.41 4.26 9.50
C ASN D 33 -24.03 4.83 9.19
N PHE D 34 -23.78 6.06 9.60
CA PHE D 34 -22.53 6.68 9.31
C PHE D 34 -21.38 6.00 10.02
N TYR D 35 -21.49 5.87 11.34
CA TYR D 35 -20.35 5.38 12.09
C TYR D 35 -20.05 3.88 11.91
N VAL D 36 -21.11 3.09 11.76
CA VAL D 36 -20.95 1.63 11.73
C VAL D 36 -21.04 1.19 10.27
N ASP D 37 -22.05 1.63 9.54
CA ASP D 37 -22.20 1.17 8.15
C ASP D 37 -21.24 1.77 7.12
N VAL D 38 -21.00 3.06 7.17
CA VAL D 38 -20.00 3.67 6.31
C VAL D 38 -18.61 3.44 6.92
N LEU D 39 -18.43 3.82 8.19
CA LEU D 39 -17.10 3.82 8.79
C LEU D 39 -16.64 2.52 9.38
N GLY D 40 -17.56 1.60 9.67
CA GLY D 40 -17.13 0.25 10.12
C GLY D 40 -16.64 0.15 11.57
N LEU D 41 -16.87 1.18 12.39
CA LEU D 41 -16.59 1.04 13.83
C LEU D 41 -17.39 -0.13 14.48
N HIS D 42 -16.92 -0.59 15.63
CA HIS D 42 -17.37 -1.83 16.23
C HIS D 42 -18.28 -1.55 17.40
N VAL D 43 -19.46 -2.16 17.39
CA VAL D 43 -20.42 -1.89 18.44
C VAL D 43 -20.09 -2.64 19.72
N SER D 44 -19.86 -1.90 20.81
CA SER D 44 -19.62 -2.48 22.14
C SER D 44 -20.94 -2.70 22.89
N TYR D 45 -21.90 -1.84 22.59
CA TYR D 45 -23.19 -1.77 23.27
C TYR D 45 -24.04 -0.73 22.54
N GLU D 46 -25.35 -0.96 22.49
CA GLU D 46 -26.28 0.03 21.95
C GLU D 46 -27.68 -0.23 22.44
N ASP D 47 -28.41 0.87 22.60
CA ASP D 47 -29.85 0.79 22.79
C ASP D 47 -30.56 1.86 21.98
N GLU D 48 -31.71 2.32 22.47
CA GLU D 48 -32.53 3.28 21.76
C GLU D 48 -32.03 4.71 21.99
N ASN D 49 -31.15 4.86 22.98
CA ASN D 49 -30.63 6.15 23.39
C ASN D 49 -29.15 6.44 23.03
N GLN D 50 -28.34 5.37 23.02
CA GLN D 50 -26.87 5.44 22.86
C GLN D 50 -26.26 4.30 22.02
N ILE D 51 -25.12 4.62 21.39
CA ILE D 51 -24.33 3.64 20.63
C ILE D 51 -22.93 3.80 21.11
N TYR D 52 -22.38 2.70 21.60
CA TYR D 52 -21.02 2.65 22.10
C TYR D 52 -20.14 1.92 21.09
N LEU D 53 -19.08 2.62 20.64
CA LEU D 53 -18.26 2.19 19.50
C LEU D 53 -16.78 2.16 19.83
N ARG D 54 -16.09 1.14 19.33
CA ARG D 54 -14.63 1.04 19.50
C ARG D 54 -13.88 0.79 18.18
N SER D 55 -12.59 1.14 18.20
CA SER D 55 -11.71 0.87 17.09
C SER D 55 -11.20 -0.58 17.12
N PHE D 56 -10.50 -0.96 16.05
CA PHE D 56 -10.08 -2.35 15.80
C PHE D 56 -9.07 -2.83 16.86
N GLU D 57 -8.18 -1.92 17.26
CA GLU D 57 -7.16 -2.36 18.22
C GLU D 57 -7.42 -2.01 19.71
N GLU D 58 -8.58 -1.47 19.99
CA GLU D 58 -8.92 -0.95 21.33
C GLU D 58 -9.31 -2.10 22.31
N PHE D 59 -8.86 -2.03 23.56
CA PHE D 59 -9.33 -3.03 24.58
C PHE D 59 -10.18 -2.40 25.69
N ILE D 60 -10.16 -1.06 25.86
CA ILE D 60 -11.13 -0.39 26.76
C ILE D 60 -12.51 -0.40 26.11
N HIS D 61 -13.54 -0.07 26.89
CA HIS D 61 -14.92 -0.33 26.47
C HIS D 61 -15.33 0.38 25.12
N HIS D 62 -14.82 1.58 24.86
CA HIS D 62 -15.28 2.39 23.74
C HIS D 62 -14.32 3.55 23.46
N ASN D 63 -14.40 4.08 22.24
CA ASN D 63 -13.71 5.31 21.88
C ASN D 63 -14.64 6.45 21.47
N LEU D 64 -15.87 6.09 21.21
CA LEU D 64 -16.86 7.03 20.77
C LEU D 64 -18.19 6.65 21.45
N VAL D 65 -18.89 7.61 22.06
CA VAL D 65 -20.26 7.36 22.53
C VAL D 65 -21.19 8.36 21.81
N LEU D 66 -22.25 7.84 21.20
CA LEU D 66 -23.25 8.70 20.54
C LEU D 66 -24.50 8.64 21.37
N THR D 67 -24.89 9.81 21.90
CA THR D 67 -26.09 10.00 22.74
C THR D 67 -27.17 10.88 22.04
N LYS D 68 -28.37 10.32 21.87
CA LYS D 68 -29.51 11.05 21.29
C LYS D 68 -29.84 12.24 22.19
N GLY D 69 -30.11 13.39 21.58
CA GLY D 69 -30.43 14.63 22.30
C GLY D 69 -31.01 15.65 21.33
N PRO D 70 -31.52 16.76 21.86
CA PRO D 70 -32.11 17.79 20.99
C PRO D 70 -31.11 18.64 20.20
N VAL D 71 -29.91 18.85 20.76
CA VAL D 71 -28.93 19.71 20.14
C VAL D 71 -27.60 19.00 19.99
N ALA D 72 -27.20 18.82 18.72
CA ALA D 72 -25.91 18.20 18.43
C ALA D 72 -24.73 19.01 19.01
N ALA D 73 -23.88 18.33 19.78
CA ALA D 73 -22.84 19.00 20.49
C ALA D 73 -21.87 17.97 21.05
N LEU D 74 -20.67 18.41 21.41
CA LEU D 74 -19.80 17.61 22.27
C LEU D 74 -20.30 17.69 23.70
N LYS D 75 -20.57 16.51 24.28
CA LYS D 75 -20.89 16.35 25.70
C LYS D 75 -19.65 16.13 26.63
N ALA D 76 -18.65 15.38 26.16
CA ALA D 76 -17.43 15.23 26.92
C ALA D 76 -16.30 14.67 26.06
N MET D 77 -15.11 15.26 26.21
CA MET D 77 -13.85 14.67 25.77
C MET D 77 -13.17 14.07 26.98
N ALA D 78 -12.99 12.75 26.96
CA ALA D 78 -12.37 11.97 28.05
C ALA D 78 -10.91 11.54 27.85
N PHE D 79 -10.15 11.68 28.92
CA PHE D 79 -8.76 11.28 29.00
C PHE D 79 -8.62 10.19 30.06
N ARG D 80 -8.00 9.06 29.69
CA ARG D 80 -7.63 8.07 30.70
C ARG D 80 -6.39 8.51 31.52
N VAL D 81 -6.52 8.33 32.84
CA VAL D 81 -5.45 8.57 33.77
C VAL D 81 -4.79 7.26 34.24
N ARG D 82 -3.60 7.38 34.82
CA ARG D 82 -2.75 6.20 34.98
C ARG D 82 -3.20 5.31 36.12
N THR D 83 -3.70 5.93 37.20
CA THR D 83 -4.16 5.25 38.45
C THR D 83 -5.52 5.76 38.93
N PRO D 84 -6.23 4.95 39.72
CA PRO D 84 -7.42 5.38 40.45
C PRO D 84 -7.26 6.72 41.17
N GLU D 85 -6.16 6.89 41.91
CA GLU D 85 -5.84 8.10 42.67
C GLU D 85 -5.75 9.34 41.77
N ASP D 86 -5.41 9.12 40.50
CA ASP D 86 -5.32 10.25 39.56
C ASP D 86 -6.68 10.95 39.33
N VAL D 87 -7.78 10.24 39.54
CA VAL D 87 -9.11 10.87 39.49
C VAL D 87 -9.31 11.82 40.70
N ASP D 88 -8.70 11.47 41.83
CA ASP D 88 -8.75 12.36 43.00
C ASP D 88 -7.81 13.54 42.75
N LYS D 89 -6.68 13.27 42.10
CA LYS D 89 -5.72 14.35 41.83
C LYS D 89 -6.34 15.36 40.86
N ALA D 90 -7.04 14.87 39.82
CA ALA D 90 -7.82 15.74 38.89
C ALA D 90 -8.86 16.62 39.57
N GLU D 91 -9.56 16.07 40.54
CA GLU D 91 -10.63 16.81 41.23
C GLU D 91 -10.07 17.97 42.04
N ALA D 92 -9.04 17.71 42.82
CA ALA D 92 -8.35 18.78 43.60
C ALA D 92 -7.76 19.85 42.70
N TYR D 93 -7.18 19.42 41.58
CA TYR D 93 -6.59 20.33 40.58
C TYR D 93 -7.61 21.35 40.02
N TYR D 94 -8.76 20.87 39.57
CA TYR D 94 -9.76 21.73 38.92
C TYR D 94 -10.58 22.45 39.97
N GLN D 95 -10.57 21.92 41.19
CA GLN D 95 -11.11 22.63 42.35
C GLN D 95 -10.26 23.85 42.70
N GLU D 96 -8.96 23.63 42.91
CA GLU D 96 -8.03 24.74 43.08
C GLU D 96 -8.15 25.81 41.99
N LEU D 97 -8.43 25.41 40.75
CA LEU D 97 -8.59 26.38 39.63
C LEU D 97 -9.86 27.19 39.66
N GLY D 98 -10.85 26.67 40.38
CA GLY D 98 -12.17 27.32 40.48
C GLY D 98 -13.20 26.84 39.49
N CYS D 99 -12.99 25.65 38.93
CA CYS D 99 -13.88 25.13 37.90
C CYS D 99 -14.98 24.28 38.52
N ARG D 100 -16.18 24.33 37.92
CA ARG D 100 -17.23 23.39 38.29
C ARG D 100 -16.75 21.98 37.99
N THR D 101 -16.90 21.09 38.96
CA THR D 101 -16.59 19.68 38.74
C THR D 101 -17.78 18.84 39.18
N GLU D 102 -17.92 17.65 38.60
CA GLU D 102 -18.87 16.61 39.02
C GLU D 102 -18.25 15.19 39.01
N ARG D 103 -18.31 14.54 40.17
CA ARG D 103 -17.75 13.20 40.46
C ARG D 103 -18.87 12.13 40.53
N ARG D 104 -18.74 11.09 39.71
CA ARG D 104 -19.61 9.92 39.81
C ARG D 104 -18.76 8.68 40.05
N LYS D 105 -18.97 8.00 41.17
CA LYS D 105 -18.18 6.79 41.42
C LYS D 105 -18.51 5.68 40.43
N ASP D 106 -19.70 5.76 39.84
CA ASP D 106 -20.32 4.79 38.95
CA ASP D 106 -20.06 4.68 38.92
C ASP D 106 -20.10 5.10 37.45
N GLY D 107 -19.52 6.28 37.18
CA GLY D 107 -19.33 6.80 35.83
C GLY D 107 -20.52 7.52 35.25
N PHE D 108 -20.28 8.36 34.24
CA PHE D 108 -21.34 9.05 33.51
C PHE D 108 -21.90 8.24 32.36
N VAL D 109 -21.11 7.29 31.87
CA VAL D 109 -21.50 6.49 30.69
CA VAL D 109 -21.48 6.52 30.68
C VAL D 109 -21.21 5.01 30.92
N LYS D 110 -21.89 4.12 30.19
CA LYS D 110 -21.63 2.69 30.40
C LYS D 110 -20.18 2.35 30.04
N GLY D 111 -19.64 1.37 30.76
CA GLY D 111 -18.31 0.85 30.48
C GLY D 111 -17.21 1.66 31.12
N ILE D 112 -17.59 2.71 31.84
CA ILE D 112 -16.64 3.53 32.60
C ILE D 112 -17.00 3.54 34.10
N GLY D 113 -16.00 3.37 34.97
CA GLY D 113 -16.24 3.38 36.43
C GLY D 113 -16.14 4.78 36.98
N ASP D 114 -15.39 4.96 38.06
CA ASP D 114 -15.25 6.24 38.77
C ASP D 114 -14.66 7.36 37.91
N ALA D 115 -15.45 8.43 37.73
CA ALA D 115 -15.07 9.48 36.82
C ALA D 115 -15.40 10.92 37.25
N LEU D 116 -14.48 11.81 36.91
CA LEU D 116 -14.72 13.24 37.08
C LEU D 116 -15.05 13.96 35.74
N ARG D 117 -16.17 14.71 35.68
CA ARG D 117 -16.38 15.69 34.61
C ARG D 117 -16.20 17.10 35.09
N VAL D 118 -15.57 17.94 34.27
CA VAL D 118 -15.26 19.33 34.62
CA VAL D 118 -15.31 19.34 34.63
C VAL D 118 -15.63 20.31 33.49
N GLU D 119 -16.02 21.53 33.86
CA GLU D 119 -16.09 22.63 32.90
C GLU D 119 -14.74 23.36 33.03
N ASP D 120 -13.81 23.12 32.09
CA ASP D 120 -12.41 23.53 32.30
C ASP D 120 -12.25 25.06 32.06
N PRO D 121 -11.07 25.63 32.35
CA PRO D 121 -10.90 27.07 32.10
C PRO D 121 -11.26 27.57 30.69
N LEU D 122 -11.15 26.72 29.66
CA LEU D 122 -11.47 27.15 28.30
C LEU D 122 -12.93 26.89 27.91
N GLY D 123 -13.68 26.37 28.86
CA GLY D 123 -15.13 26.16 28.75
C GLY D 123 -15.44 24.79 28.19
N PHE D 124 -14.42 23.93 28.21
CA PHE D 124 -14.58 22.59 27.63
C PHE D 124 -14.94 21.55 28.70
N PRO D 125 -15.84 20.61 28.35
CA PRO D 125 -16.21 19.54 29.25
C PRO D 125 -15.26 18.33 29.18
N TYR D 126 -14.28 18.26 30.08
CA TYR D 126 -13.27 17.20 30.07
C TYR D 126 -13.72 16.16 31.06
N GLU D 127 -13.35 14.91 30.80
CA GLU D 127 -13.59 13.83 31.74
C GLU D 127 -12.27 13.18 32.07
N PHE D 128 -12.07 12.89 33.35
CA PHE D 128 -10.94 12.07 33.77
C PHE D 128 -11.41 10.75 34.37
N PHE D 129 -10.77 9.66 34.00
CA PHE D 129 -11.22 8.36 34.49
C PHE D 129 -10.08 7.35 34.38
N PHE D 130 -10.11 6.32 35.23
CA PHE D 130 -9.18 5.21 35.13
C PHE D 130 -9.94 3.93 34.80
N GLU D 131 -10.91 3.58 35.65
CA GLU D 131 -11.68 2.34 35.56
C GLU D 131 -12.48 2.26 34.28
N THR D 132 -12.41 1.10 33.63
CA THR D 132 -13.18 0.82 32.40
C THR D 132 -13.31 -0.66 32.09
N THR D 133 -14.44 -1.02 31.50
CA THR D 133 -14.74 -2.41 31.17
C THR D 133 -13.88 -2.93 29.99
N HIS D 134 -12.95 -3.86 30.25
CA HIS D 134 -12.17 -4.41 29.14
C HIS D 134 -13.08 -5.23 28.23
N VAL D 135 -12.87 -5.13 26.92
CA VAL D 135 -13.61 -5.93 25.94
C VAL D 135 -12.65 -6.76 25.05
N GLU D 136 -13.20 -7.56 24.16
CA GLU D 136 -12.38 -8.33 23.21
C GLU D 136 -11.53 -7.40 22.31
N ARG D 137 -10.22 -7.49 22.48
CA ARG D 137 -9.28 -6.73 21.65
C ARG D 137 -9.29 -7.30 20.22
N LEU D 138 -9.75 -6.49 19.28
CA LEU D 138 -10.01 -7.06 17.96
C LEU D 138 -8.83 -6.99 16.97
N HIS D 139 -7.62 -6.80 17.48
CA HIS D 139 -6.48 -6.41 16.65
C HIS D 139 -6.00 -7.48 15.64
N MET D 140 -6.43 -8.73 15.81
CA MET D 140 -6.13 -9.82 14.88
C MET D 140 -7.38 -10.46 14.28
N ARG D 141 -8.51 -9.77 14.38
CA ARG D 141 -9.74 -10.28 13.85
C ARG D 141 -9.88 -9.82 12.40
N TYR D 142 -9.02 -10.38 11.56
CA TYR D 142 -8.97 -10.07 10.12
C TYR D 142 -10.18 -10.58 9.33
N ASP D 143 -10.95 -11.49 9.93
CA ASP D 143 -12.26 -11.84 9.37
C ASP D 143 -13.26 -10.65 9.42
N LEU D 144 -13.03 -9.71 10.34
CA LEU D 144 -13.84 -8.50 10.53
C LEU D 144 -13.22 -7.26 9.83
N TYR D 145 -11.96 -7.31 9.45
CA TYR D 145 -11.23 -6.07 8.96
C TYR D 145 -11.89 -5.50 7.70
N SER D 146 -12.20 -4.19 7.71
CA SER D 146 -12.63 -3.52 6.47
C SER D 146 -11.47 -2.80 5.72
N ALA D 147 -11.64 -2.62 4.42
CA ALA D 147 -10.70 -1.96 3.59
C ALA D 147 -10.40 -0.52 4.06
N GLY D 148 -11.28 0.08 4.88
CA GLY D 148 -11.03 1.40 5.50
C GLY D 148 -10.92 1.39 7.01
N GLU D 149 -10.47 0.24 7.55
CA GLU D 149 -10.50 -0.01 9.01
C GLU D 149 -9.93 1.14 9.87
N LEU D 150 -10.71 1.57 10.84
CA LEU D 150 -10.28 2.55 11.82
C LEU D 150 -9.70 1.83 13.03
N VAL D 151 -8.40 1.96 13.24
CA VAL D 151 -7.66 1.10 14.17
C VAL D 151 -7.44 1.70 15.58
N ARG D 152 -7.43 3.04 15.69
CA ARG D 152 -7.26 3.69 16.99
C ARG D 152 -7.96 5.04 17.06
N LEU D 153 -8.30 5.48 18.28
CA LEU D 153 -8.52 6.91 18.55
C LEU D 153 -7.18 7.55 18.74
N ASP D 154 -6.95 8.62 18.01
CA ASP D 154 -5.66 9.33 18.07
C ASP D 154 -5.70 10.65 18.82
N HIS D 155 -6.77 11.42 18.71
CA HIS D 155 -6.65 12.82 19.16
C HIS D 155 -7.95 13.58 19.06
N PHE D 156 -8.04 14.70 19.79
CA PHE D 156 -9.10 15.73 19.62
C PHE D 156 -8.46 17.07 19.15
N ASN D 157 -9.29 17.96 18.66
CA ASN D 157 -8.85 19.32 18.28
C ASN D 157 -9.98 20.28 18.69
N GLN D 158 -9.59 21.36 19.38
CA GLN D 158 -10.47 22.27 20.08
C GLN D 158 -10.29 23.65 19.52
N VAL D 159 -11.41 24.35 19.26
CA VAL D 159 -11.35 25.74 18.81
C VAL D 159 -11.52 26.64 20.05
N THR D 160 -10.56 27.55 20.23
CA THR D 160 -10.44 28.46 21.35
C THR D 160 -9.83 29.81 20.86
N PRO D 161 -10.30 30.97 21.40
CA PRO D 161 -9.90 32.32 20.94
C PRO D 161 -8.46 32.67 21.11
N ASP D 162 -7.95 32.31 22.27
CA ASP D 162 -6.63 32.73 22.71
C ASP D 162 -5.76 31.48 22.88
N VAL D 163 -4.83 31.25 21.95
CA VAL D 163 -4.12 29.96 21.93
C VAL D 163 -3.03 29.84 23.02
N PRO D 164 -2.16 30.88 23.13
CA PRO D 164 -1.16 30.94 24.19
C PRO D 164 -1.75 30.66 25.60
N ARG D 165 -2.87 31.31 25.95
CA ARG D 165 -3.59 31.08 27.22
C ARG D 165 -3.95 29.61 27.43
N GLY D 166 -4.55 28.96 26.43
CA GLY D 166 -4.92 27.54 26.52
C GLY D 166 -3.69 26.68 26.60
N ARG D 167 -2.68 27.07 25.83
CA ARG D 167 -1.44 26.31 25.69
C ARG D 167 -0.75 26.22 27.07
N LYS D 168 -0.64 27.35 27.73
CA LYS D 168 0.01 27.42 29.05
C LYS D 168 -0.71 26.49 30.04
N TYR D 169 -2.04 26.57 30.02
CA TYR D 169 -2.90 25.77 30.87
C TYR D 169 -2.75 24.26 30.56
N LEU D 170 -2.74 23.88 29.30
CA LEU D 170 -2.46 22.45 28.95
C LEU D 170 -1.05 22.00 29.38
N GLU D 171 -0.09 22.91 29.26
CA GLU D 171 1.29 22.64 29.63
C GLU D 171 1.39 22.32 31.12
N ASP D 172 0.77 23.17 31.94
CA ASP D 172 0.65 22.96 33.41
C ASP D 172 0.04 21.59 33.70
N LEU D 173 -0.90 21.15 32.85
CA LEU D 173 -1.66 19.89 33.03
C LEU D 173 -0.80 18.70 32.63
N GLY D 174 0.33 18.98 31.97
CA GLY D 174 1.33 17.96 31.59
C GLY D 174 1.53 17.64 30.12
N PHE D 175 0.66 18.16 29.25
CA PHE D 175 0.83 18.04 27.80
C PHE D 175 2.11 18.72 27.31
N ARG D 176 2.83 18.04 26.42
CA ARG D 176 4.03 18.64 25.84
C ARG D 176 3.77 19.12 24.41
N VAL D 177 4.04 20.40 24.14
CA VAL D 177 3.86 21.00 22.79
C VAL D 177 4.88 20.50 21.76
N THR D 178 4.37 20.00 20.63
CA THR D 178 5.22 19.38 19.60
C THR D 178 5.39 20.32 18.40
N GLU D 179 4.30 20.85 17.88
CA GLU D 179 4.42 21.83 16.81
C GLU D 179 3.45 22.99 17.04
N ASP D 180 3.63 24.08 16.28
CA ASP D 180 2.69 25.18 16.29
C ASP D 180 2.78 26.07 15.02
N ILE D 181 1.82 26.97 14.85
CA ILE D 181 1.76 27.88 13.73
C ILE D 181 1.76 29.32 14.32
N GLN D 182 2.70 30.15 13.89
CA GLN D 182 2.81 31.55 14.33
C GLN D 182 3.07 32.48 13.15
N ASP D 183 3.00 33.79 13.36
CA ASP D 183 3.50 34.71 12.35
C ASP D 183 4.72 35.54 12.86
N ASP D 184 5.31 36.35 12.00
CA ASP D 184 6.52 37.07 12.41
C ASP D 184 6.22 38.20 13.39
N GLU D 185 4.94 38.46 13.63
CA GLU D 185 4.48 39.60 14.46
CA GLU D 185 4.55 39.60 14.49
C GLU D 185 3.89 39.12 15.78
N GLY D 186 4.19 37.87 16.14
CA GLY D 186 3.88 37.37 17.47
C GLY D 186 2.54 36.73 17.72
N THR D 187 1.75 36.53 16.67
CA THR D 187 0.44 35.87 16.79
C THR D 187 0.60 34.36 16.66
N THR D 188 -0.11 33.64 17.53
CA THR D 188 -0.22 32.18 17.47
C THR D 188 -1.58 31.81 16.96
N TYR D 189 -1.60 30.90 15.98
CA TYR D 189 -2.83 30.43 15.34
C TYR D 189 -3.27 29.02 15.76
N ALA D 190 -2.34 28.20 16.22
CA ALA D 190 -2.62 26.79 16.49
C ALA D 190 -1.40 26.18 17.19
N ALA D 191 -1.65 25.13 17.95
CA ALA D 191 -0.66 24.46 18.78
C ALA D 191 -1.12 23.03 18.94
N TRP D 192 -0.16 22.08 19.00
CA TRP D 192 -0.45 20.64 19.09
C TRP D 192 0.34 20.19 20.31
N MET D 193 -0.25 19.32 21.12
CA MET D 193 0.40 18.85 22.34
C MET D 193 -0.02 17.42 22.68
N HIS D 194 0.86 16.70 23.36
CA HIS D 194 0.70 15.27 23.59
C HIS D 194 1.00 14.81 25.00
N ARG D 195 0.44 13.64 25.33
CA ARG D 195 0.86 12.79 26.47
C ARG D 195 1.39 11.40 26.02
N LYS D 196 0.74 10.74 25.05
CA LYS D 196 1.09 9.35 24.72
C LYS D 196 2.35 9.10 23.84
N GLY D 197 3.01 10.18 23.39
CA GLY D 197 4.19 10.02 22.50
C GLY D 197 3.88 9.98 21.00
N THR D 198 2.72 10.48 20.60
CA THR D 198 2.46 10.75 19.18
C THR D 198 2.50 12.28 19.06
N VAL D 199 2.26 12.84 17.87
CA VAL D 199 2.30 14.30 17.76
C VAL D 199 1.36 15.03 18.77
N HIS D 200 0.18 14.46 19.02
CA HIS D 200 -0.77 15.08 19.94
C HIS D 200 -1.87 14.16 20.52
N ASP D 201 -2.43 14.59 21.66
CA ASP D 201 -3.68 13.99 22.16
C ASP D 201 -4.78 15.04 22.12
N THR D 202 -4.42 16.32 22.17
CA THR D 202 -5.39 17.31 21.79
C THR D 202 -4.63 18.47 21.11
N ALA D 203 -5.36 19.47 20.65
CA ALA D 203 -4.77 20.53 19.90
C ALA D 203 -5.71 21.72 20.00
N LEU D 204 -5.12 22.92 19.95
CA LEU D 204 -5.90 24.13 19.94
C LEU D 204 -5.76 24.75 18.58
N THR D 205 -6.88 25.21 18.05
CA THR D 205 -6.99 25.91 16.80
C THR D 205 -7.59 27.26 17.20
N GLY D 206 -6.93 28.37 16.88
CA GLY D 206 -7.49 29.69 17.09
C GLY D 206 -8.82 29.95 16.43
N GLY D 207 -9.77 30.45 17.20
CA GLY D 207 -11.06 30.81 16.68
C GLY D 207 -12.12 30.97 17.72
N ASN D 208 -13.32 31.34 17.30
CA ASN D 208 -14.47 31.48 18.24
C ASN D 208 -14.68 30.19 19.01
N GLY D 209 -14.65 30.27 20.34
CA GLY D 209 -14.72 29.08 21.19
C GLY D 209 -15.42 29.32 22.51
N PRO D 210 -15.70 28.23 23.30
CA PRO D 210 -15.35 26.84 22.99
C PRO D 210 -16.18 26.17 21.88
N ARG D 211 -15.47 25.58 20.91
CA ARG D 211 -16.08 24.67 19.92
C ARG D 211 -15.18 23.44 19.68
N LEU D 212 -15.77 22.31 19.33
CA LEU D 212 -14.94 21.15 19.07
C LEU D 212 -14.69 21.12 17.55
N HIS D 213 -13.42 21.22 17.16
CA HIS D 213 -13.08 21.11 15.73
C HIS D 213 -13.30 19.72 15.15
N HIS D 214 -12.66 18.73 15.74
CA HIS D 214 -12.82 17.34 15.31
C HIS D 214 -12.38 16.28 16.29
N VAL D 215 -12.79 15.04 15.98
CA VAL D 215 -12.20 13.85 16.58
C VAL D 215 -11.47 13.04 15.47
N ALA D 216 -10.28 12.49 15.79
CA ALA D 216 -9.39 11.80 14.86
C ALA D 216 -9.15 10.36 15.22
N PHE D 217 -9.38 9.46 14.24
CA PHE D 217 -9.07 8.02 14.30
C PHE D 217 -7.93 7.68 13.31
N SER D 218 -7.11 6.68 13.66
CA SER D 218 -5.96 6.29 12.86
C SER D 218 -6.40 5.10 11.97
N THR D 219 -5.72 4.93 10.83
CA THR D 219 -5.79 3.70 10.05
C THR D 219 -4.34 3.10 10.00
N HIS D 220 -4.17 1.87 9.52
CA HIS D 220 -2.81 1.30 9.38
C HIS D 220 -2.02 1.94 8.28
N GLU D 221 -2.67 2.12 7.11
CA GLU D 221 -1.97 2.50 5.89
C GLU D 221 -2.73 3.61 5.14
N LYS D 222 -2.01 4.30 4.25
CA LYS D 222 -2.63 5.38 3.50
C LYS D 222 -3.77 4.85 2.60
N HIS D 223 -3.66 3.62 2.10
CA HIS D 223 -4.69 3.14 1.18
C HIS D 223 -6.02 2.92 1.91
N ASN D 224 -5.96 2.70 3.23
CA ASN D 224 -7.21 2.61 4.04
C ASN D 224 -8.02 3.92 4.04
N ILE D 225 -7.32 5.04 4.13
CA ILE D 225 -7.93 6.39 3.97
C ILE D 225 -8.44 6.66 2.54
N ILE D 226 -7.70 6.21 1.51
CA ILE D 226 -8.18 6.28 0.14
CA ILE D 226 -8.18 6.26 0.14
C ILE D 226 -9.50 5.50 -0.01
N GLN D 227 -9.56 4.31 0.60
CA GLN D 227 -10.81 3.52 0.56
C GLN D 227 -12.05 4.20 1.13
N ILE D 228 -11.86 4.94 2.23
CA ILE D 228 -12.95 5.71 2.79
C ILE D 228 -13.49 6.65 1.74
N CYS D 229 -12.61 7.35 1.06
CA CYS D 229 -13.07 8.33 0.05
C CYS D 229 -13.83 7.60 -1.06
N ASP D 230 -13.23 6.51 -1.51
CA ASP D 230 -13.78 5.70 -2.60
C ASP D 230 -15.19 5.22 -2.23
N LYS D 231 -15.35 4.76 -0.99
CA LYS D 231 -16.64 4.21 -0.50
C LYS D 231 -17.69 5.31 -0.39
N MET D 232 -17.26 6.45 0.12
CA MET D 232 -18.13 7.59 0.12
C MET D 232 -18.57 7.99 -1.31
N GLY D 233 -17.68 7.97 -2.30
CA GLY D 233 -18.12 8.16 -3.70
C GLY D 233 -19.21 7.15 -4.13
N ALA D 234 -18.96 5.86 -3.85
CA ALA D 234 -19.89 4.82 -4.28
C ALA D 234 -21.27 4.94 -3.63
N LEU D 235 -21.31 5.29 -2.36
CA LEU D 235 -22.58 5.62 -1.66
C LEU D 235 -23.13 7.00 -2.05
N ARG D 236 -22.45 7.69 -2.96
CA ARG D 236 -22.84 9.00 -3.48
C ARG D 236 -23.02 10.01 -2.37
N ILE D 237 -22.10 9.97 -1.42
CA ILE D 237 -22.05 10.98 -0.34
C ILE D 237 -20.72 11.76 -0.35
N SER D 238 -20.15 12.02 -1.52
CA SER D 238 -18.85 12.73 -1.55
C SER D 238 -19.00 14.14 -1.04
N ASP D 239 -20.23 14.67 -0.95
CA ASP D 239 -20.43 16.03 -0.38
C ASP D 239 -20.08 16.09 1.13
N ARG D 240 -20.13 14.92 1.78
CA ARG D 240 -19.70 14.80 3.16
C ARG D 240 -18.16 14.64 3.32
N ILE D 241 -17.40 14.61 2.20
CA ILE D 241 -15.94 14.68 2.30
C ILE D 241 -15.68 16.16 2.36
N GLU D 242 -15.25 16.65 3.53
CA GLU D 242 -15.02 18.11 3.66
C GLU D 242 -13.68 18.59 3.05
N ARG D 243 -12.62 17.84 3.26
CA ARG D 243 -11.29 18.31 2.93
C ARG D 243 -10.29 17.17 2.89
N GLY D 244 -9.44 17.10 1.85
CA GLY D 244 -8.51 15.96 1.71
C GLY D 244 -8.85 14.99 0.59
N PRO D 245 -8.20 13.81 0.57
CA PRO D 245 -7.12 13.40 1.48
C PRO D 245 -5.89 14.24 1.18
N GLY D 246 -4.97 14.29 2.12
CA GLY D 246 -3.72 14.94 1.88
C GLY D 246 -2.60 14.46 2.79
N ARG D 247 -1.46 15.13 2.70
CA ARG D 247 -0.40 14.95 3.66
C ARG D 247 -0.30 16.26 4.43
N HIS D 248 -0.32 16.19 5.76
CA HIS D 248 -0.24 17.37 6.60
C HIS D 248 1.22 17.89 6.59
N GLY D 249 1.39 19.18 6.81
CA GLY D 249 2.72 19.74 7.02
C GLY D 249 3.03 19.45 8.48
N VAL D 250 2.39 20.24 9.34
CA VAL D 250 2.42 19.99 10.81
C VAL D 250 1.97 18.56 11.05
N SER D 251 2.78 17.76 11.77
CA SER D 251 2.53 16.33 12.12
C SER D 251 2.96 15.32 11.07
N ASN D 252 2.98 15.74 9.82
CA ASN D 252 3.45 14.85 8.71
C ASN D 252 2.51 13.65 8.44
N ALA D 253 1.28 13.73 8.94
CA ALA D 253 0.39 12.57 8.80
C ALA D 253 -0.40 12.64 7.50
N PHE D 254 -0.74 11.47 6.96
CA PHE D 254 -1.67 11.41 5.84
C PHE D 254 -3.12 11.59 6.39
N TYR D 255 -3.96 12.37 5.74
CA TYR D 255 -5.20 12.81 6.41
C TYR D 255 -6.43 12.92 5.54
N LEU D 256 -7.59 13.01 6.20
CA LEU D 256 -8.88 13.23 5.56
C LEU D 256 -9.86 13.77 6.59
N TYR D 257 -10.66 14.76 6.20
CA TYR D 257 -11.75 15.24 7.02
C TYR D 257 -13.10 14.98 6.39
N ILE D 258 -13.99 14.38 7.19
CA ILE D 258 -15.34 14.05 6.76
C ILE D 258 -16.35 14.58 7.78
N LEU D 259 -17.63 14.59 7.41
CA LEU D 259 -18.66 15.19 8.26
C LEU D 259 -19.80 14.23 8.46
N ASP D 260 -20.13 13.99 9.73
CA ASP D 260 -21.21 13.13 10.10
C ASP D 260 -22.60 13.79 9.86
N PRO D 261 -23.71 13.05 10.11
CA PRO D 261 -25.05 13.63 9.93
C PRO D 261 -25.36 14.97 10.63
N ASP D 262 -24.70 15.25 11.74
CA ASP D 262 -24.89 16.45 12.52
C ASP D 262 -23.76 17.46 12.29
N ASN D 263 -23.00 17.21 11.23
CA ASN D 263 -21.83 18.02 10.89
C ASN D 263 -20.71 17.98 11.91
N HIS D 264 -20.70 16.99 12.80
CA HIS D 264 -19.45 16.75 13.58
C HIS D 264 -18.36 16.29 12.59
N ARG D 265 -17.20 16.91 12.66
CA ARG D 265 -16.08 16.64 11.77
C ARG D 265 -15.20 15.52 12.34
N ILE D 266 -15.01 14.47 11.55
CA ILE D 266 -14.13 13.40 11.92
C ILE D 266 -12.89 13.46 11.03
N GLU D 267 -11.73 13.30 11.65
CA GLU D 267 -10.45 13.20 10.88
C GLU D 267 -9.97 11.77 10.85
N ILE D 268 -9.54 11.30 9.66
CA ILE D 268 -8.87 10.00 9.56
C ILE D 268 -7.38 10.29 9.33
N TYR D 269 -6.49 9.57 10.03
CA TYR D 269 -5.13 10.05 10.26
C TYR D 269 -4.20 8.84 10.24
N THR D 270 -3.02 8.98 9.64
CA THR D 270 -2.00 7.94 9.80
C THR D 270 -0.56 8.41 9.63
N GLN D 271 0.33 7.79 10.40
CA GLN D 271 1.80 7.78 10.23
C GLN D 271 2.46 9.12 10.55
N ASP D 272 2.13 9.67 11.73
CA ASP D 272 2.96 10.73 12.31
C ASP D 272 4.16 10.08 13.02
N TYR D 273 4.86 10.83 13.86
CA TYR D 273 6.16 10.40 14.34
C TYR D 273 6.20 10.32 15.88
N TYR D 274 7.25 9.68 16.42
CA TYR D 274 7.44 9.47 17.90
C TYR D 274 7.92 10.78 18.60
N THR D 275 7.27 11.13 19.70
CA THR D 275 7.56 12.37 20.39
C THR D 275 7.85 12.12 21.87
N GLY D 276 7.98 10.87 22.28
CA GLY D 276 8.07 10.60 23.70
C GLY D 276 9.29 11.06 24.45
N ASP D 277 10.38 11.44 23.73
CA ASP D 277 11.61 11.89 24.41
C ASP D 277 11.35 13.27 24.95
N PRO D 278 11.84 13.57 26.18
CA PRO D 278 11.46 14.87 26.76
C PRO D 278 12.03 16.08 26.06
N ASP D 279 13.05 15.92 25.20
CA ASP D 279 13.65 17.07 24.50
C ASP D 279 13.33 16.96 23.02
N ASN D 280 12.23 16.28 22.73
CA ASN D 280 11.65 16.17 21.40
C ASN D 280 11.65 17.53 20.78
N PRO D 281 12.29 17.67 19.62
CA PRO D 281 12.43 19.02 19.06
C PRO D 281 11.08 19.58 18.64
N THR D 282 10.85 20.85 18.99
CA THR D 282 9.63 21.55 18.59
C THR D 282 9.74 22.05 17.14
N ILE D 283 8.60 22.26 16.50
CA ILE D 283 8.58 22.74 15.13
C ILE D 283 7.58 23.87 15.06
N THR D 284 8.01 25.07 14.67
CA THR D 284 7.05 26.16 14.46
C THR D 284 6.95 26.48 12.96
N TRP D 285 5.73 26.52 12.41
CA TRP D 285 5.53 26.91 11.00
C TRP D 285 5.06 28.38 10.91
N ASN D 286 5.45 29.08 9.87
CA ASN D 286 4.91 30.43 9.63
C ASN D 286 3.53 30.25 9.01
N VAL D 287 2.57 31.09 9.43
CA VAL D 287 1.18 30.99 8.95
C VAL D 287 1.03 31.16 7.39
N HIS D 288 1.99 31.78 6.74
CA HIS D 288 1.83 32.12 5.33
C HIS D 288 2.52 31.05 4.48
N ASP D 289 3.04 30.01 5.16
CA ASP D 289 3.68 28.88 4.50
C ASP D 289 2.59 27.90 3.91
N ASN D 290 2.44 27.87 2.59
CA ASN D 290 1.36 27.08 1.95
C ASN D 290 1.60 25.56 2.00
N GLN D 291 2.69 25.11 2.64
CA GLN D 291 2.84 23.63 2.90
C GLN D 291 2.62 23.20 4.35
N ARG D 292 2.22 24.12 5.22
CA ARG D 292 2.08 23.80 6.67
C ARG D 292 0.86 22.94 7.01
N ARG D 293 -0.25 23.09 6.27
CA ARG D 293 -1.44 22.34 6.61
C ARG D 293 -1.65 21.21 5.59
N ASP D 294 -1.60 21.54 4.30
CA ASP D 294 -1.48 20.51 3.26
C ASP D 294 -0.05 20.66 2.68
N TRP D 295 0.74 19.62 2.83
CA TRP D 295 2.14 19.61 2.39
C TRP D 295 2.27 19.73 0.87
N TRP D 296 1.19 19.40 0.15
CA TRP D 296 1.19 19.50 -1.32
C TRP D 296 0.69 20.85 -1.83
N GLY D 297 0.46 21.78 -0.91
CA GLY D 297 0.03 23.10 -1.27
C GLY D 297 -1.44 23.19 -1.64
N ASN D 298 -2.16 22.10 -1.50
CA ASN D 298 -3.60 22.16 -1.80
C ASN D 298 -4.32 23.11 -0.80
N PRO D 299 -5.36 23.82 -1.27
CA PRO D 299 -6.03 24.86 -0.47
C PRO D 299 -6.82 24.32 0.72
N VAL D 300 -6.80 25.05 1.84
CA VAL D 300 -7.59 24.65 3.00
C VAL D 300 -9.01 25.15 2.74
N VAL D 301 -9.95 24.23 2.84
CA VAL D 301 -11.33 24.46 2.59
C VAL D 301 -11.88 25.53 3.63
N PRO D 302 -12.58 26.58 3.17
CA PRO D 302 -12.88 27.69 4.11
C PRO D 302 -13.75 27.20 5.27
N SER D 303 -14.61 26.21 5.01
CA SER D 303 -15.39 25.61 6.13
C SER D 303 -14.54 25.05 7.27
N TRP D 304 -13.32 24.63 6.96
CA TRP D 304 -12.41 24.07 7.96
C TRP D 304 -12.05 25.10 9.03
N TYR D 305 -11.83 26.33 8.61
CA TYR D 305 -11.61 27.45 9.49
C TYR D 305 -12.82 28.03 10.24
N THR D 306 -14.04 27.81 9.77
CA THR D 306 -15.21 28.54 10.34
C THR D 306 -16.21 27.68 11.11
N GLU D 307 -16.24 26.38 10.78
CA GLU D 307 -17.25 25.47 11.27
C GLU D 307 -16.64 24.55 12.28
N ALA D 308 -17.36 24.34 13.37
CA ALA D 308 -16.99 23.42 14.45
C ALA D 308 -18.25 23.16 15.29
N SER D 309 -18.22 22.11 16.09
CA SER D 309 -19.37 21.73 16.92
C SER D 309 -19.52 22.55 18.23
N LYS D 310 -20.77 22.85 18.59
CA LYS D 310 -21.15 23.33 19.91
C LYS D 310 -20.60 22.39 21.00
N VAL D 311 -20.36 22.93 22.20
CA VAL D 311 -20.00 22.10 23.36
C VAL D 311 -20.96 22.43 24.51
N LEU D 312 -21.24 21.42 25.32
CA LEU D 312 -22.20 21.56 26.41
C LEU D 312 -21.51 21.69 27.74
N ASP D 313 -22.16 22.41 28.66
CA ASP D 313 -21.72 22.43 30.05
C ASP D 313 -22.31 21.22 30.77
N LEU D 314 -22.14 21.19 32.10
CA LEU D 314 -22.51 20.03 32.93
C LEU D 314 -23.99 19.84 33.16
N ASP D 315 -24.78 20.88 32.87
CA ASP D 315 -26.23 20.79 32.88
C ASP D 315 -26.80 20.39 31.51
N GLY D 316 -25.90 20.13 30.56
CA GLY D 316 -26.31 19.77 29.23
C GLY D 316 -26.71 20.97 28.39
N ASN D 317 -26.26 22.16 28.79
CA ASN D 317 -26.56 23.35 27.99
C ASN D 317 -25.38 23.83 27.14
N VAL D 318 -25.68 24.34 25.94
CA VAL D 318 -24.64 24.86 25.02
C VAL D 318 -23.84 25.98 25.69
N GLN D 319 -22.52 25.88 25.62
CA GLN D 319 -21.61 26.88 26.14
C GLN D 319 -21.60 28.10 25.24
N GLU D 320 -21.61 29.26 25.90
CA GLU D 320 -21.47 30.55 25.25
C GLU D 320 -20.15 30.66 24.48
N ILE D 321 -20.26 31.06 23.22
CA ILE D 321 -19.09 31.28 22.36
C ILE D 321 -18.51 32.67 22.53
N ILE D 322 -17.20 32.73 22.70
CA ILE D 322 -16.46 33.96 22.81
C ILE D 322 -15.67 34.18 21.54
N GLU D 323 -15.64 35.42 21.07
CA GLU D 323 -15.00 35.68 19.78
C GLU D 323 -13.49 35.91 19.87
N ARG D 324 -12.73 35.31 18.94
CA ARG D 324 -11.30 35.54 18.81
CA ARG D 324 -11.30 35.54 18.80
C ARG D 324 -11.09 36.99 18.38
N THR D 325 -10.06 37.64 18.96
CA THR D 325 -9.69 39.02 18.60
C THR D 325 -8.32 39.05 17.92
N ASP D 326 -7.49 38.04 18.18
CA ASP D 326 -6.24 37.85 17.39
C ASP D 326 -6.60 37.61 15.92
N ASP D 327 -5.62 37.76 15.01
CA ASP D 327 -5.88 37.68 13.56
C ASP D 327 -6.39 36.30 13.17
N SER D 328 -7.13 36.25 12.07
CA SER D 328 -7.72 35.03 11.57
C SER D 328 -6.82 34.32 10.56
N GLU D 329 -6.46 33.08 10.82
CA GLU D 329 -5.72 32.24 9.85
C GLU D 329 -6.33 32.26 8.43
N LEU D 330 -7.67 32.14 8.32
CA LEU D 330 -8.37 32.19 7.05
C LEU D 330 -8.03 33.52 6.40
N GLU D 331 -8.15 34.59 7.19
CA GLU D 331 -8.06 35.92 6.57
C GLU D 331 -6.65 36.21 6.11
N VAL D 332 -5.66 35.80 6.91
CA VAL D 332 -4.28 36.18 6.58
C VAL D 332 -3.64 35.32 5.51
N THR D 333 -4.31 34.20 5.17
CA THR D 333 -3.79 33.27 4.16
C THR D 333 -4.58 33.23 2.84
N ILE D 334 -5.91 33.18 2.94
CA ILE D 334 -6.77 32.96 1.77
C ILE D 334 -7.84 34.04 1.56
N GLY D 335 -7.97 34.96 2.51
CA GLY D 335 -8.91 36.07 2.38
C GLY D 335 -8.38 37.12 1.41
N ALA D 336 -9.25 38.08 1.06
CA ALA D 336 -8.92 39.12 0.07
C ALA D 336 -7.60 39.88 0.35
N ASP D 337 -7.24 40.03 1.62
CA ASP D 337 -5.93 40.62 2.01
C ASP D 337 -4.93 39.62 2.57
N GLY D 338 -5.20 38.33 2.37
CA GLY D 338 -4.27 37.31 2.82
C GLY D 338 -3.19 37.01 1.81
N PHE D 339 -2.15 36.30 2.21
CA PHE D 339 -1.27 35.69 1.22
C PHE D 339 -0.68 34.41 1.75
N SER D 340 -0.19 33.58 0.84
CA SER D 340 0.64 32.43 1.25
C SER D 340 1.75 32.17 0.21
N PHE D 341 2.78 31.45 0.61
CA PHE D 341 3.92 31.24 -0.27
C PHE D 341 4.29 29.77 -0.38
N THR D 342 4.98 29.39 -1.46
CA THR D 342 5.58 28.06 -1.58
C THR D 342 7.03 28.05 -1.07
N ARG D 343 7.81 29.03 -1.52
CA ARG D 343 9.16 29.28 -1.01
C ARG D 343 9.21 30.68 -0.34
N ALA D 344 9.56 30.79 0.93
CA ALA D 344 9.54 32.10 1.59
C ALA D 344 10.38 33.14 0.83
N GLY D 345 9.78 34.32 0.58
CA GLY D 345 10.43 35.40 -0.17
C GLY D 345 10.39 35.26 -1.69
N ASP D 346 9.84 34.14 -2.22
CA ASP D 346 9.75 33.97 -3.68
C ASP D 346 8.33 34.35 -4.14
N GLU D 347 8.27 35.28 -5.08
CA GLU D 347 7.00 35.63 -5.67
C GLU D 347 6.35 34.52 -6.52
N ASP D 348 7.16 33.71 -7.20
CA ASP D 348 6.66 32.51 -7.93
C ASP D 348 6.19 31.48 -6.90
N GLY D 349 4.93 31.02 -7.08
CA GLY D 349 4.32 30.02 -6.22
C GLY D 349 3.70 30.58 -4.97
N SER D 350 3.53 31.90 -4.96
CA SER D 350 2.80 32.60 -3.92
C SER D 350 1.42 33.06 -4.42
N TYR D 351 0.50 33.19 -3.46
CA TYR D 351 -0.91 33.50 -3.70
C TYR D 351 -1.27 34.70 -2.84
N HIS D 352 -1.89 35.71 -3.44
CA HIS D 352 -2.28 36.94 -2.76
C HIS D 352 -3.73 37.17 -3.01
N GLY D 353 -4.50 37.25 -1.93
CA GLY D 353 -5.91 37.58 -1.98
C GLY D 353 -6.75 36.43 -2.47
N GLN D 354 -6.17 35.23 -2.40
CA GLN D 354 -6.86 34.00 -2.84
C GLN D 354 -6.12 32.77 -2.40
N ALA D 355 -6.70 31.60 -2.69
CA ALA D 355 -6.15 30.36 -2.23
C ALA D 355 -5.18 29.87 -3.32
N SER D 356 -4.55 28.72 -3.09
CA SER D 356 -3.71 28.07 -4.06
C SER D 356 -4.55 27.29 -5.07
N LYS D 357 -3.86 26.85 -6.12
CA LYS D 357 -4.45 26.00 -7.21
C LYS D 357 -5.55 26.71 -8.00
N GLY D 358 -5.61 28.04 -7.90
CA GLY D 358 -6.49 28.86 -8.76
C GLY D 358 -7.88 29.17 -8.22
N PHE D 359 -8.12 28.82 -6.95
CA PHE D 359 -9.41 29.07 -6.33
C PHE D 359 -9.42 30.34 -5.47
N LYS D 360 -10.57 31.00 -5.35
CA LYS D 360 -10.78 31.98 -4.28
C LYS D 360 -11.96 31.49 -3.41
N LEU D 361 -12.33 32.23 -2.37
CA LEU D 361 -13.34 31.75 -1.42
C LEU D 361 -14.69 31.79 -2.10
N GLY D 362 -15.46 30.72 -1.96
CA GLY D 362 -16.80 30.68 -2.54
C GLY D 362 -17.83 31.46 -1.74
FE FE2 E . -0.11 -18.99 -11.98
CL CL F . 6.06 -20.49 -9.38
O8 XXP G . 6.65 -19.88 -9.90
N7 XXP G . 6.37 -18.93 -10.96
O9 XXP G . 7.18 -18.11 -11.43
C5 XXP G . 5.15 -18.94 -11.41
C6 XXP G . 4.54 -20.05 -10.91
O10 XXP G . 3.30 -20.50 -11.07
C4 XXP G . 4.74 -17.79 -12.30
C3 XXP G . 3.54 -17.30 -12.69
C2 XXP G . 2.26 -17.91 -12.27
O11 XXP G . 1.26 -17.21 -12.13
C1 XXP G . 2.18 -19.38 -12.08
O12 XXP G . 2.86 -20.10 -12.86
O13 XXP G . 1.46 -19.86 -11.15
C1 GOL H . 5.65 -21.34 1.84
O1 GOL H . 4.47 -20.69 2.29
C2 GOL H . 6.94 -20.51 1.86
O2 GOL H . 7.99 -21.26 1.28
C3 GOL H . 6.84 -19.06 1.32
O3 GOL H . 6.85 -18.93 -0.12
C1 GOL I . 16.86 -14.17 -17.36
O1 GOL I . 16.38 -13.08 -16.59
C2 GOL I . 16.79 -15.42 -16.52
O2 GOL I . 17.82 -16.30 -16.94
C3 GOL I . 17.02 -15.06 -15.07
O3 GOL I . 18.15 -14.21 -14.98
FE FE2 J . -5.31 11.36 -18.55
CL CL K . -10.48 14.18 -14.76
CA CA L . -28.84 20.51 -19.84
O8 XX3 M . -6.76 12.76 -17.55
C2 XX3 M . -7.83 11.90 -17.95
O12 XX3 M . -7.93 11.93 -19.38
O13 XX3 M . -6.82 11.21 -20.17
C1 XX3 M . -7.64 10.42 -17.58
O7 XX3 M . -6.46 9.94 -17.40
C6 XX3 M . -8.78 9.66 -17.26
C5 XX3 M . -9.83 10.33 -16.62
C3 XX3 M . -8.96 12.50 -17.31
C4 XX3 M . -9.86 11.74 -16.55
N9 XX3 M . -10.72 12.41 -15.70
O10 XX3 M . -10.46 13.78 -15.20
O11 XX3 M . -11.71 11.75 -15.31
C1 GOL N . -6.74 20.31 -6.28
O1 GOL N . -5.52 19.64 -6.27
C2 GOL N . -7.83 19.55 -5.57
O2 GOL N . -9.10 19.92 -6.10
C3 GOL N . -7.55 18.05 -5.38
O3 GOL N . -8.18 17.20 -6.33
C1 GOL O . -25.49 10.68 -10.82
O1 GOL O . -24.91 9.92 -11.86
C2 GOL O . -26.48 9.84 -10.04
O2 GOL O . -26.18 8.47 -10.22
C3 GOL O . -26.49 10.24 -8.56
O3 GOL O . -27.20 9.31 -7.74
C1 GOL P . 13.41 15.86 -36.92
O1 GOL P . 13.05 15.20 -35.70
C2 GOL P . 12.41 16.96 -37.32
O2 GOL P . 11.95 16.75 -38.63
C3 GOL P . 13.01 18.37 -37.24
O3 GOL P . 12.04 19.31 -37.65
C1 GOL Q . -22.49 6.03 -15.73
O1 GOL Q . -21.89 5.38 -14.63
C2 GOL Q . -22.39 7.46 -15.30
O2 GOL Q . -23.72 7.98 -15.26
C3 GOL Q . -21.87 7.23 -13.88
O3 GOL Q . -22.90 6.66 -13.09
C1 GOL R . -7.03 -3.71 -35.97
O1 GOL R . -6.46 -5.00 -36.00
C2 GOL R . -7.11 -3.14 -37.39
O2 GOL R . -5.93 -3.47 -38.09
C3 GOL R . -7.28 -1.63 -37.32
O3 GOL R . -8.66 -1.33 -37.51
C1 GOL S . 20.82 3.90 -29.66
O1 GOL S . 21.25 2.57 -29.42
C2 GOL S . 21.61 4.78 -28.69
O2 GOL S . 20.81 5.16 -27.58
C3 GOL S . 22.21 5.97 -29.44
O3 GOL S . 21.21 6.50 -30.33
FE FE2 T . 11.71 -8.96 16.79
CL CL U . 8.54 -14.99 15.32
O11 XX2 V . 6.12 -13.92 16.77
N9 XX2 V . 7.39 -13.80 16.80
O10 XX2 V . 8.24 -14.93 16.39
C4 XX2 V . 7.93 -12.59 17.09
C3 XX2 V . 9.34 -12.51 17.08
C2 XX2 V . 9.98 -11.20 17.07
O8 XX2 V . 11.25 -11.14 16.47
C5 XX2 V . 7.14 -11.45 17.30
C6 XX2 V . 7.67 -10.14 17.20
C1 XX2 V . 9.05 -9.99 17.01
O7 XX2 V . 9.55 -8.84 16.92
O1 OXY W . 11.02 -10.07 18.85
O2 OXY W . 11.71 -9.07 19.32
C1 GOL X . 8.44 -17.66 5.35
O1 GOL X . 8.22 -17.22 6.69
C2 GOL X . 9.37 -18.88 5.15
O2 GOL X . 9.05 -20.07 5.87
C3 GOL X . 10.85 -18.53 5.30
O3 GOL X . 11.07 -17.37 4.54
C1 GOL Y . 35.56 -3.81 19.95
O1 GOL Y . 36.08 -5.08 19.60
C2 GOL Y . 36.19 -2.61 19.24
O2 GOL Y . 36.95 -2.98 18.08
C3 GOL Y . 37.02 -1.84 20.28
O3 GOL Y . 37.43 -0.54 19.86
C1 GOL Z . -3.16 -16.38 22.33
O1 GOL Z . -4.10 -16.12 23.36
C2 GOL Z . -3.58 -17.69 21.72
O2 GOL Z . -3.91 -18.56 22.79
C3 GOL Z . -4.83 -17.42 20.90
O3 GOL Z . -4.86 -16.03 20.72
FE FE2 AA . -6.36 16.72 13.67
CL CL BA . -4.46 21.11 8.71
O8 XX3 CA . -6.08 18.31 12.01
C2 XX3 CA . -4.76 18.64 12.52
O12 XX3 CA . -4.82 19.08 13.87
O13 XX3 CA . -5.45 18.14 14.90
C1 XX3 CA . -3.82 17.42 12.60
O7 XX3 CA . -4.29 16.29 12.92
C6 XX3 CA . -2.44 17.58 12.50
C5 XX3 CA . -2.01 18.58 11.61
C3 XX3 CA . -4.20 19.68 11.69
C4 XX3 CA . -2.87 19.61 11.19
N9 XX3 CA . -2.55 20.39 10.11
O10 XX3 CA . -3.58 21.07 9.28
O11 XX3 CA . -1.39 20.32 9.70
C1 GOL DA . -9.64 19.83 -0.33
O1 GOL DA . -10.47 18.76 -0.71
C2 GOL DA . -8.49 19.97 -1.30
O2 GOL DA . -8.01 21.30 -1.21
C3 GOL DA . -7.36 18.93 -1.09
O3 GOL DA . -6.81 18.83 0.22
C1 GOL EA . -29.43 14.03 10.53
O1 GOL EA . -29.38 13.14 11.63
C2 GOL EA . -30.20 15.31 10.86
O2 GOL EA . -31.07 15.12 11.96
C3 GOL EA . -29.27 16.50 11.08
O3 GOL EA . -30.03 17.70 11.14
#